data_2DB3
#
_entry.id   2DB3
#
_cell.length_a   71.050
_cell.length_b   142.331
_cell.length_c   130.465
_cell.angle_alpha   90.00
_cell.angle_beta   90.86
_cell.angle_gamma   90.00
#
_symmetry.space_group_name_H-M   'P 1 21 1'
#
loop_
_entity.id
_entity.type
_entity.pdbx_description
1 polymer "5'-R(*UP*UP*UP*UP*UP*UP*UP*UP*UP*U)-3'"
2 polymer 'ATP-dependent RNA helicase vasa'
3 non-polymer 'MAGNESIUM ION'
4 non-polymer 'PHOSPHOAMINOPHOSPHONIC ACID-ADENYLATE ESTER'
5 water water
#
loop_
_entity_poly.entity_id
_entity_poly.type
_entity_poly.pdbx_seq_one_letter_code
_entity_poly.pdbx_strand_id
1 'polyribonucleotide' UUUUUUUUUU E,F,G,H
2 'polypeptide(L)'
;GPLGSPEFPGEFYIPPEPSNDAIEIFSSGIASGIHFSKYNNIPVKVTGSDVPQPIQHFTSADLRDIIIDNVNKSGYKIPT
PIQKCSIPVISSGRDLMACAQTGSGKTAAFLLPILSKLLEDPHELELGRPQVVIVSPTRELAIQIFNEARKFAFESYLKI
GIVYGGTSFRHQNECITRGCHVVIATPGRLLDFVDRTFITFEDTRFVVLDEADRMLDMGFSEDMRRIMTHVTMRPEHQTL
MFSATFPEEIQRMAGEFLKNYVFVAIGIVGGACSDVKQTIYEVNKYAKRSKLIEILSEQADGTIVFVETKRGADFLASFL
SEKEFPTTSIHGDRLQSQREQALRDFKNGSMKVLIATSVASRGLDIKNIKHVINYDMPSKIDDYVHRIGRTGRVGNNGRA
TSFFDPEKDRAIAADLVKILEGSGQTVPDFLRTC
;
A,B,C,D
#
# COMPACT_ATOMS: atom_id res chain seq x y z
N TYR E 13 0.26 -44.19 -6.27
CA TYR E 13 1.09 -43.15 -6.95
C TYR E 13 2.18 -43.74 -7.84
N ILE E 14 2.84 -44.80 -7.38
CA ILE E 14 3.90 -45.42 -8.17
C ILE E 14 4.98 -44.38 -8.48
N PRO E 15 5.94 -44.19 -7.56
CA PRO E 15 7.03 -43.22 -7.75
C PRO E 15 8.04 -43.64 -8.82
N PRO E 16 8.72 -42.66 -9.44
CA PRO E 16 9.71 -42.94 -10.48
C PRO E 16 10.84 -43.88 -10.04
N GLU E 17 11.15 -44.85 -10.88
CA GLU E 17 12.20 -45.84 -10.60
C GLU E 17 13.58 -45.18 -10.67
N PRO E 18 14.50 -45.60 -9.78
CA PRO E 18 15.86 -45.04 -9.75
C PRO E 18 16.74 -45.54 -10.90
N SER E 19 17.38 -44.59 -11.58
CA SER E 19 18.28 -44.91 -12.70
C SER E 19 19.50 -45.68 -12.24
N ASN E 20 20.21 -46.28 -13.20
CA ASN E 20 21.41 -47.06 -12.90
C ASN E 20 22.68 -46.44 -13.45
N ASP E 21 22.55 -45.28 -14.09
CA ASP E 21 23.70 -44.59 -14.65
C ASP E 21 24.52 -43.99 -13.51
N ALA E 22 25.80 -44.35 -13.47
CA ALA E 22 26.70 -43.87 -12.41
C ALA E 22 26.75 -42.36 -12.26
N ILE E 23 26.27 -41.63 -13.27
CA ILE E 23 26.27 -40.17 -13.20
C ILE E 23 25.15 -39.69 -12.28
N GLU E 24 24.03 -40.39 -12.31
CA GLU E 24 22.87 -40.05 -11.48
C GLU E 24 23.03 -40.63 -10.08
N ILE E 25 23.45 -41.89 -10.01
CA ILE E 25 23.64 -42.57 -8.74
C ILE E 25 24.62 -41.78 -7.86
N PHE E 26 25.53 -41.05 -8.49
CA PHE E 26 26.51 -40.27 -7.76
C PHE E 26 26.29 -38.77 -7.83
N SER E 27 25.08 -38.35 -8.21
CA SER E 27 24.77 -36.93 -8.29
C SER E 27 24.31 -36.39 -6.93
N SER E 28 23.99 -37.30 -6.01
CA SER E 28 23.53 -36.93 -4.68
C SER E 28 24.66 -36.86 -3.67
N GLY E 29 24.82 -35.69 -3.05
CA GLY E 29 25.87 -35.52 -2.05
C GLY E 29 26.40 -34.11 -1.99
N ILE E 30 26.94 -33.73 -0.82
CA ILE E 30 27.52 -32.39 -0.63
C ILE E 30 29.04 -32.52 -0.49
N ALA E 31 29.77 -31.59 -1.11
CA ALA E 31 31.22 -31.58 -1.05
C ALA E 31 31.71 -31.02 0.29
N SER E 32 32.70 -31.69 0.88
CA SER E 32 33.26 -31.28 2.17
C SER E 32 33.68 -29.81 2.18
N GLY E 33 33.41 -29.13 3.30
CA GLY E 33 33.75 -27.72 3.42
C GLY E 33 35.15 -27.39 3.90
N ILE E 34 35.44 -26.10 3.94
CA ILE E 34 36.73 -25.59 4.36
C ILE E 34 37.03 -25.92 5.83
N HIS E 35 35.98 -26.13 6.63
CA HIS E 35 36.15 -26.46 8.04
C HIS E 35 36.16 -27.97 8.30
N PHE E 36 36.22 -28.77 7.24
CA PHE E 36 36.23 -30.21 7.39
C PHE E 36 37.28 -30.63 8.42
N SER E 37 38.46 -30.04 8.29
CA SER E 37 39.57 -30.33 9.20
C SER E 37 39.21 -30.10 10.67
N LYS E 38 38.31 -29.16 10.93
CA LYS E 38 37.88 -28.85 12.30
C LYS E 38 37.27 -30.04 13.04
N TYR E 39 36.89 -31.08 12.30
CA TYR E 39 36.28 -32.27 12.91
C TYR E 39 37.08 -32.92 14.04
N ASN E 40 38.38 -33.12 13.85
CA ASN E 40 39.19 -33.75 14.89
C ASN E 40 39.37 -32.90 16.16
N ASN E 41 39.02 -31.61 16.09
CA ASN E 41 39.13 -30.76 17.28
C ASN E 41 37.95 -31.00 18.20
N ILE E 42 37.04 -31.86 17.77
CA ILE E 42 35.84 -32.18 18.55
C ILE E 42 36.06 -33.38 19.47
N PRO E 43 35.79 -33.20 20.77
CA PRO E 43 35.93 -34.21 21.81
C PRO E 43 35.13 -35.48 21.48
N VAL E 44 35.72 -36.64 21.71
CA VAL E 44 35.04 -37.90 21.44
C VAL E 44 34.83 -38.69 22.72
N LYS E 45 33.64 -39.27 22.86
CA LYS E 45 33.35 -40.07 24.05
C LYS E 45 32.84 -41.44 23.62
N VAL E 46 33.42 -42.47 24.20
CA VAL E 46 33.03 -43.85 23.91
C VAL E 46 32.82 -44.61 25.22
N THR E 47 31.74 -45.38 25.29
CA THR E 47 31.40 -46.16 26.49
C THR E 47 31.09 -47.60 26.07
N GLY E 48 31.47 -48.57 26.90
CA GLY E 48 31.18 -49.95 26.57
C GLY E 48 32.35 -50.87 26.85
N SER E 49 32.13 -52.17 26.72
CA SER E 49 33.18 -53.16 26.97
C SER E 49 33.95 -53.49 25.69
N ASP E 50 35.26 -53.70 25.84
CA ASP E 50 36.13 -54.01 24.71
C ASP E 50 35.60 -53.48 23.38
N VAL E 51 35.71 -52.18 23.21
CA VAL E 51 35.27 -51.50 22.02
C VAL E 51 36.42 -51.43 21.02
N PRO E 52 36.26 -52.05 19.85
CA PRO E 52 37.31 -52.03 18.85
C PRO E 52 37.84 -50.61 18.61
N GLN E 53 39.11 -50.51 18.27
CA GLN E 53 39.74 -49.21 18.01
C GLN E 53 39.18 -48.52 16.78
N PRO E 54 39.25 -47.18 16.74
CA PRO E 54 38.76 -46.38 15.61
C PRO E 54 39.66 -46.45 14.39
N ILE E 55 39.09 -46.76 13.23
CA ILE E 55 39.87 -46.82 12.00
C ILE E 55 40.21 -45.39 11.58
N GLN E 56 41.30 -45.20 10.84
CA GLN E 56 41.70 -43.86 10.42
C GLN E 56 41.62 -43.66 8.92
N HIS E 57 41.37 -44.74 8.18
CA HIS E 57 41.28 -44.64 6.73
C HIS E 57 40.27 -45.63 6.21
N PHE E 58 39.64 -45.29 5.09
CA PHE E 58 38.65 -46.16 4.49
C PHE E 58 39.31 -47.42 3.94
N THR E 59 40.59 -47.28 3.59
CA THR E 59 41.36 -48.39 3.05
C THR E 59 42.04 -49.23 4.15
N SER E 60 41.60 -49.03 5.39
CA SER E 60 42.16 -49.76 6.53
C SER E 60 41.09 -50.02 7.59
N ALA E 61 39.85 -50.19 7.14
CA ALA E 61 38.73 -50.44 8.05
C ALA E 61 38.06 -51.77 7.72
N ASP E 62 38.81 -52.70 7.14
CA ASP E 62 38.28 -54.00 6.78
C ASP E 62 37.03 -53.91 5.90
N LEU E 63 37.05 -53.01 4.92
CA LEU E 63 35.90 -52.87 4.01
C LEU E 63 36.21 -53.51 2.66
N ARG E 64 35.23 -54.19 2.09
CA ARG E 64 35.40 -54.83 0.78
C ARG E 64 35.76 -53.77 -0.24
N ASP E 65 36.63 -54.14 -1.19
CA ASP E 65 37.07 -53.21 -2.21
C ASP E 65 35.95 -52.51 -2.99
N ILE E 66 34.87 -53.24 -3.30
CA ILE E 66 33.74 -52.64 -4.02
C ILE E 66 33.29 -51.40 -3.28
N ILE E 67 33.05 -51.59 -1.99
CA ILE E 67 32.59 -50.53 -1.13
C ILE E 67 33.54 -49.35 -1.12
N ILE E 68 34.82 -49.62 -0.93
CA ILE E 68 35.81 -48.56 -0.90
C ILE E 68 35.84 -47.78 -2.22
N ASP E 69 35.63 -48.50 -3.33
CA ASP E 69 35.64 -47.90 -4.65
C ASP E 69 34.51 -46.88 -4.74
N ASN E 70 33.33 -47.29 -4.31
CA ASN E 70 32.17 -46.39 -4.33
C ASN E 70 32.38 -45.16 -3.44
N VAL E 71 33.14 -45.33 -2.37
CA VAL E 71 33.43 -44.23 -1.46
C VAL E 71 34.32 -43.21 -2.18
N ASN E 72 35.32 -43.72 -2.91
CA ASN E 72 36.23 -42.84 -3.64
C ASN E 72 35.46 -42.10 -4.73
N LYS E 73 34.54 -42.81 -5.38
CA LYS E 73 33.73 -42.20 -6.44
C LYS E 73 32.74 -41.22 -5.82
N SER E 74 32.48 -41.38 -4.53
CA SER E 74 31.56 -40.50 -3.83
C SER E 74 32.32 -39.27 -3.39
N GLY E 75 33.63 -39.31 -3.58
CA GLY E 75 34.47 -38.17 -3.24
C GLY E 75 34.99 -38.05 -1.83
N TYR E 76 34.88 -39.12 -1.04
CA TYR E 76 35.37 -39.07 0.34
C TYR E 76 36.86 -39.37 0.43
N LYS E 77 37.57 -38.55 1.19
CA LYS E 77 39.00 -38.73 1.39
C LYS E 77 39.27 -39.31 2.76
N ILE E 78 38.65 -38.73 3.78
CA ILE E 78 38.87 -39.15 5.15
C ILE E 78 37.56 -39.47 5.85
N PRO E 79 37.52 -40.53 6.67
CA PRO E 79 36.26 -40.84 7.36
C PRO E 79 36.01 -39.71 8.36
N THR E 80 34.75 -39.47 8.71
CA THR E 80 34.44 -38.42 9.67
C THR E 80 34.54 -39.06 11.05
N PRO E 81 34.52 -38.24 12.12
CA PRO E 81 34.64 -38.79 13.47
C PRO E 81 33.74 -40.00 13.77
N ILE E 82 32.42 -39.94 13.52
CA ILE E 82 31.56 -41.10 13.80
C ILE E 82 31.85 -42.27 12.94
N GLN E 83 32.30 -42.04 11.71
CA GLN E 83 32.62 -43.16 10.83
C GLN E 83 33.84 -43.89 11.38
N LYS E 84 34.80 -43.11 11.89
CA LYS E 84 36.01 -43.66 12.47
C LYS E 84 35.68 -44.54 13.66
N CYS E 85 34.72 -44.13 14.48
CA CYS E 85 34.34 -44.92 15.65
C CYS E 85 33.30 -46.00 15.39
N SER E 86 32.32 -45.68 14.57
CA SER E 86 31.24 -46.61 14.28
C SER E 86 31.56 -47.81 13.40
N ILE E 87 32.32 -47.60 12.34
CA ILE E 87 32.60 -48.69 11.42
C ILE E 87 33.18 -49.96 12.04
N PRO E 88 34.24 -49.85 12.86
CA PRO E 88 34.81 -51.04 13.48
C PRO E 88 33.82 -51.72 14.45
N VAL E 89 33.06 -50.91 15.19
CA VAL E 89 32.08 -51.45 16.14
C VAL E 89 31.02 -52.30 15.43
N ILE E 90 30.49 -51.77 14.32
CA ILE E 90 29.47 -52.49 13.57
C ILE E 90 30.07 -53.73 12.93
N SER E 91 31.28 -53.58 12.37
CA SER E 91 31.98 -54.69 11.72
C SER E 91 32.20 -55.84 12.68
N SER E 92 32.32 -55.51 13.97
CA SER E 92 32.57 -56.49 15.01
C SER E 92 31.33 -57.25 15.46
N GLY E 93 30.17 -56.87 14.93
CA GLY E 93 28.94 -57.54 15.32
C GLY E 93 28.34 -56.96 16.60
N ARG E 94 28.78 -55.77 16.97
CA ARG E 94 28.29 -55.10 18.19
C ARG E 94 27.09 -54.17 17.98
N ASP E 95 26.32 -53.96 19.05
CA ASP E 95 25.18 -53.05 19.00
C ASP E 95 25.77 -51.65 19.19
N LEU E 96 25.10 -50.63 18.64
CA LEU E 96 25.63 -49.27 18.72
C LEU E 96 24.60 -48.17 18.90
N MET E 97 24.97 -47.15 19.67
CA MET E 97 24.15 -45.97 19.86
C MET E 97 25.14 -44.87 19.50
N ALA E 98 24.90 -44.21 18.39
CA ALA E 98 25.82 -43.18 17.90
C ALA E 98 25.21 -41.78 17.82
N CYS E 99 25.89 -40.83 18.42
CA CYS E 99 25.48 -39.43 18.44
C CYS E 99 26.57 -38.55 17.83
N ALA E 100 26.19 -37.78 16.82
CA ALA E 100 27.11 -36.90 16.13
C ALA E 100 26.27 -35.79 15.50
N GLN E 101 26.82 -34.58 15.46
CA GLN E 101 26.11 -33.43 14.91
C GLN E 101 25.59 -33.64 13.49
N THR E 102 24.60 -32.83 13.12
CA THR E 102 24.01 -32.91 11.81
C THR E 102 25.06 -32.69 10.73
N GLY E 103 24.87 -33.37 9.60
CA GLY E 103 25.78 -33.23 8.48
C GLY E 103 27.17 -33.74 8.72
N SER E 104 27.35 -34.68 9.65
CA SER E 104 28.68 -35.18 9.93
C SER E 104 28.93 -36.62 9.48
N GLY E 105 28.14 -37.09 8.51
CA GLY E 105 28.37 -38.43 7.97
C GLY E 105 27.80 -39.69 8.60
N LYS E 106 26.73 -39.56 9.39
CA LYS E 106 26.16 -40.74 10.02
C LYS E 106 25.59 -41.81 9.11
N THR E 107 25.07 -41.44 7.93
CA THR E 107 24.49 -42.45 7.03
C THR E 107 25.54 -43.46 6.56
N ALA E 108 26.67 -42.95 6.09
CA ALA E 108 27.73 -43.83 5.62
C ALA E 108 28.28 -44.59 6.82
N ALA E 109 28.27 -43.94 7.97
CA ALA E 109 28.75 -44.57 9.20
C ALA E 109 28.09 -45.92 9.44
N PHE E 110 26.85 -46.14 8.96
CA PHE E 110 26.24 -47.45 9.16
C PHE E 110 26.05 -48.26 7.90
N LEU E 111 25.99 -47.60 6.74
CA LEU E 111 25.81 -48.34 5.49
C LEU E 111 27.10 -49.06 5.05
N LEU E 112 28.22 -48.34 5.05
CA LEU E 112 29.49 -48.95 4.63
C LEU E 112 29.79 -50.25 5.36
N PRO E 113 29.86 -50.23 6.70
CA PRO E 113 30.17 -51.50 7.36
C PRO E 113 29.11 -52.56 7.17
N ILE E 114 27.84 -52.14 7.13
CA ILE E 114 26.76 -53.11 6.95
C ILE E 114 26.82 -53.71 5.54
N LEU E 115 26.92 -52.84 4.53
CA LEU E 115 26.99 -53.30 3.15
C LEU E 115 28.18 -54.22 2.96
N SER E 116 29.32 -53.82 3.55
CA SER E 116 30.54 -54.60 3.46
C SER E 116 30.37 -55.98 4.08
N LYS E 117 29.63 -56.05 5.18
CA LYS E 117 29.41 -57.31 5.87
C LYS E 117 28.54 -58.26 5.05
N LEU E 118 27.68 -57.70 4.20
CA LEU E 118 26.80 -58.53 3.39
C LEU E 118 27.57 -59.30 2.31
N LEU E 119 28.63 -58.71 1.79
CA LEU E 119 29.45 -59.34 0.77
C LEU E 119 30.50 -60.25 1.41
N GLU E 120 31.02 -59.81 2.56
CA GLU E 120 32.05 -60.55 3.30
C GLU E 120 31.56 -61.85 3.93
N ASP E 121 30.30 -61.90 4.30
CA ASP E 121 29.75 -63.11 4.91
C ASP E 121 28.32 -63.35 4.42
N PRO E 122 28.18 -63.64 3.12
CA PRO E 122 26.91 -63.90 2.44
C PRO E 122 26.03 -65.03 2.96
N HIS E 123 24.72 -64.78 2.89
CA HIS E 123 23.71 -65.76 3.27
C HIS E 123 22.68 -65.72 2.14
N GLU E 124 22.00 -66.83 1.91
CA GLU E 124 21.01 -66.92 0.84
C GLU E 124 19.84 -65.97 1.03
N LEU E 125 19.53 -65.20 -0.02
CA LEU E 125 18.44 -64.25 0.02
C LEU E 125 17.10 -64.96 -0.17
N GLU E 126 16.33 -65.03 0.91
CA GLU E 126 15.01 -65.67 0.90
C GLU E 126 13.99 -64.64 0.43
N LEU E 127 12.74 -65.05 0.26
CA LEU E 127 11.70 -64.11 -0.17
C LEU E 127 10.97 -63.49 1.02
N GLY E 128 10.79 -62.17 0.96
CA GLY E 128 10.09 -61.46 2.01
C GLY E 128 10.82 -61.53 3.34
N ARG E 129 12.14 -61.71 3.27
CA ARG E 129 12.96 -61.79 4.47
C ARG E 129 14.24 -61.00 4.25
N PRO E 130 14.23 -59.73 4.67
CA PRO E 130 15.35 -58.80 4.54
C PRO E 130 16.48 -59.12 5.52
N GLN E 131 17.72 -58.89 5.11
CA GLN E 131 18.85 -59.13 5.98
C GLN E 131 19.22 -57.85 6.73
N VAL E 132 18.66 -56.73 6.29
CA VAL E 132 18.89 -55.43 6.91
C VAL E 132 17.62 -54.57 6.77
N VAL E 133 17.15 -54.05 7.91
CA VAL E 133 15.97 -53.18 7.93
C VAL E 133 16.38 -51.84 8.55
N ILE E 134 16.29 -50.79 7.74
CA ILE E 134 16.63 -49.45 8.20
C ILE E 134 15.34 -48.65 8.23
N VAL E 135 15.00 -48.14 9.41
CA VAL E 135 13.77 -47.38 9.58
C VAL E 135 14.02 -45.87 9.67
N SER E 136 13.07 -45.12 9.13
CA SER E 136 13.12 -43.66 9.07
C SER E 136 11.82 -43.04 9.55
N PRO E 137 11.90 -41.83 10.13
CA PRO E 137 10.71 -41.12 10.62
C PRO E 137 9.90 -40.44 9.49
N THR E 138 10.55 -40.21 8.34
CA THR E 138 9.82 -39.61 7.21
C THR E 138 10.11 -40.30 5.90
N ARG E 139 9.17 -40.19 4.97
CA ARG E 139 9.27 -40.80 3.66
C ARG E 139 10.44 -40.30 2.83
N GLU E 140 10.60 -38.99 2.72
CA GLU E 140 11.69 -38.46 1.92
C GLU E 140 13.05 -38.87 2.48
N LEU E 141 13.14 -39.04 3.79
CA LEU E 141 14.42 -39.45 4.36
C LEU E 141 14.66 -40.91 4.00
N ALA E 142 13.59 -41.68 3.99
CA ALA E 142 13.72 -43.09 3.64
C ALA E 142 14.32 -43.16 2.21
N ILE E 143 13.70 -42.48 1.25
CA ILE E 143 14.24 -42.59 -0.10
C ILE E 143 15.66 -42.02 -0.21
N GLN E 144 16.00 -41.01 0.58
CA GLN E 144 17.37 -40.47 0.51
C GLN E 144 18.36 -41.53 0.94
N ILE E 145 18.05 -42.20 2.05
CA ILE E 145 18.89 -43.26 2.58
C ILE E 145 18.96 -44.37 1.53
N PHE E 146 17.81 -44.66 0.94
CA PHE E 146 17.69 -45.66 -0.10
C PHE E 146 18.68 -45.40 -1.26
N ASN E 147 18.79 -44.15 -1.69
CA ASN E 147 19.70 -43.80 -2.78
C ASN E 147 21.15 -43.81 -2.38
N GLU E 148 21.47 -43.45 -1.13
CA GLU E 148 22.86 -43.50 -0.69
C GLU E 148 23.28 -44.97 -0.64
N ALA E 149 22.33 -45.84 -0.26
CA ALA E 149 22.59 -47.27 -0.19
C ALA E 149 22.92 -47.77 -1.59
N ARG E 150 22.10 -47.40 -2.57
CA ARG E 150 22.34 -47.80 -3.96
C ARG E 150 23.67 -47.26 -4.42
N LYS E 151 24.05 -46.08 -3.93
CA LYS E 151 25.32 -45.47 -4.30
C LYS E 151 26.51 -46.28 -3.77
N PHE E 152 26.45 -46.65 -2.51
CA PHE E 152 27.53 -47.41 -1.91
C PHE E 152 27.57 -48.87 -2.36
N ALA E 153 26.43 -49.40 -2.78
CA ALA E 153 26.34 -50.79 -3.25
C ALA E 153 26.35 -50.87 -4.78
N PHE E 154 26.70 -49.76 -5.42
CA PHE E 154 26.76 -49.68 -6.87
C PHE E 154 27.67 -50.74 -7.45
N GLU E 155 27.17 -51.43 -8.48
CA GLU E 155 27.91 -52.49 -9.16
C GLU E 155 28.25 -53.69 -8.29
N SER E 156 27.24 -54.19 -7.59
CA SER E 156 27.42 -55.37 -6.75
C SER E 156 26.16 -56.19 -6.93
N TYR E 157 26.08 -57.35 -6.30
CA TYR E 157 24.91 -58.19 -6.47
C TYR E 157 23.83 -57.83 -5.44
N LEU E 158 24.17 -56.93 -4.53
CA LEU E 158 23.24 -56.51 -3.48
C LEU E 158 21.99 -55.77 -3.97
N LYS E 159 20.83 -56.23 -3.50
CA LYS E 159 19.55 -55.64 -3.87
C LYS E 159 18.93 -54.86 -2.71
N ILE E 160 18.75 -53.56 -2.91
CA ILE E 160 18.20 -52.69 -1.87
C ILE E 160 16.68 -52.68 -1.73
N GLY E 161 16.01 -51.67 -2.27
CA GLY E 161 14.57 -51.63 -2.11
C GLY E 161 14.12 -50.73 -0.94
N ILE E 162 12.91 -50.22 -1.05
CA ILE E 162 12.35 -49.32 -0.06
C ILE E 162 10.82 -49.45 0.01
N VAL E 163 10.29 -49.22 1.20
CA VAL E 163 8.87 -49.32 1.43
C VAL E 163 8.37 -48.12 2.24
N TYR E 164 7.37 -47.40 1.73
CA TYR E 164 6.84 -46.25 2.45
C TYR E 164 5.45 -45.83 1.97
N GLY E 165 4.69 -45.24 2.88
CA GLY E 165 3.34 -44.80 2.56
C GLY E 165 3.19 -43.80 1.43
N GLY E 166 1.94 -43.56 1.05
CA GLY E 166 1.62 -42.61 0.00
C GLY E 166 1.86 -43.16 -1.40
N THR E 167 2.31 -44.40 -1.49
CA THR E 167 2.60 -45.03 -2.78
C THR E 167 1.74 -46.28 -2.99
N SER E 168 1.67 -46.74 -4.24
CA SER E 168 0.87 -47.93 -4.53
C SER E 168 1.53 -49.15 -3.87
N PHE E 169 0.77 -49.83 -3.02
CA PHE E 169 1.26 -51.01 -2.32
C PHE E 169 1.75 -52.07 -3.30
N ARG E 170 1.18 -52.08 -4.51
CA ARG E 170 1.55 -53.06 -5.53
C ARG E 170 2.95 -52.87 -6.11
N HIS E 171 3.28 -51.64 -6.49
CA HIS E 171 4.58 -51.35 -7.09
C HIS E 171 5.73 -51.55 -6.11
N GLN E 172 5.46 -51.41 -4.81
CA GLN E 172 6.52 -51.59 -3.83
C GLN E 172 6.60 -53.08 -3.48
N ASN E 173 5.46 -53.72 -3.28
CA ASN E 173 5.45 -55.14 -2.97
C ASN E 173 6.15 -55.85 -4.11
N GLU E 174 5.97 -55.32 -5.30
CA GLU E 174 6.56 -55.87 -6.50
C GLU E 174 8.08 -55.87 -6.29
N CYS E 175 8.66 -54.68 -6.38
CA CYS E 175 10.10 -54.47 -6.21
C CYS E 175 10.71 -55.30 -5.08
N ILE E 176 9.94 -55.53 -4.02
CA ILE E 176 10.40 -56.30 -2.87
C ILE E 176 10.40 -57.82 -3.04
N THR E 177 9.33 -58.37 -3.62
CA THR E 177 9.24 -59.82 -3.80
C THR E 177 10.18 -60.35 -4.88
N ARG E 178 11.09 -59.50 -5.32
CA ARG E 178 12.10 -59.88 -6.29
C ARG E 178 13.29 -60.23 -5.39
N GLY E 179 13.12 -59.92 -4.09
CA GLY E 179 14.15 -60.18 -3.10
C GLY E 179 15.05 -58.99 -2.87
N CYS E 180 15.23 -58.61 -1.61
CA CYS E 180 16.08 -57.48 -1.25
C CYS E 180 16.90 -57.80 0.00
N HIS E 181 18.18 -57.45 -0.02
CA HIS E 181 19.02 -57.71 1.13
C HIS E 181 18.71 -56.61 2.14
N VAL E 182 18.71 -55.38 1.65
CA VAL E 182 18.45 -54.21 2.47
C VAL E 182 17.10 -53.57 2.20
N VAL E 183 16.34 -53.31 3.25
CA VAL E 183 15.04 -52.67 3.10
C VAL E 183 14.97 -51.39 3.95
N ILE E 184 14.78 -50.27 3.28
CA ILE E 184 14.66 -48.97 3.95
C ILE E 184 13.18 -48.71 4.07
N ALA E 185 12.71 -48.25 5.22
CA ALA E 185 11.27 -48.04 5.37
C ALA E 185 10.76 -47.14 6.48
N THR E 186 9.55 -46.61 6.27
CA THR E 186 8.88 -45.80 7.28
C THR E 186 8.02 -46.83 8.00
N PRO E 187 7.82 -46.66 9.32
CA PRO E 187 7.04 -47.59 10.15
C PRO E 187 5.71 -48.12 9.64
N GLY E 188 4.78 -47.22 9.37
CA GLY E 188 3.46 -47.61 8.90
C GLY E 188 3.42 -48.62 7.76
N ARG E 189 3.95 -48.22 6.61
CA ARG E 189 3.97 -49.09 5.43
C ARG E 189 4.78 -50.37 5.63
N LEU E 190 5.55 -50.46 6.72
CA LEU E 190 6.32 -51.67 6.97
C LEU E 190 5.47 -52.60 7.79
N LEU E 191 4.75 -52.06 8.77
CA LEU E 191 3.90 -52.87 9.60
C LEU E 191 2.74 -53.41 8.75
N ASP E 192 2.51 -52.77 7.61
CA ASP E 192 1.46 -53.20 6.71
C ASP E 192 1.95 -54.42 5.92
N PHE E 193 3.14 -54.30 5.35
CA PHE E 193 3.76 -55.40 4.59
C PHE E 193 3.95 -56.57 5.54
N VAL E 194 4.17 -56.28 6.81
CA VAL E 194 4.39 -57.30 7.84
C VAL E 194 3.10 -57.97 8.32
N ASP E 195 2.08 -57.18 8.65
CA ASP E 195 0.83 -57.78 9.12
C ASP E 195 0.20 -58.60 8.00
N ARG E 196 0.61 -58.33 6.76
CA ARG E 196 0.11 -59.07 5.61
C ARG E 196 1.07 -60.20 5.23
N THR E 197 2.01 -60.46 6.13
CA THR E 197 3.02 -61.50 5.99
C THR E 197 3.86 -61.56 4.71
N PHE E 198 4.01 -60.44 4.02
CA PHE E 198 4.81 -60.40 2.80
C PHE E 198 6.25 -60.12 3.20
N ILE E 199 6.43 -59.64 4.44
CA ILE E 199 7.74 -59.33 4.99
C ILE E 199 7.87 -59.94 6.38
N THR E 200 9.00 -60.59 6.61
CA THR E 200 9.25 -61.23 7.89
C THR E 200 10.74 -61.07 8.24
N PHE E 201 11.06 -61.05 9.54
CA PHE E 201 12.44 -60.81 9.97
C PHE E 201 13.33 -61.96 10.44
N GLU E 202 13.09 -63.18 9.95
CA GLU E 202 13.92 -64.30 10.39
C GLU E 202 15.35 -64.16 9.91
N ASP E 203 15.54 -63.47 8.79
CA ASP E 203 16.88 -63.29 8.23
C ASP E 203 17.44 -61.89 8.47
N THR E 204 16.76 -61.10 9.31
CA THR E 204 17.24 -59.76 9.59
C THR E 204 18.34 -59.81 10.64
N ARG E 205 19.56 -59.50 10.20
CA ARG E 205 20.72 -59.51 11.06
C ARG E 205 21.16 -58.09 11.44
N PHE E 206 20.57 -57.09 10.78
CA PHE E 206 20.87 -55.70 11.08
C PHE E 206 19.59 -54.87 11.13
N VAL E 207 19.34 -54.25 12.27
CA VAL E 207 18.18 -53.39 12.44
C VAL E 207 18.77 -52.01 12.76
N VAL E 208 18.52 -51.05 11.88
CA VAL E 208 19.04 -49.70 12.07
C VAL E 208 17.90 -48.70 12.24
N LEU E 209 17.98 -47.87 13.27
CA LEU E 209 16.98 -46.83 13.47
C LEU E 209 17.68 -45.51 13.24
N ASP E 210 17.47 -44.89 12.09
CA ASP E 210 18.10 -43.59 11.84
C ASP E 210 17.20 -42.58 12.56
N GLU E 211 17.74 -41.45 13.01
CA GLU E 211 16.91 -40.51 13.74
C GLU E 211 16.25 -41.34 14.86
N ALA E 212 17.03 -42.24 15.44
CA ALA E 212 16.52 -43.11 16.49
C ALA E 212 15.72 -42.45 17.63
N ASP E 213 16.21 -41.33 18.16
CA ASP E 213 15.49 -40.67 19.26
C ASP E 213 14.03 -40.36 18.89
N ARG E 214 13.80 -40.03 17.64
CA ARG E 214 12.45 -39.75 17.19
C ARG E 214 11.65 -41.05 17.03
N MET E 215 12.31 -42.10 16.56
CA MET E 215 11.62 -43.38 16.36
C MET E 215 11.16 -43.97 17.70
N LEU E 216 11.88 -43.63 18.78
CA LEU E 216 11.54 -44.15 20.08
C LEU E 216 10.71 -43.20 20.95
N ASP E 217 10.36 -42.01 20.45
CA ASP E 217 9.56 -41.06 21.24
C ASP E 217 8.11 -41.48 21.17
N MET E 218 7.28 -40.85 21.99
CA MET E 218 5.85 -41.17 22.08
C MET E 218 5.17 -41.42 20.75
N GLY E 219 5.47 -40.59 19.75
CA GLY E 219 4.84 -40.74 18.46
C GLY E 219 4.99 -42.12 17.84
N PHE E 220 6.23 -42.59 17.75
CA PHE E 220 6.51 -43.88 17.13
C PHE E 220 6.75 -45.11 18.03
N SER E 221 6.93 -44.94 19.32
CA SER E 221 7.26 -46.10 20.17
C SER E 221 6.43 -47.37 19.99
N GLU E 222 5.11 -47.28 19.98
CA GLU E 222 4.31 -48.48 19.80
C GLU E 222 4.66 -49.23 18.52
N ASP E 223 4.62 -48.54 17.40
CA ASP E 223 4.95 -49.16 16.13
C ASP E 223 6.39 -49.66 16.12
N MET E 224 7.27 -48.90 16.74
CA MET E 224 8.67 -49.28 16.79
C MET E 224 8.86 -50.52 17.66
N ARG E 225 8.14 -50.60 18.77
CA ARG E 225 8.24 -51.75 19.65
C ARG E 225 7.78 -52.97 18.88
N ARG E 226 6.66 -52.84 18.18
CA ARG E 226 6.13 -53.96 17.40
C ARG E 226 7.10 -54.48 16.36
N ILE E 227 7.77 -53.57 15.67
CA ILE E 227 8.72 -53.96 14.64
C ILE E 227 9.89 -54.74 15.22
N MET E 228 10.54 -54.16 16.22
CA MET E 228 11.69 -54.79 16.84
C MET E 228 11.36 -55.94 17.77
N THR E 229 10.13 -55.99 18.26
CA THR E 229 9.75 -57.05 19.19
C THR E 229 8.97 -58.18 18.53
N HIS E 230 8.79 -58.09 17.21
CA HIS E 230 8.06 -59.09 16.44
C HIS E 230 8.53 -60.52 16.73
N VAL E 231 7.57 -61.45 16.78
CA VAL E 231 7.89 -62.86 17.04
C VAL E 231 8.75 -63.44 15.92
N THR E 232 8.79 -62.73 14.79
CA THR E 232 9.56 -63.17 13.63
C THR E 232 11.01 -62.68 13.63
N MET E 233 11.34 -61.76 14.54
CA MET E 233 12.69 -61.21 14.61
C MET E 233 13.77 -62.24 14.95
N ARG E 234 14.79 -62.33 14.10
CA ARG E 234 15.90 -63.25 14.34
C ARG E 234 16.55 -62.88 15.66
N PRO E 235 16.41 -63.74 16.69
CA PRO E 235 16.99 -63.47 18.01
C PRO E 235 18.40 -62.88 17.94
N GLU E 236 19.22 -63.38 17.03
CA GLU E 236 20.58 -62.89 16.86
C GLU E 236 20.63 -61.78 15.83
N HIS E 237 20.72 -60.54 16.28
CA HIS E 237 20.77 -59.43 15.34
C HIS E 237 21.37 -58.18 15.94
N GLN E 238 22.11 -57.43 15.14
CA GLN E 238 22.68 -56.20 15.65
C GLN E 238 21.64 -55.08 15.52
N THR E 239 21.62 -54.21 16.52
CA THR E 239 20.72 -53.08 16.54
C THR E 239 21.56 -51.82 16.58
N LEU E 240 21.37 -50.95 15.59
CA LEU E 240 22.12 -49.72 15.51
C LEU E 240 21.20 -48.50 15.54
N MET E 241 21.57 -47.52 16.36
CA MET E 241 20.77 -46.31 16.51
C MET E 241 21.64 -45.08 16.33
N PHE E 242 21.20 -44.18 15.44
CA PHE E 242 21.96 -42.97 15.16
C PHE E 242 21.07 -41.75 15.23
N SER E 243 21.66 -40.63 15.65
CA SER E 243 20.93 -39.38 15.70
C SER E 243 21.82 -38.23 16.13
N ALA E 244 21.42 -37.01 15.78
CA ALA E 244 22.18 -35.82 16.18
C ALA E 244 21.67 -35.38 17.56
N THR E 245 20.51 -35.87 17.97
CA THR E 245 19.98 -35.55 19.28
C THR E 245 19.59 -36.86 19.95
N PHE E 246 19.61 -36.87 21.28
CA PHE E 246 19.24 -38.07 22.02
C PHE E 246 19.05 -37.76 23.50
N PRO E 247 17.85 -37.27 23.86
CA PRO E 247 17.52 -36.94 25.25
C PRO E 247 17.72 -38.18 26.11
N GLU E 248 18.41 -38.00 27.23
CA GLU E 248 18.72 -39.06 28.19
C GLU E 248 17.56 -40.04 28.40
N GLU E 249 16.36 -39.50 28.57
CA GLU E 249 15.17 -40.32 28.78
C GLU E 249 14.93 -41.28 27.63
N ILE E 250 15.24 -40.83 26.42
CA ILE E 250 15.06 -41.68 25.25
C ILE E 250 16.23 -42.66 25.14
N GLN E 251 17.41 -42.25 25.60
CA GLN E 251 18.56 -43.15 25.57
C GLN E 251 18.26 -44.34 26.50
N ARG E 252 17.50 -44.11 27.57
CA ARG E 252 17.17 -45.19 28.50
C ARG E 252 16.19 -46.17 27.86
N MET E 253 15.23 -45.64 27.11
CA MET E 253 14.26 -46.49 26.44
C MET E 253 14.94 -47.32 25.36
N ALA E 254 15.92 -46.73 24.68
CA ALA E 254 16.64 -47.43 23.61
C ALA E 254 17.33 -48.68 24.14
N GLY E 255 17.99 -48.55 25.29
CA GLY E 255 18.72 -49.63 25.90
C GLY E 255 17.99 -50.96 26.01
N GLU E 256 16.67 -50.90 26.15
CA GLU E 256 15.89 -52.11 26.24
C GLU E 256 16.04 -52.93 24.95
N PHE E 257 16.26 -52.25 23.83
CA PHE E 257 16.38 -52.94 22.56
C PHE E 257 17.80 -53.14 22.06
N LEU E 258 18.77 -52.84 22.92
CA LEU E 258 20.20 -53.00 22.58
C LEU E 258 20.83 -54.05 23.50
N LYS E 259 21.83 -54.78 23.02
CA LYS E 259 22.50 -55.81 23.83
C LYS E 259 23.98 -55.48 23.95
N ASN E 260 24.46 -55.28 25.18
CA ASN E 260 25.88 -54.96 25.41
C ASN E 260 26.33 -53.96 24.35
N TYR E 261 25.61 -52.85 24.25
CA TYR E 261 25.89 -51.84 23.25
C TYR E 261 26.98 -50.82 23.54
N VAL E 262 27.61 -50.33 22.48
CA VAL E 262 28.64 -49.31 22.57
C VAL E 262 27.99 -47.96 22.37
N PHE E 263 28.39 -46.98 23.18
CA PHE E 263 27.89 -45.63 23.08
C PHE E 263 29.01 -44.73 22.58
N VAL E 264 28.73 -43.96 21.54
CA VAL E 264 29.72 -43.04 21.01
C VAL E 264 29.05 -41.69 20.80
N ALA E 265 29.75 -40.65 21.23
CA ALA E 265 29.27 -39.29 21.10
C ALA E 265 30.40 -38.40 20.64
N ILE E 266 30.19 -37.67 19.55
CA ILE E 266 31.18 -36.74 19.05
C ILE E 266 30.64 -35.38 19.40
N GLY E 267 31.32 -34.66 20.28
CA GLY E 267 30.86 -33.35 20.67
C GLY E 267 29.79 -33.46 21.73
N ILE E 268 29.01 -32.40 21.86
CA ILE E 268 27.93 -32.35 22.85
C ILE E 268 26.68 -33.01 22.25
N VAL E 269 26.15 -34.03 22.92
CA VAL E 269 24.94 -34.70 22.45
C VAL E 269 23.81 -33.67 22.28
N GLY E 270 23.14 -33.70 21.15
CA GLY E 270 22.08 -32.75 20.91
C GLY E 270 22.59 -31.35 20.67
N GLY E 271 23.91 -31.20 20.57
CA GLY E 271 24.48 -29.89 20.34
C GLY E 271 24.34 -29.46 18.88
N ALA E 272 24.17 -28.16 18.67
CA ALA E 272 24.02 -27.63 17.32
C ALA E 272 25.36 -27.60 16.61
N CYS E 273 25.33 -27.70 15.29
CA CYS E 273 26.53 -27.68 14.48
C CYS E 273 27.16 -26.27 14.49
N SER E 274 28.42 -26.18 14.90
CA SER E 274 29.10 -24.87 14.97
C SER E 274 29.38 -24.19 13.62
N ASP E 275 29.14 -24.88 12.50
CA ASP E 275 29.38 -24.26 11.20
C ASP E 275 28.19 -23.43 10.71
N VAL E 276 27.06 -23.49 11.41
CA VAL E 276 25.90 -22.72 11.01
C VAL E 276 25.79 -21.45 11.84
N LYS E 277 25.95 -20.30 11.18
CA LYS E 277 25.85 -19.04 11.87
C LYS E 277 24.37 -18.84 12.18
N GLN E 278 24.04 -18.78 13.45
CA GLN E 278 22.66 -18.63 13.86
C GLN E 278 22.34 -17.22 14.33
N THR E 279 21.22 -16.70 13.85
CA THR E 279 20.81 -15.37 14.25
C THR E 279 19.36 -15.49 14.69
N ILE E 280 19.03 -14.86 15.83
CA ILE E 280 17.69 -14.91 16.37
C ILE E 280 17.11 -13.49 16.48
N TYR E 281 15.98 -13.26 15.79
CA TYR E 281 15.29 -11.97 15.78
C TYR E 281 14.04 -12.01 16.62
N GLU E 282 13.79 -10.97 17.39
CA GLU E 282 12.58 -10.91 18.21
C GLU E 282 11.47 -10.36 17.32
N VAL E 283 10.64 -11.24 16.78
CA VAL E 283 9.55 -10.80 15.90
C VAL E 283 8.18 -11.21 16.41
N ASN E 284 7.19 -10.34 16.17
CA ASN E 284 5.84 -10.64 16.59
C ASN E 284 5.10 -11.29 15.44
N LYS E 285 4.10 -12.08 15.78
CA LYS E 285 3.30 -12.82 14.82
C LYS E 285 2.97 -12.11 13.51
N TYR E 286 2.45 -10.88 13.58
CA TYR E 286 2.09 -10.19 12.36
C TYR E 286 3.21 -9.40 11.72
N ALA E 287 4.37 -9.43 12.35
CA ALA E 287 5.53 -8.72 11.81
C ALA E 287 6.43 -9.72 11.08
N LYS E 288 6.12 -11.00 11.21
CA LYS E 288 6.90 -12.07 10.59
C LYS E 288 6.92 -12.12 9.08
N ARG E 289 5.78 -11.91 8.41
CA ARG E 289 5.79 -12.01 6.96
C ARG E 289 6.59 -10.91 6.27
N SER E 290 6.55 -9.68 6.77
CA SER E 290 7.33 -8.65 6.10
C SER E 290 8.79 -8.96 6.35
N LYS E 291 9.13 -9.36 7.58
CA LYS E 291 10.52 -9.71 7.89
C LYS E 291 11.01 -10.78 6.91
N LEU E 292 10.17 -11.79 6.64
CA LEU E 292 10.50 -12.87 5.72
C LEU E 292 10.79 -12.36 4.32
N ILE E 293 9.89 -11.55 3.75
CA ILE E 293 10.12 -11.02 2.41
C ILE E 293 11.36 -10.10 2.45
N GLU E 294 11.51 -9.36 3.55
CA GLU E 294 12.65 -8.48 3.74
C GLU E 294 13.91 -9.33 3.51
N ILE E 295 13.98 -10.44 4.23
CA ILE E 295 15.10 -11.36 4.13
C ILE E 295 15.19 -12.00 2.74
N LEU E 296 14.10 -12.59 2.27
CA LEU E 296 14.11 -13.24 0.97
C LEU E 296 14.42 -12.25 -0.15
N SER E 297 13.92 -11.02 -0.03
CA SER E 297 14.19 -10.00 -1.05
C SER E 297 15.68 -9.70 -1.12
N GLU E 298 16.31 -9.66 0.04
CA GLU E 298 17.75 -9.43 0.14
C GLU E 298 18.47 -10.59 -0.59
N GLN E 299 17.93 -11.79 -0.45
CA GLN E 299 18.50 -12.99 -1.09
C GLN E 299 17.58 -14.19 -0.85
N ALA E 300 17.09 -14.80 -1.94
CA ALA E 300 16.15 -15.92 -1.84
C ALA E 300 16.60 -17.31 -2.26
N ASP E 301 17.64 -17.41 -3.09
CA ASP E 301 18.11 -18.73 -3.54
C ASP E 301 18.54 -19.67 -2.43
N GLY E 302 18.20 -20.95 -2.57
CA GLY E 302 18.55 -21.96 -1.59
C GLY E 302 18.09 -21.74 -0.16
N THR E 303 16.83 -21.34 0.02
CA THR E 303 16.32 -21.12 1.36
C THR E 303 15.12 -22.01 1.68
N ILE E 304 15.11 -22.54 2.91
CA ILE E 304 14.01 -23.37 3.37
C ILE E 304 13.43 -22.66 4.59
N VAL E 305 12.12 -22.44 4.55
CA VAL E 305 11.42 -21.77 5.64
C VAL E 305 10.58 -22.81 6.35
N PHE E 306 10.81 -22.97 7.65
CA PHE E 306 10.10 -23.93 8.50
C PHE E 306 8.94 -23.22 9.20
N VAL E 307 7.74 -23.79 9.07
CA VAL E 307 6.54 -23.24 9.70
C VAL E 307 5.96 -24.32 10.61
N GLU E 308 5.06 -23.91 11.49
CA GLU E 308 4.47 -24.84 12.45
C GLU E 308 3.44 -25.84 11.95
N THR E 309 2.50 -25.38 11.12
CA THR E 309 1.44 -26.27 10.65
C THR E 309 1.41 -26.47 9.16
N LYS E 310 0.73 -27.54 8.75
CA LYS E 310 0.57 -27.85 7.34
C LYS E 310 -0.17 -26.73 6.62
N ARG E 311 -1.29 -26.28 7.20
CA ARG E 311 -2.05 -25.19 6.61
C ARG E 311 -1.19 -23.94 6.50
N GLY E 312 -0.35 -23.70 7.50
CA GLY E 312 0.55 -22.56 7.47
C GLY E 312 1.55 -22.65 6.32
N ALA E 313 2.10 -23.83 6.08
CA ALA E 313 3.07 -23.97 4.99
C ALA E 313 2.41 -23.67 3.65
N ASP E 314 1.22 -24.21 3.44
CA ASP E 314 0.52 -23.99 2.19
C ASP E 314 0.13 -22.53 1.99
N PHE E 315 -0.38 -21.90 3.04
CA PHE E 315 -0.75 -20.49 2.95
C PHE E 315 0.46 -19.63 2.59
N LEU E 316 1.57 -19.84 3.29
CA LEU E 316 2.76 -19.04 3.06
C LEU E 316 3.38 -19.27 1.68
N ALA E 317 3.37 -20.51 1.23
CA ALA E 317 3.92 -20.82 -0.08
C ALA E 317 3.11 -20.08 -1.16
N SER E 318 1.79 -20.14 -1.04
CA SER E 318 0.92 -19.50 -2.01
C SER E 318 1.18 -17.99 -2.05
N PHE E 319 1.25 -17.41 -0.86
CA PHE E 319 1.53 -15.99 -0.69
C PHE E 319 2.84 -15.62 -1.39
N LEU E 320 3.91 -16.26 -0.97
CA LEU E 320 5.22 -15.99 -1.55
C LEU E 320 5.22 -16.07 -3.06
N SER E 321 4.67 -17.13 -3.63
CA SER E 321 4.71 -17.24 -5.09
C SER E 321 3.93 -16.14 -5.80
N GLU E 322 2.88 -15.63 -5.16
CA GLU E 322 2.11 -14.55 -5.78
C GLU E 322 2.94 -13.27 -5.78
N LYS E 323 4.05 -13.30 -5.05
CA LYS E 323 4.94 -12.16 -4.97
C LYS E 323 6.25 -12.37 -5.69
N GLU E 324 6.23 -13.20 -6.72
CA GLU E 324 7.42 -13.42 -7.51
C GLU E 324 8.60 -14.06 -6.82
N PHE E 325 8.33 -15.13 -6.10
CA PHE E 325 9.35 -15.92 -5.45
C PHE E 325 8.99 -17.32 -5.89
N PRO E 326 9.87 -17.97 -6.67
CA PRO E 326 9.60 -19.33 -7.14
C PRO E 326 9.55 -20.19 -5.88
N THR E 327 8.34 -20.47 -5.40
CA THR E 327 8.15 -21.21 -4.17
C THR E 327 7.29 -22.46 -4.30
N THR E 328 7.68 -23.49 -3.55
CA THR E 328 6.94 -24.74 -3.51
C THR E 328 6.94 -25.15 -2.04
N SER E 329 6.25 -26.23 -1.69
CA SER E 329 6.21 -26.62 -0.30
C SER E 329 6.17 -28.12 -0.07
N ILE E 330 6.39 -28.53 1.18
CA ILE E 330 6.35 -29.94 1.52
C ILE E 330 5.81 -30.10 2.94
N HIS E 331 4.77 -30.92 3.07
CA HIS E 331 4.16 -31.21 4.35
C HIS E 331 3.16 -32.35 4.12
N GLY E 332 2.60 -32.84 5.20
CA GLY E 332 1.67 -33.97 5.15
C GLY E 332 0.37 -33.84 4.41
N ASP E 333 -0.07 -32.62 4.10
CA ASP E 333 -1.33 -32.44 3.37
C ASP E 333 -1.15 -32.43 1.86
N ARG E 334 0.06 -32.59 1.38
CA ARG E 334 0.29 -32.61 -0.06
C ARG E 334 0.30 -34.06 -0.50
N LEU E 335 0.08 -34.31 -1.79
CA LEU E 335 0.12 -35.68 -2.31
C LEU E 335 1.58 -36.13 -2.25
N GLN E 336 1.81 -37.40 -1.97
CA GLN E 336 3.18 -37.91 -1.90
C GLN E 336 3.96 -37.53 -3.14
N SER E 337 3.28 -37.49 -4.29
CA SER E 337 3.97 -37.14 -5.52
C SER E 337 4.38 -35.67 -5.52
N GLN E 338 3.57 -34.82 -4.90
CA GLN E 338 3.92 -33.40 -4.86
C GLN E 338 5.10 -33.21 -3.89
N ARG E 339 5.11 -34.01 -2.83
CA ARG E 339 6.19 -33.95 -1.84
C ARG E 339 7.51 -34.28 -2.53
N GLU E 340 7.52 -35.35 -3.31
CA GLU E 340 8.75 -35.71 -3.99
C GLU E 340 9.14 -34.68 -5.05
N GLN E 341 8.19 -34.28 -5.88
CA GLN E 341 8.45 -33.30 -6.94
C GLN E 341 8.95 -31.97 -6.37
N ALA E 342 8.42 -31.58 -5.23
CA ALA E 342 8.83 -30.33 -4.63
C ALA E 342 10.33 -30.37 -4.27
N LEU E 343 10.80 -31.52 -3.79
CA LEU E 343 12.22 -31.65 -3.45
C LEU E 343 13.02 -31.64 -4.74
N ARG E 344 12.50 -32.34 -5.74
CA ARG E 344 13.15 -32.40 -7.05
C ARG E 344 13.43 -30.97 -7.52
N ASP E 345 12.38 -30.16 -7.63
CA ASP E 345 12.48 -28.78 -8.08
C ASP E 345 13.44 -27.92 -7.26
N PHE E 346 13.52 -28.18 -5.96
CA PHE E 346 14.41 -27.41 -5.11
C PHE E 346 15.85 -27.83 -5.36
N LYS E 347 16.07 -29.11 -5.59
CA LYS E 347 17.43 -29.61 -5.84
C LYS E 347 18.00 -29.10 -7.14
N ASN E 348 17.19 -29.04 -8.20
CA ASN E 348 17.68 -28.58 -9.48
C ASN E 348 17.45 -27.10 -9.76
N GLY E 349 17.17 -26.33 -8.71
CA GLY E 349 16.96 -24.91 -8.89
C GLY E 349 15.62 -24.40 -9.40
N SER E 350 14.76 -25.26 -9.91
CA SER E 350 13.44 -24.82 -10.41
C SER E 350 12.81 -23.88 -9.39
N MET E 351 12.78 -24.32 -8.14
CA MET E 351 12.21 -23.54 -7.05
C MET E 351 13.35 -23.02 -6.19
N LYS E 352 13.26 -21.76 -5.79
CA LYS E 352 14.30 -21.15 -4.98
C LYS E 352 14.01 -21.17 -3.49
N VAL E 353 12.73 -21.25 -3.15
CA VAL E 353 12.30 -21.24 -1.77
C VAL E 353 11.43 -22.46 -1.49
N LEU E 354 11.73 -23.15 -0.39
CA LEU E 354 10.97 -24.33 0.03
C LEU E 354 10.31 -24.04 1.38
N ILE E 355 8.98 -24.08 1.45
CA ILE E 355 8.29 -23.85 2.72
C ILE E 355 7.99 -25.23 3.28
N ALA E 356 8.27 -25.46 4.55
CA ALA E 356 8.04 -26.77 5.13
C ALA E 356 7.69 -26.84 6.60
N THR E 357 7.07 -27.94 7.00
CA THR E 357 6.76 -28.23 8.40
C THR E 357 7.96 -29.10 8.82
N SER E 358 8.00 -29.57 10.06
CA SER E 358 9.12 -30.40 10.47
C SER E 358 9.25 -31.75 9.74
N VAL E 359 8.45 -31.95 8.69
CA VAL E 359 8.56 -33.20 7.94
C VAL E 359 9.93 -33.18 7.29
N ALA E 360 10.49 -32.00 7.11
CA ALA E 360 11.79 -31.87 6.46
C ALA E 360 12.89 -31.43 7.43
N SER E 361 12.64 -31.51 8.72
CA SER E 361 13.65 -31.05 9.66
C SER E 361 14.76 -32.03 9.90
N ARG E 362 14.49 -33.33 9.77
CA ARG E 362 15.50 -34.33 10.04
C ARG E 362 16.13 -35.07 8.86
N GLY E 363 17.46 -35.19 8.92
CA GLY E 363 18.23 -35.92 7.94
C GLY E 363 18.34 -35.51 6.49
N LEU E 364 17.39 -34.76 5.93
CA LEU E 364 17.50 -34.41 4.53
C LEU E 364 18.82 -33.72 4.22
N ASP E 365 19.48 -34.19 3.17
CA ASP E 365 20.77 -33.71 2.73
C ASP E 365 20.63 -33.03 1.36
N ILE E 366 20.41 -31.72 1.34
CA ILE E 366 20.26 -30.99 0.11
C ILE E 366 21.34 -29.94 -0.10
N LYS E 367 22.11 -30.14 -1.17
CA LYS E 367 23.21 -29.24 -1.50
C LYS E 367 22.80 -27.77 -1.67
N ASN E 368 21.64 -27.53 -2.27
CA ASN E 368 21.17 -26.16 -2.49
C ASN E 368 20.72 -25.36 -1.26
N ILE E 369 20.52 -26.02 -0.13
CA ILE E 369 20.05 -25.33 1.04
C ILE E 369 21.11 -24.43 1.65
N LYS E 370 21.08 -23.15 1.30
CA LYS E 370 22.05 -22.21 1.82
C LYS E 370 21.53 -21.40 2.98
N HIS E 371 20.24 -21.49 3.28
CA HIS E 371 19.69 -20.72 4.39
C HIS E 371 18.45 -21.38 4.99
N VAL E 372 18.42 -21.45 6.32
CA VAL E 372 17.31 -22.06 7.01
C VAL E 372 16.63 -21.00 7.83
N ILE E 373 15.35 -20.82 7.58
CA ILE E 373 14.61 -19.83 8.34
C ILE E 373 13.52 -20.48 9.16
N ASN E 374 13.56 -20.24 10.46
CA ASN E 374 12.52 -20.73 11.34
C ASN E 374 11.51 -19.60 11.40
N TYR E 375 10.53 -19.66 10.51
CA TYR E 375 9.47 -18.67 10.46
C TYR E 375 8.71 -18.82 11.78
N ASP E 376 8.51 -20.07 12.18
CA ASP E 376 7.88 -20.40 13.44
C ASP E 376 8.93 -21.24 14.18
N MET E 377 9.24 -20.88 15.42
CA MET E 377 10.19 -21.65 16.20
C MET E 377 9.47 -22.95 16.53
N PRO E 378 10.21 -24.06 16.68
CA PRO E 378 9.56 -25.32 17.01
C PRO E 378 9.31 -25.28 18.52
N SER E 379 8.55 -26.22 19.04
CA SER E 379 8.29 -26.25 20.49
C SER E 379 9.38 -27.00 21.27
N LYS E 380 10.21 -27.76 20.57
CA LYS E 380 11.27 -28.52 21.24
C LYS E 380 12.62 -28.09 20.67
N ILE E 381 13.61 -27.94 21.56
CA ILE E 381 14.92 -27.50 21.11
C ILE E 381 15.61 -28.50 20.18
N ASP E 382 15.29 -29.79 20.33
CA ASP E 382 15.89 -30.80 19.45
C ASP E 382 15.46 -30.57 18.01
N ASP E 383 14.20 -30.23 17.81
CA ASP E 383 13.69 -29.98 16.47
C ASP E 383 14.44 -28.77 15.90
N TYR E 384 14.75 -27.79 16.74
CA TYR E 384 15.50 -26.62 16.30
C TYR E 384 16.87 -27.05 15.80
N VAL E 385 17.53 -27.93 16.56
CA VAL E 385 18.84 -28.40 16.18
C VAL E 385 18.85 -29.11 14.83
N HIS E 386 17.89 -30.00 14.58
CA HIS E 386 17.86 -30.69 13.28
C HIS E 386 17.56 -29.70 12.16
N ARG E 387 16.55 -28.86 12.33
CA ARG E 387 16.19 -27.87 11.31
C ARG E 387 17.35 -27.02 10.81
N ILE E 388 18.06 -26.37 11.73
CA ILE E 388 19.15 -25.52 11.29
C ILE E 388 20.26 -26.39 10.74
N GLY E 389 20.18 -27.68 11.02
CA GLY E 389 21.17 -28.60 10.53
C GLY E 389 20.99 -28.93 9.05
N ARG E 390 19.93 -28.43 8.41
CA ARG E 390 19.74 -28.72 6.98
C ARG E 390 20.77 -27.93 6.14
N THR E 391 21.47 -27.01 6.80
CA THR E 391 22.50 -26.17 6.19
C THR E 391 23.84 -26.34 6.92
N GLY E 392 24.91 -25.86 6.30
CA GLY E 392 26.23 -25.93 6.92
C GLY E 392 26.65 -27.34 7.27
N ARG E 393 26.61 -28.22 6.28
CA ARG E 393 26.97 -29.62 6.48
C ARG E 393 28.35 -29.90 5.89
N VAL E 394 28.95 -31.01 6.32
CA VAL E 394 30.26 -31.44 5.83
C VAL E 394 31.36 -30.38 5.96
N GLY E 395 31.34 -29.62 7.05
CA GLY E 395 32.34 -28.60 7.27
C GLY E 395 32.09 -27.27 6.57
N ASN E 396 31.02 -27.19 5.78
CA ASN E 396 30.71 -25.94 5.09
C ASN E 396 30.02 -24.94 6.01
N ASN E 397 30.00 -23.68 5.59
CA ASN E 397 29.33 -22.66 6.39
C ASN E 397 27.84 -22.66 6.04
N GLY E 398 27.05 -21.97 6.85
CA GLY E 398 25.64 -21.89 6.59
C GLY E 398 25.04 -20.91 7.56
N ARG E 399 23.87 -20.39 7.23
CA ARG E 399 23.22 -19.45 8.11
C ARG E 399 21.79 -19.89 8.44
N ALA E 400 21.39 -19.61 9.67
CA ALA E 400 20.07 -19.96 10.12
C ALA E 400 19.51 -18.75 10.82
N THR E 401 18.34 -18.33 10.37
CA THR E 401 17.67 -17.18 10.93
C THR E 401 16.38 -17.66 11.55
N SER E 402 16.13 -17.27 12.78
CA SER E 402 14.93 -17.68 13.47
C SER E 402 14.14 -16.50 13.99
N PHE E 403 12.82 -16.56 13.83
CA PHE E 403 11.93 -15.52 14.29
C PHE E 403 11.41 -15.97 15.64
N PHE E 404 11.84 -15.27 16.68
CA PHE E 404 11.44 -15.59 18.04
C PHE E 404 10.30 -14.67 18.46
N ASP E 405 9.18 -15.26 18.80
CA ASP E 405 8.01 -14.50 19.21
C ASP E 405 7.84 -14.57 20.72
N PRO E 406 7.94 -13.43 21.42
CA PRO E 406 7.80 -13.38 22.87
C PRO E 406 6.39 -13.80 23.31
N GLU E 407 5.43 -13.66 22.41
CA GLU E 407 4.03 -14.01 22.67
C GLU E 407 3.80 -15.51 22.83
N LYS E 408 4.75 -16.33 22.39
CA LYS E 408 4.57 -17.77 22.46
C LYS E 408 5.80 -18.67 22.55
N ASP E 409 7.00 -18.13 22.35
CA ASP E 409 8.19 -18.96 22.39
C ASP E 409 9.06 -18.76 23.63
N ARG E 410 8.46 -18.27 24.72
CA ARG E 410 9.21 -18.05 25.95
C ARG E 410 9.78 -19.35 26.50
N ALA E 411 9.00 -20.42 26.43
CA ALA E 411 9.41 -21.72 26.95
C ALA E 411 10.71 -22.31 26.36
N ILE E 412 11.07 -21.93 25.14
CA ILE E 412 12.27 -22.46 24.53
C ILE E 412 13.43 -21.47 24.54
N ALA E 413 13.23 -20.34 25.21
CA ALA E 413 14.27 -19.32 25.29
C ALA E 413 15.50 -19.89 26.04
N ALA E 414 15.25 -20.57 27.13
CA ALA E 414 16.32 -21.15 27.95
C ALA E 414 17.20 -22.16 27.17
N ASP E 415 16.58 -23.16 26.55
CA ASP E 415 17.34 -24.15 25.79
C ASP E 415 18.01 -23.51 24.58
N LEU E 416 17.34 -22.55 23.94
CA LEU E 416 17.93 -21.89 22.79
C LEU E 416 19.23 -21.19 23.16
N VAL E 417 19.25 -20.55 24.34
CA VAL E 417 20.45 -19.84 24.82
C VAL E 417 21.62 -20.84 24.97
N LYS E 418 21.36 -21.93 25.67
CA LYS E 418 22.37 -22.97 25.87
C LYS E 418 22.91 -23.48 24.53
N ILE E 419 22.02 -23.73 23.58
CA ILE E 419 22.43 -24.23 22.27
C ILE E 419 23.28 -23.18 21.59
N LEU E 420 22.89 -21.92 21.76
CA LEU E 420 23.62 -20.82 21.15
C LEU E 420 25.03 -20.73 21.74
N GLU E 421 25.12 -20.65 23.06
CA GLU E 421 26.43 -20.59 23.71
C GLU E 421 27.22 -21.82 23.32
N GLY E 422 26.58 -22.98 23.45
CA GLY E 422 27.23 -24.24 23.15
C GLY E 422 27.81 -24.37 21.75
N SER E 423 27.34 -23.57 20.81
CA SER E 423 27.87 -23.67 19.46
C SER E 423 28.70 -22.45 19.07
N GLY E 424 28.99 -21.63 20.08
CA GLY E 424 29.78 -20.43 19.86
C GLY E 424 29.11 -19.34 19.05
N GLN E 425 27.84 -19.08 19.31
CA GLN E 425 27.07 -18.04 18.61
C GLN E 425 26.75 -16.97 19.66
N THR E 426 26.33 -15.79 19.22
CA THR E 426 26.01 -14.74 20.19
C THR E 426 24.57 -14.83 20.65
N VAL E 427 24.34 -14.52 21.92
CA VAL E 427 23.01 -14.54 22.53
C VAL E 427 22.48 -13.12 22.67
N PRO E 428 21.31 -12.83 22.06
CA PRO E 428 20.69 -11.50 22.12
C PRO E 428 20.04 -11.35 23.49
N ASP E 429 20.11 -10.15 24.06
CA ASP E 429 19.54 -9.90 25.38
C ASP E 429 18.10 -10.34 25.58
N PHE E 430 17.25 -10.10 24.58
CA PHE E 430 15.85 -10.46 24.72
C PHE E 430 15.59 -11.91 25.10
N LEU E 431 16.49 -12.83 24.75
CA LEU E 431 16.29 -14.22 25.12
C LEU E 431 16.52 -14.39 26.62
N ARG E 432 17.43 -13.59 27.16
CA ARG E 432 17.76 -13.62 28.58
C ARG E 432 16.74 -12.93 29.48
N TYR F 13 -17.21 -36.20 -3.04
CA TYR F 13 -17.51 -35.41 -4.26
C TYR F 13 -16.68 -34.12 -4.35
N ILE F 14 -15.99 -33.98 -5.47
CA ILE F 14 -15.15 -32.83 -5.76
C ILE F 14 -15.72 -32.15 -6.99
N PRO F 15 -16.46 -31.06 -6.79
CA PRO F 15 -17.05 -30.32 -7.91
C PRO F 15 -16.01 -29.86 -8.93
N PRO F 16 -16.42 -29.69 -10.19
CA PRO F 16 -15.52 -29.25 -11.26
C PRO F 16 -15.08 -27.82 -11.02
N GLU F 17 -13.77 -27.59 -11.01
CA GLU F 17 -13.29 -26.24 -10.76
C GLU F 17 -13.72 -25.24 -11.81
N PRO F 18 -13.89 -23.97 -11.40
CA PRO F 18 -14.31 -22.90 -12.33
C PRO F 18 -13.25 -22.60 -13.39
N SER F 19 -13.73 -22.24 -14.57
CA SER F 19 -12.83 -21.90 -15.68
C SER F 19 -12.23 -20.52 -15.45
N ASN F 20 -10.94 -20.38 -15.78
CA ASN F 20 -10.25 -19.10 -15.66
C ASN F 20 -10.29 -18.42 -17.03
N ASP F 21 -10.99 -19.06 -17.96
CA ASP F 21 -11.16 -18.58 -19.32
C ASP F 21 -12.22 -17.49 -19.38
N ALA F 22 -11.77 -16.24 -19.45
CA ALA F 22 -12.65 -15.08 -19.51
C ALA F 22 -14.03 -15.35 -20.09
N ILE F 23 -14.09 -15.87 -21.31
CA ILE F 23 -15.37 -16.16 -21.96
C ILE F 23 -16.30 -17.01 -21.09
N GLU F 24 -15.73 -17.99 -20.40
CA GLU F 24 -16.52 -18.84 -19.53
C GLU F 24 -16.91 -18.08 -18.27
N ILE F 25 -15.99 -17.28 -17.76
CA ILE F 25 -16.26 -16.48 -16.57
C ILE F 25 -17.41 -15.51 -16.81
N PHE F 26 -17.39 -14.82 -17.96
CA PHE F 26 -18.45 -13.88 -18.27
C PHE F 26 -19.58 -14.51 -19.07
N SER F 27 -19.80 -15.81 -18.88
CA SER F 27 -20.85 -16.53 -19.60
C SER F 27 -22.21 -16.43 -18.91
N SER F 28 -22.22 -16.58 -17.59
CA SER F 28 -23.45 -16.50 -16.80
C SER F 28 -24.21 -15.20 -17.05
N GLY F 29 -25.44 -15.14 -16.57
CA GLY F 29 -26.24 -13.94 -16.72
C GLY F 29 -27.37 -13.97 -17.74
N ILE F 30 -28.35 -13.12 -17.53
CA ILE F 30 -29.51 -13.01 -18.40
C ILE F 30 -29.51 -11.60 -19.00
N ALA F 31 -29.39 -11.53 -20.33
CA ALA F 31 -29.37 -10.24 -21.02
C ALA F 31 -30.57 -9.39 -20.66
N SER F 32 -30.33 -8.09 -20.50
CA SER F 32 -31.39 -7.15 -20.16
C SER F 32 -32.58 -7.37 -21.11
N GLY F 33 -33.79 -7.23 -20.58
CA GLY F 33 -34.97 -7.42 -21.39
C GLY F 33 -35.60 -6.17 -21.98
N ILE F 34 -36.67 -6.39 -22.73
CA ILE F 34 -37.41 -5.33 -23.38
C ILE F 34 -37.96 -4.28 -22.41
N HIS F 35 -38.43 -4.73 -21.26
CA HIS F 35 -39.01 -3.84 -20.26
C HIS F 35 -38.03 -3.25 -19.24
N PHE F 36 -36.72 -3.34 -19.50
CA PHE F 36 -35.73 -2.83 -18.56
C PHE F 36 -35.92 -1.36 -18.15
N SER F 37 -36.40 -0.54 -19.07
CA SER F 37 -36.62 0.87 -18.76
C SER F 37 -37.78 1.05 -17.79
N LYS F 38 -38.62 0.04 -17.67
CA LYS F 38 -39.75 0.12 -16.77
C LYS F 38 -39.33 0.22 -15.30
N TYR F 39 -38.07 -0.11 -15.01
CA TYR F 39 -37.56 -0.03 -13.65
C TYR F 39 -37.66 1.40 -13.09
N ASN F 40 -37.47 2.40 -13.96
CA ASN F 40 -37.52 3.82 -13.57
C ASN F 40 -38.87 4.26 -13.01
N ASN F 41 -39.91 3.44 -13.19
CA ASN F 41 -41.24 3.79 -12.73
C ASN F 41 -41.63 3.27 -11.36
N ILE F 42 -40.85 2.33 -10.84
CA ILE F 42 -41.19 1.77 -9.55
C ILE F 42 -40.90 2.74 -8.42
N PRO F 43 -41.88 2.96 -7.53
CA PRO F 43 -41.69 3.87 -6.41
C PRO F 43 -40.51 3.39 -5.55
N VAL F 44 -39.68 4.33 -5.13
CA VAL F 44 -38.48 4.04 -4.34
C VAL F 44 -38.61 4.65 -2.94
N LYS F 45 -38.35 3.86 -1.92
CA LYS F 45 -38.42 4.35 -0.56
C LYS F 45 -37.12 4.06 0.17
N VAL F 46 -36.52 5.10 0.75
CA VAL F 46 -35.27 4.93 1.48
C VAL F 46 -35.34 5.67 2.81
N THR F 47 -35.05 4.98 3.91
CA THR F 47 -35.09 5.62 5.21
C THR F 47 -33.84 5.34 6.06
N GLY F 48 -33.52 6.27 6.96
CA GLY F 48 -32.39 6.17 7.85
C GLY F 48 -31.76 7.53 8.08
N SER F 49 -30.84 7.65 9.03
CA SER F 49 -30.20 8.93 9.30
C SER F 49 -29.16 9.21 8.23
N ASP F 50 -29.01 10.47 7.85
CA ASP F 50 -28.09 10.92 6.81
C ASP F 50 -27.61 9.85 5.84
N VAL F 51 -28.52 9.47 4.96
CA VAL F 51 -28.30 8.45 3.95
C VAL F 51 -27.66 9.05 2.71
N PRO F 52 -26.62 8.39 2.17
CA PRO F 52 -25.93 8.87 0.98
C PRO F 52 -26.86 8.94 -0.23
N GLN F 53 -26.62 9.94 -1.09
CA GLN F 53 -27.44 10.09 -2.28
C GLN F 53 -27.22 8.89 -3.19
N PRO F 54 -28.23 8.52 -3.97
CA PRO F 54 -28.15 7.39 -4.89
C PRO F 54 -27.24 7.76 -6.05
N ILE F 55 -26.48 6.80 -6.59
CA ILE F 55 -25.64 7.09 -7.75
C ILE F 55 -26.56 6.85 -8.94
N GLN F 56 -26.21 7.34 -10.13
CA GLN F 56 -27.07 7.14 -11.30
C GLN F 56 -26.38 6.38 -12.43
N HIS F 57 -25.06 6.27 -12.36
CA HIS F 57 -24.34 5.57 -13.40
C HIS F 57 -23.19 4.80 -12.76
N PHE F 58 -22.78 3.72 -13.39
CA PHE F 58 -21.67 2.93 -12.86
C PHE F 58 -20.43 3.80 -12.92
N THR F 59 -20.39 4.70 -13.90
CA THR F 59 -19.25 5.59 -14.07
C THR F 59 -19.01 6.51 -12.88
N SER F 60 -20.10 7.02 -12.30
CA SER F 60 -20.00 7.94 -11.18
C SER F 60 -20.48 7.33 -9.86
N ALA F 61 -19.85 6.23 -9.47
CA ALA F 61 -20.21 5.55 -8.24
C ALA F 61 -19.01 5.31 -7.36
N ASP F 62 -17.93 6.04 -7.61
CA ASP F 62 -16.71 5.88 -6.82
C ASP F 62 -16.27 4.42 -6.77
N LEU F 63 -16.45 3.69 -7.87
CA LEU F 63 -16.02 2.30 -7.93
C LEU F 63 -14.63 2.20 -8.55
N ARG F 64 -13.76 1.35 -8.00
CA ARG F 64 -12.42 1.14 -8.52
C ARG F 64 -12.54 0.81 -10.00
N ASP F 65 -11.54 1.19 -10.79
CA ASP F 65 -11.63 0.95 -12.23
C ASP F 65 -11.66 -0.48 -12.75
N ILE F 66 -10.98 -1.42 -12.09
CA ILE F 66 -11.03 -2.81 -12.57
C ILE F 66 -12.45 -3.31 -12.39
N ILE F 67 -13.10 -2.89 -11.32
CA ILE F 67 -14.48 -3.30 -11.09
C ILE F 67 -15.37 -2.69 -12.15
N ILE F 68 -15.18 -1.40 -12.42
CA ILE F 68 -16.00 -0.76 -13.44
C ILE F 68 -15.78 -1.46 -14.78
N ASP F 69 -14.53 -1.85 -15.06
CA ASP F 69 -14.24 -2.53 -16.31
C ASP F 69 -14.89 -3.92 -16.35
N ASN F 70 -14.97 -4.59 -15.22
CA ASN F 70 -15.60 -5.90 -15.22
C ASN F 70 -17.11 -5.74 -15.37
N VAL F 71 -17.65 -4.58 -14.98
CA VAL F 71 -19.07 -4.32 -15.15
C VAL F 71 -19.32 -4.16 -16.65
N ASN F 72 -18.36 -3.57 -17.34
CA ASN F 72 -18.47 -3.41 -18.79
C ASN F 72 -18.51 -4.77 -19.47
N LYS F 73 -17.53 -5.61 -19.14
CA LYS F 73 -17.44 -6.96 -19.71
C LYS F 73 -18.68 -7.81 -19.45
N SER F 74 -19.38 -7.55 -18.35
CA SER F 74 -20.59 -8.30 -18.02
C SER F 74 -21.76 -7.78 -18.89
N GLY F 75 -21.53 -6.66 -19.55
CA GLY F 75 -22.56 -6.09 -20.41
C GLY F 75 -23.58 -5.18 -19.74
N TYR F 76 -23.35 -4.78 -18.49
CA TYR F 76 -24.31 -3.91 -17.81
C TYR F 76 -24.16 -2.46 -18.29
N LYS F 77 -25.28 -1.79 -18.54
CA LYS F 77 -25.23 -0.40 -19.02
C LYS F 77 -25.71 0.65 -18.02
N ILE F 78 -26.78 0.34 -17.31
CA ILE F 78 -27.35 1.28 -16.35
C ILE F 78 -27.61 0.59 -15.01
N PRO F 79 -27.26 1.27 -13.91
CA PRO F 79 -27.50 0.63 -12.61
C PRO F 79 -28.99 0.38 -12.45
N THR F 80 -29.28 -0.72 -11.79
CA THR F 80 -30.63 -1.14 -11.51
C THR F 80 -31.07 -0.25 -10.31
N PRO F 81 -32.38 -0.05 -10.09
CA PRO F 81 -32.77 0.80 -8.95
C PRO F 81 -32.10 0.42 -7.61
N ILE F 82 -32.21 -0.84 -7.20
CA ILE F 82 -31.61 -1.26 -5.94
C ILE F 82 -30.10 -0.99 -5.95
N GLN F 83 -29.50 -1.06 -7.14
CA GLN F 83 -28.07 -0.80 -7.28
C GLN F 83 -27.78 0.70 -7.06
N LYS F 84 -28.66 1.56 -7.57
CA LYS F 84 -28.46 3.00 -7.43
C LYS F 84 -28.47 3.41 -5.96
N CYS F 85 -29.36 2.82 -5.19
CA CYS F 85 -29.46 3.15 -3.78
C CYS F 85 -28.45 2.45 -2.93
N SER F 86 -28.24 1.16 -3.18
CA SER F 86 -27.34 0.36 -2.37
C SER F 86 -25.85 0.61 -2.44
N ILE F 87 -25.33 0.74 -3.66
CA ILE F 87 -23.90 0.94 -3.85
C ILE F 87 -23.30 2.04 -2.97
N PRO F 88 -23.79 3.29 -3.08
CA PRO F 88 -23.24 4.36 -2.24
C PRO F 88 -23.39 4.10 -0.75
N VAL F 89 -24.53 3.53 -0.36
CA VAL F 89 -24.77 3.21 1.05
C VAL F 89 -23.71 2.26 1.59
N ILE F 90 -23.35 1.27 0.77
CA ILE F 90 -22.36 0.29 1.17
C ILE F 90 -20.95 0.87 1.15
N SER F 91 -20.67 1.70 0.15
CA SER F 91 -19.36 2.35 0.04
C SER F 91 -19.09 3.29 1.21
N SER F 92 -20.16 3.86 1.78
CA SER F 92 -20.03 4.77 2.91
C SER F 92 -19.77 4.05 4.22
N GLY F 93 -19.90 2.72 4.22
CA GLY F 93 -19.67 1.98 5.45
C GLY F 93 -20.90 1.74 6.32
N ARG F 94 -22.08 1.88 5.75
CA ARG F 94 -23.34 1.69 6.49
C ARG F 94 -23.94 0.30 6.40
N ASP F 95 -24.74 -0.06 7.41
CA ASP F 95 -25.44 -1.33 7.41
C ASP F 95 -26.66 -1.14 6.52
N LEU F 96 -27.19 -2.21 5.98
CA LEU F 96 -28.28 -2.08 5.02
C LEU F 96 -29.28 -3.23 4.95
N MET F 97 -30.54 -2.85 4.75
CA MET F 97 -31.62 -3.82 4.55
C MET F 97 -32.19 -3.36 3.21
N ALA F 98 -32.07 -4.20 2.19
CA ALA F 98 -32.54 -3.83 0.86
C ALA F 98 -33.58 -4.80 0.30
N CYS F 99 -34.70 -4.25 -0.18
CA CYS F 99 -35.76 -5.06 -0.73
C CYS F 99 -36.05 -4.65 -2.16
N ALA F 100 -36.09 -5.62 -3.06
CA ALA F 100 -36.36 -5.35 -4.49
C ALA F 100 -36.86 -6.64 -5.16
N GLN F 101 -37.81 -6.50 -6.07
CA GLN F 101 -38.38 -7.65 -6.76
C GLN F 101 -37.36 -8.60 -7.35
N THR F 102 -37.78 -9.83 -7.61
CA THR F 102 -36.90 -10.84 -8.19
C THR F 102 -36.28 -10.37 -9.51
N GLY F 103 -35.09 -10.86 -9.80
CA GLY F 103 -34.39 -10.52 -11.04
C GLY F 103 -34.01 -9.08 -11.29
N SER F 104 -33.93 -8.24 -10.25
CA SER F 104 -33.58 -6.85 -10.46
C SER F 104 -32.18 -6.42 -10.05
N GLY F 105 -31.22 -7.34 -10.08
CA GLY F 105 -29.84 -6.99 -9.75
C GLY F 105 -29.35 -6.88 -8.32
N LYS F 106 -30.01 -7.52 -7.34
CA LYS F 106 -29.53 -7.42 -5.96
C LYS F 106 -28.12 -7.96 -5.74
N THR F 107 -27.74 -9.03 -6.45
CA THR F 107 -26.39 -9.59 -6.28
C THR F 107 -25.26 -8.57 -6.54
N ALA F 108 -25.35 -7.86 -7.66
CA ALA F 108 -24.31 -6.88 -7.98
C ALA F 108 -24.46 -5.68 -7.06
N ALA F 109 -25.68 -5.40 -6.62
CA ALA F 109 -25.90 -4.31 -5.69
C ALA F 109 -24.93 -4.45 -4.51
N PHE F 110 -24.64 -5.68 -4.08
CA PHE F 110 -23.69 -5.81 -2.98
C PHE F 110 -22.28 -6.21 -3.40
N LEU F 111 -22.13 -7.02 -4.45
CA LEU F 111 -20.80 -7.41 -4.87
C LEU F 111 -19.93 -6.23 -5.36
N LEU F 112 -20.44 -5.40 -6.26
CA LEU F 112 -19.64 -4.28 -6.75
C LEU F 112 -19.05 -3.36 -5.66
N PRO F 113 -19.91 -2.75 -4.83
CA PRO F 113 -19.30 -1.89 -3.82
C PRO F 113 -18.32 -2.56 -2.88
N ILE F 114 -18.58 -3.81 -2.52
CA ILE F 114 -17.70 -4.51 -1.60
C ILE F 114 -16.34 -4.86 -2.20
N LEU F 115 -16.35 -5.45 -3.38
CA LEU F 115 -15.11 -5.83 -4.04
C LEU F 115 -14.31 -4.56 -4.32
N SER F 116 -15.01 -3.48 -4.57
CA SER F 116 -14.34 -2.21 -4.83
C SER F 116 -13.67 -1.71 -3.57
N LYS F 117 -14.38 -1.81 -2.45
CA LYS F 117 -13.82 -1.36 -1.19
C LYS F 117 -12.59 -2.19 -0.80
N LEU F 118 -12.60 -3.48 -1.12
CA LEU F 118 -11.44 -4.32 -0.80
C LEU F 118 -10.20 -3.87 -1.59
N LEU F 119 -10.42 -3.40 -2.81
CA LEU F 119 -9.33 -2.91 -3.65
C LEU F 119 -8.87 -1.51 -3.23
N GLU F 120 -9.81 -0.70 -2.77
CA GLU F 120 -9.52 0.66 -2.36
C GLU F 120 -8.87 0.78 -0.99
N ASP F 121 -9.32 -0.05 -0.06
CA ASP F 121 -8.78 -0.02 1.28
C ASP F 121 -8.29 -1.43 1.62
N PRO F 122 -7.25 -1.89 0.92
CA PRO F 122 -6.64 -3.22 1.07
C PRO F 122 -6.03 -3.57 2.42
N HIS F 123 -6.16 -4.83 2.77
CA HIS F 123 -5.59 -5.34 4.00
C HIS F 123 -5.02 -6.69 3.60
N GLU F 124 -3.85 -7.01 4.13
CA GLU F 124 -3.21 -8.27 3.81
C GLU F 124 -3.98 -9.45 4.36
N LEU F 125 -4.16 -10.46 3.52
CA LEU F 125 -4.89 -11.67 3.94
C LEU F 125 -4.18 -12.47 5.00
N GLU F 126 -4.97 -13.00 5.93
CA GLU F 126 -4.45 -13.81 7.01
C GLU F 126 -5.06 -15.19 6.83
N LEU F 127 -4.33 -16.21 7.26
CA LEU F 127 -4.77 -17.59 7.14
C LEU F 127 -6.10 -17.82 7.85
N GLY F 128 -7.05 -18.36 7.10
CA GLY F 128 -8.36 -18.68 7.62
C GLY F 128 -9.21 -17.48 8.02
N ARG F 129 -8.82 -16.29 7.58
CA ARG F 129 -9.55 -15.08 7.94
C ARG F 129 -10.10 -14.28 6.77
N PRO F 130 -11.29 -14.67 6.29
CA PRO F 130 -11.88 -13.94 5.17
C PRO F 130 -12.26 -12.51 5.53
N GLN F 131 -12.21 -11.62 4.54
CA GLN F 131 -12.54 -10.24 4.78
C GLN F 131 -14.02 -9.99 4.51
N VAL F 132 -14.62 -10.93 3.78
CA VAL F 132 -16.02 -10.85 3.41
C VAL F 132 -16.66 -12.24 3.53
N VAL F 133 -17.85 -12.29 4.13
CA VAL F 133 -18.59 -13.53 4.29
C VAL F 133 -19.99 -13.33 3.73
N ILE F 134 -20.34 -14.13 2.74
CA ILE F 134 -21.64 -14.04 2.12
C ILE F 134 -22.34 -15.38 2.32
N VAL F 135 -23.49 -15.32 2.95
CA VAL F 135 -24.26 -16.51 3.27
C VAL F 135 -25.48 -16.70 2.36
N SER F 136 -25.73 -17.95 2.00
CA SER F 136 -26.83 -18.32 1.13
C SER F 136 -27.61 -19.49 1.71
N PRO F 137 -28.93 -19.49 1.55
CA PRO F 137 -29.77 -20.57 2.08
C PRO F 137 -29.67 -21.87 1.31
N THR F 138 -29.07 -21.80 0.13
CA THR F 138 -29.01 -22.95 -0.73
C THR F 138 -27.64 -23.16 -1.40
N ARG F 139 -27.26 -24.41 -1.58
CA ARG F 139 -25.97 -24.71 -2.20
C ARG F 139 -25.79 -24.16 -3.63
N GLU F 140 -26.77 -24.42 -4.51
CA GLU F 140 -26.60 -23.95 -5.87
C GLU F 140 -26.58 -22.41 -5.93
N LEU F 141 -27.30 -21.76 -5.02
CA LEU F 141 -27.31 -20.30 -5.00
C LEU F 141 -25.92 -19.80 -4.61
N ALA F 142 -25.27 -20.50 -3.66
CA ALA F 142 -23.93 -20.11 -3.24
C ALA F 142 -22.98 -20.20 -4.44
N ILE F 143 -23.05 -21.33 -5.14
CA ILE F 143 -22.20 -21.54 -6.33
C ILE F 143 -22.43 -20.40 -7.33
N GLN F 144 -23.68 -20.01 -7.52
CA GLN F 144 -24.01 -18.96 -8.47
C GLN F 144 -23.41 -17.60 -8.04
N ILE F 145 -23.56 -17.26 -6.77
CA ILE F 145 -23.03 -16.02 -6.27
C ILE F 145 -21.52 -16.06 -6.41
N PHE F 146 -20.96 -17.22 -6.12
CA PHE F 146 -19.54 -17.43 -6.20
C PHE F 146 -19.06 -17.08 -7.61
N ASN F 147 -19.76 -17.59 -8.63
CA ASN F 147 -19.35 -17.30 -9.98
C ASN F 147 -19.53 -15.83 -10.32
N GLU F 148 -20.55 -15.17 -9.75
CA GLU F 148 -20.73 -13.76 -10.04
C GLU F 148 -19.56 -13.00 -9.42
N ALA F 149 -19.16 -13.38 -8.23
CA ALA F 149 -18.04 -12.73 -7.56
C ALA F 149 -16.75 -12.87 -8.39
N ARG F 150 -16.55 -14.05 -8.99
CA ARG F 150 -15.37 -14.29 -9.81
C ARG F 150 -15.40 -13.40 -11.04
N LYS F 151 -16.60 -13.18 -11.55
CA LYS F 151 -16.82 -12.35 -12.71
C LYS F 151 -16.39 -10.89 -12.45
N PHE F 152 -16.92 -10.29 -11.39
CA PHE F 152 -16.59 -8.90 -11.09
C PHE F 152 -15.19 -8.69 -10.59
N ALA F 153 -14.55 -9.73 -10.10
CA ALA F 153 -13.19 -9.61 -9.58
C ALA F 153 -12.17 -10.12 -10.62
N PHE F 154 -12.65 -10.40 -11.82
CA PHE F 154 -11.79 -10.89 -12.88
C PHE F 154 -10.50 -10.07 -13.00
N GLU F 155 -9.38 -10.78 -13.02
CA GLU F 155 -8.07 -10.15 -13.16
C GLU F 155 -7.66 -9.14 -12.10
N SER F 156 -8.35 -9.18 -10.96
CA SER F 156 -7.99 -8.34 -9.83
C SER F 156 -7.24 -9.41 -9.06
N TYR F 157 -6.64 -9.08 -7.93
CA TYR F 157 -5.94 -10.16 -7.25
C TYR F 157 -6.73 -10.68 -6.08
N LEU F 158 -8.02 -10.34 -6.07
CA LEU F 158 -8.94 -10.78 -5.04
C LEU F 158 -9.22 -12.26 -5.25
N LYS F 159 -9.18 -13.01 -4.15
CA LYS F 159 -9.43 -14.43 -4.25
C LYS F 159 -10.79 -14.77 -3.66
N ILE F 160 -11.60 -15.46 -4.45
CA ILE F 160 -12.93 -15.86 -4.05
C ILE F 160 -12.93 -17.34 -3.73
N GLY F 161 -13.55 -17.69 -2.60
CA GLY F 161 -13.61 -19.05 -2.18
C GLY F 161 -15.05 -19.38 -1.89
N ILE F 162 -15.37 -20.67 -1.85
CA ILE F 162 -16.73 -21.10 -1.59
C ILE F 162 -16.71 -22.28 -0.65
N VAL F 163 -17.75 -22.39 0.17
CA VAL F 163 -17.80 -23.47 1.13
C VAL F 163 -19.27 -23.94 1.28
N TYR F 164 -19.53 -25.21 0.95
CA TYR F 164 -20.88 -25.77 1.06
C TYR F 164 -20.91 -27.31 1.18
N GLY F 165 -22.02 -27.83 1.70
CA GLY F 165 -22.17 -29.26 1.92
C GLY F 165 -22.28 -30.18 0.73
N GLY F 166 -22.15 -31.48 0.97
CA GLY F 166 -22.24 -32.46 -0.10
C GLY F 166 -20.97 -32.55 -0.93
N THR F 167 -19.87 -32.05 -0.37
CA THR F 167 -18.60 -32.07 -1.08
C THR F 167 -17.47 -32.51 -0.15
N SER F 168 -16.32 -32.76 -0.74
CA SER F 168 -15.15 -33.13 0.02
C SER F 168 -14.73 -31.91 0.86
N PHE F 169 -14.79 -32.04 2.18
CA PHE F 169 -14.38 -30.97 3.07
C PHE F 169 -12.91 -30.68 2.81
N ARG F 170 -12.12 -31.74 2.63
CA ARG F 170 -10.68 -31.62 2.39
C ARG F 170 -10.41 -30.78 1.14
N HIS F 171 -11.11 -31.04 0.06
CA HIS F 171 -10.89 -30.28 -1.15
C HIS F 171 -11.27 -28.80 -0.93
N GLN F 172 -12.36 -28.54 -0.21
CA GLN F 172 -12.77 -27.17 0.02
C GLN F 172 -11.78 -26.46 0.94
N ASN F 173 -11.26 -27.18 1.94
CA ASN F 173 -10.32 -26.60 2.87
C ASN F 173 -9.01 -26.24 2.13
N GLU F 174 -8.58 -27.06 1.18
CA GLU F 174 -7.36 -26.76 0.43
C GLU F 174 -7.52 -25.40 -0.25
N CYS F 175 -8.67 -25.21 -0.90
CA CYS F 175 -8.93 -23.97 -1.61
C CYS F 175 -8.98 -22.78 -0.65
N ILE F 176 -9.51 -22.98 0.55
CA ILE F 176 -9.59 -21.92 1.55
C ILE F 176 -8.19 -21.59 2.07
N THR F 177 -7.46 -22.64 2.44
CA THR F 177 -6.12 -22.52 2.98
C THR F 177 -5.18 -21.59 2.19
N ARG F 178 -5.38 -21.51 0.89
CA ARG F 178 -4.57 -20.63 0.07
C ARG F 178 -4.91 -19.19 0.40
N GLY F 179 -5.99 -19.00 1.14
CA GLY F 179 -6.39 -17.64 1.50
C GLY F 179 -7.46 -17.08 0.57
N CYS F 180 -8.54 -16.62 1.17
CA CYS F 180 -9.63 -16.03 0.41
C CYS F 180 -10.00 -14.71 1.03
N HIS F 181 -10.24 -13.73 0.18
CA HIS F 181 -10.64 -12.41 0.60
C HIS F 181 -12.15 -12.48 0.84
N VAL F 182 -12.80 -13.23 -0.04
CA VAL F 182 -14.23 -13.41 -0.02
C VAL F 182 -14.63 -14.87 0.02
N VAL F 183 -15.51 -15.23 0.95
CA VAL F 183 -15.99 -16.60 1.06
C VAL F 183 -17.51 -16.63 0.96
N ILE F 184 -18.03 -17.39 0.02
CA ILE F 184 -19.46 -17.55 -0.16
C ILE F 184 -19.77 -18.87 0.55
N ALA F 185 -20.91 -18.97 1.21
CA ALA F 185 -21.19 -20.20 1.94
C ALA F 185 -22.63 -20.46 2.37
N THR F 186 -22.89 -21.73 2.67
CA THR F 186 -24.18 -22.16 3.21
C THR F 186 -23.85 -22.31 4.72
N PRO F 187 -24.79 -21.99 5.60
CA PRO F 187 -24.51 -22.08 7.04
C PRO F 187 -23.81 -23.31 7.59
N GLY F 188 -24.34 -24.51 7.29
CA GLY F 188 -23.74 -25.72 7.81
C GLY F 188 -22.24 -25.93 7.61
N ARG F 189 -21.80 -25.96 6.36
CA ARG F 189 -20.39 -26.19 6.08
C ARG F 189 -19.51 -25.08 6.64
N LEU F 190 -20.00 -23.85 6.62
CA LEU F 190 -19.25 -22.72 7.17
C LEU F 190 -19.01 -23.00 8.65
N LEU F 191 -20.08 -23.33 9.37
CA LEU F 191 -19.97 -23.60 10.81
C LEU F 191 -19.03 -24.77 11.11
N ASP F 192 -18.91 -25.68 10.15
CA ASP F 192 -18.04 -26.83 10.31
C ASP F 192 -16.58 -26.32 10.26
N PHE F 193 -16.30 -25.40 9.35
CA PHE F 193 -14.98 -24.82 9.22
C PHE F 193 -14.69 -23.98 10.47
N VAL F 194 -15.71 -23.28 10.96
CA VAL F 194 -15.56 -22.44 12.13
C VAL F 194 -15.29 -23.27 13.37
N ASP F 195 -15.98 -24.39 13.52
CA ASP F 195 -15.77 -25.21 14.69
C ASP F 195 -14.43 -25.95 14.69
N ARG F 196 -13.84 -26.19 13.52
CA ARG F 196 -12.54 -26.85 13.45
C ARG F 196 -11.45 -25.77 13.51
N THR F 197 -11.88 -24.51 13.64
CA THR F 197 -10.99 -23.35 13.73
C THR F 197 -10.28 -23.03 12.40
N PHE F 198 -10.83 -23.48 11.29
CA PHE F 198 -10.22 -23.23 9.98
C PHE F 198 -10.68 -21.90 9.39
N ILE F 199 -11.75 -21.34 9.94
CA ILE F 199 -12.22 -20.05 9.48
C ILE F 199 -12.58 -19.30 10.74
N THR F 200 -12.13 -18.07 10.80
CA THR F 200 -12.37 -17.24 11.95
C THR F 200 -12.74 -15.86 11.40
N PHE F 201 -13.38 -15.03 12.22
CA PHE F 201 -13.85 -13.74 11.71
C PHE F 201 -13.24 -12.43 12.16
N GLU F 202 -12.01 -12.41 12.67
CA GLU F 202 -11.47 -11.14 13.10
C GLU F 202 -11.18 -10.13 11.97
N ASP F 203 -11.02 -10.61 10.74
CA ASP F 203 -10.75 -9.68 9.64
C ASP F 203 -11.99 -9.45 8.75
N THR F 204 -13.14 -9.96 9.16
CA THR F 204 -14.36 -9.83 8.38
C THR F 204 -14.95 -8.41 8.43
N ARG F 205 -14.85 -7.67 7.34
CA ARG F 205 -15.39 -6.31 7.33
C ARG F 205 -16.81 -6.26 6.74
N PHE F 206 -17.22 -7.33 6.06
CA PHE F 206 -18.56 -7.41 5.50
C PHE F 206 -19.17 -8.77 5.71
N VAL F 207 -20.43 -8.79 6.12
CA VAL F 207 -21.15 -10.02 6.29
C VAL F 207 -22.41 -9.75 5.48
N VAL F 208 -22.62 -10.55 4.45
CA VAL F 208 -23.78 -10.39 3.61
C VAL F 208 -24.75 -11.54 3.79
N LEU F 209 -26.02 -11.21 4.00
CA LEU F 209 -27.03 -12.24 4.09
C LEU F 209 -27.87 -12.10 2.82
N ASP F 210 -27.66 -12.96 1.83
CA ASP F 210 -28.51 -12.89 0.64
C ASP F 210 -29.77 -13.69 1.04
N GLU F 211 -30.92 -13.35 0.46
CA GLU F 211 -32.17 -14.02 0.82
C GLU F 211 -32.29 -13.91 2.35
N ALA F 212 -31.91 -12.75 2.88
CA ALA F 212 -31.90 -12.50 4.31
C ALA F 212 -33.12 -12.96 5.13
N ASP F 213 -34.32 -12.69 4.66
CA ASP F 213 -35.50 -13.10 5.40
C ASP F 213 -35.50 -14.61 5.65
N ARG F 214 -35.02 -15.39 4.71
CA ARG F 214 -34.94 -16.84 4.89
C ARG F 214 -33.80 -17.19 5.85
N MET F 215 -32.70 -16.44 5.77
CA MET F 215 -31.58 -16.70 6.66
C MET F 215 -31.93 -16.30 8.09
N LEU F 216 -32.95 -15.48 8.25
CA LEU F 216 -33.33 -15.07 9.61
C LEU F 216 -34.52 -15.81 10.22
N ASP F 217 -35.16 -16.69 9.45
CA ASP F 217 -36.31 -17.42 9.96
C ASP F 217 -35.90 -18.64 10.80
N MET F 218 -36.87 -19.20 11.52
CA MET F 218 -36.64 -20.34 12.42
C MET F 218 -35.64 -21.36 11.92
N GLY F 219 -35.77 -21.77 10.67
CA GLY F 219 -34.86 -22.78 10.14
C GLY F 219 -33.38 -22.49 10.28
N PHE F 220 -32.96 -21.27 9.94
CA PHE F 220 -31.57 -20.87 10.01
C PHE F 220 -31.12 -19.95 11.15
N SER F 221 -32.07 -19.33 11.85
CA SER F 221 -31.72 -18.35 12.90
C SER F 221 -30.64 -18.75 13.89
N GLU F 222 -30.69 -19.97 14.39
CA GLU F 222 -29.68 -20.39 15.35
C GLU F 222 -28.26 -20.40 14.76
N ASP F 223 -28.12 -20.85 13.52
CA ASP F 223 -26.81 -20.89 12.90
C ASP F 223 -26.30 -19.50 12.50
N MET F 224 -27.24 -18.65 12.12
CA MET F 224 -26.90 -17.30 11.73
C MET F 224 -26.42 -16.55 12.97
N ARG F 225 -27.05 -16.83 14.12
CA ARG F 225 -26.64 -16.18 15.35
C ARG F 225 -25.25 -16.67 15.73
N ARG F 226 -24.99 -17.97 15.58
CA ARG F 226 -23.67 -18.51 15.90
C ARG F 226 -22.58 -17.86 15.05
N ILE F 227 -22.93 -17.46 13.84
CA ILE F 227 -21.97 -16.81 12.96
C ILE F 227 -21.84 -15.33 13.30
N MET F 228 -22.97 -14.62 13.27
CA MET F 228 -22.99 -13.17 13.54
C MET F 228 -22.43 -12.80 14.90
N THR F 229 -22.60 -13.71 15.85
CA THR F 229 -22.17 -13.50 17.22
C THR F 229 -20.86 -14.20 17.61
N HIS F 230 -20.26 -14.93 16.68
CA HIS F 230 -19.03 -15.64 16.98
C HIS F 230 -18.05 -14.81 17.79
N VAL F 231 -17.30 -15.48 18.66
CA VAL F 231 -16.32 -14.80 19.49
C VAL F 231 -15.25 -14.07 18.68
N THR F 232 -14.94 -14.60 17.50
CA THR F 232 -13.90 -13.98 16.67
C THR F 232 -14.41 -12.91 15.73
N MET F 233 -15.73 -12.67 15.73
CA MET F 233 -16.31 -11.67 14.84
C MET F 233 -15.75 -10.27 15.07
N ARG F 234 -15.21 -9.68 14.00
CA ARG F 234 -14.67 -8.33 14.09
C ARG F 234 -15.77 -7.43 14.62
N PRO F 235 -15.49 -6.70 15.72
CA PRO F 235 -16.47 -5.80 16.33
C PRO F 235 -17.07 -4.80 15.35
N GLU F 236 -16.24 -4.22 14.51
CA GLU F 236 -16.69 -3.25 13.53
C GLU F 236 -16.75 -3.89 12.14
N HIS F 237 -17.95 -4.05 11.61
CA HIS F 237 -18.11 -4.63 10.29
C HIS F 237 -19.48 -4.23 9.80
N GLN F 238 -19.67 -4.26 8.49
CA GLN F 238 -20.97 -3.90 7.94
C GLN F 238 -21.78 -5.19 7.80
N THR F 239 -23.09 -5.08 8.02
CA THR F 239 -23.98 -6.20 7.86
C THR F 239 -24.96 -5.73 6.78
N LEU F 240 -25.09 -6.51 5.72
CA LEU F 240 -25.97 -6.16 4.60
C LEU F 240 -26.96 -7.30 4.35
N MET F 241 -28.24 -6.94 4.21
CA MET F 241 -29.28 -7.93 3.99
C MET F 241 -30.07 -7.60 2.72
N PHE F 242 -30.28 -8.61 1.89
CA PHE F 242 -31.00 -8.44 0.64
C PHE F 242 -32.04 -9.54 0.46
N SER F 243 -33.13 -9.19 -0.20
CA SER F 243 -34.19 -10.14 -0.51
C SER F 243 -35.34 -9.45 -1.19
N ALA F 244 -36.19 -10.23 -1.86
CA ALA F 244 -37.38 -9.70 -2.54
C ALA F 244 -38.58 -9.80 -1.62
N THR F 245 -38.40 -10.44 -0.47
CA THR F 245 -39.49 -10.56 0.51
C THR F 245 -38.91 -10.32 1.90
N PHE F 246 -39.73 -9.77 2.79
CA PHE F 246 -39.27 -9.49 4.13
C PHE F 246 -40.47 -9.27 5.03
N PRO F 247 -40.96 -10.36 5.65
CA PRO F 247 -42.12 -10.27 6.54
C PRO F 247 -41.78 -9.28 7.67
N GLU F 248 -42.78 -8.60 8.18
CA GLU F 248 -42.59 -7.62 9.24
C GLU F 248 -41.84 -8.18 10.46
N GLU F 249 -42.23 -9.34 10.97
CA GLU F 249 -41.56 -9.87 12.15
C GLU F 249 -40.07 -10.19 11.93
N ILE F 250 -39.71 -10.59 10.71
CA ILE F 250 -38.31 -10.86 10.46
C ILE F 250 -37.56 -9.52 10.32
N GLN F 251 -38.23 -8.51 9.76
CA GLN F 251 -37.59 -7.21 9.62
C GLN F 251 -37.23 -6.67 11.01
N ARG F 252 -38.11 -6.91 11.97
CA ARG F 252 -37.85 -6.46 13.33
C ARG F 252 -36.69 -7.27 13.92
N MET F 253 -36.70 -8.59 13.71
CA MET F 253 -35.63 -9.45 14.20
C MET F 253 -34.26 -9.01 13.68
N ALA F 254 -34.23 -8.54 12.43
CA ALA F 254 -33.00 -8.09 11.78
C ALA F 254 -32.25 -7.01 12.56
N GLY F 255 -33.00 -6.20 13.30
CA GLY F 255 -32.39 -5.15 14.08
C GLY F 255 -31.30 -5.67 14.97
N GLU F 256 -31.44 -6.90 15.46
CA GLU F 256 -30.42 -7.45 16.32
C GLU F 256 -29.02 -7.54 15.66
N PHE F 257 -28.97 -7.52 14.34
CA PHE F 257 -27.69 -7.62 13.65
C PHE F 257 -27.33 -6.39 12.85
N LEU F 258 -28.21 -5.40 12.87
CA LEU F 258 -27.97 -4.18 12.11
C LEU F 258 -27.73 -2.98 13.02
N LYS F 259 -26.87 -2.07 12.59
CA LYS F 259 -26.58 -0.88 13.37
C LYS F 259 -26.86 0.33 12.53
N ASN F 260 -27.68 1.24 13.07
CA ASN F 260 -28.02 2.50 12.40
C ASN F 260 -28.18 2.22 10.91
N TYR F 261 -28.99 1.23 10.56
CA TYR F 261 -29.11 0.85 9.16
C TYR F 261 -30.00 1.66 8.23
N VAL F 262 -29.66 1.56 6.95
CA VAL F 262 -30.41 2.20 5.91
C VAL F 262 -31.34 1.15 5.37
N PHE F 263 -32.58 1.54 5.16
CA PHE F 263 -33.60 0.66 4.60
C PHE F 263 -33.96 1.15 3.20
N VAL F 264 -33.95 0.25 2.24
CA VAL F 264 -34.38 0.64 0.91
C VAL F 264 -35.33 -0.39 0.36
N ALA F 265 -36.45 0.10 -0.15
CA ALA F 265 -37.46 -0.73 -0.77
C ALA F 265 -37.75 -0.21 -2.18
N ILE F 266 -37.54 -1.06 -3.17
CA ILE F 266 -37.81 -0.70 -4.54
C ILE F 266 -39.18 -1.30 -4.80
N GLY F 267 -40.22 -0.49 -4.66
CA GLY F 267 -41.55 -0.99 -4.88
C GLY F 267 -42.09 -1.58 -3.59
N ILE F 268 -43.17 -2.33 -3.69
CA ILE F 268 -43.78 -2.93 -2.53
C ILE F 268 -43.02 -4.15 -2.05
N VAL F 269 -42.64 -4.11 -0.78
CA VAL F 269 -41.89 -5.20 -0.17
C VAL F 269 -42.66 -6.50 -0.28
N GLY F 270 -42.08 -7.48 -0.97
CA GLY F 270 -42.73 -8.77 -1.10
C GLY F 270 -43.59 -8.93 -2.34
N GLY F 271 -43.76 -7.86 -3.11
CA GLY F 271 -44.59 -7.95 -4.31
C GLY F 271 -43.95 -8.77 -5.40
N ALA F 272 -44.78 -9.36 -6.25
CA ALA F 272 -44.30 -10.17 -7.36
C ALA F 272 -43.77 -9.31 -8.52
N CYS F 273 -42.92 -9.89 -9.35
CA CYS F 273 -42.35 -9.21 -10.49
C CYS F 273 -43.45 -9.08 -11.56
N SER F 274 -43.79 -7.85 -11.93
CA SER F 274 -44.85 -7.64 -12.91
C SER F 274 -44.52 -8.16 -14.32
N ASP F 275 -43.25 -8.47 -14.58
CA ASP F 275 -42.87 -8.96 -15.90
C ASP F 275 -43.20 -10.43 -16.14
N VAL F 276 -43.86 -11.04 -15.17
CA VAL F 276 -44.23 -12.44 -15.32
C VAL F 276 -45.75 -12.53 -15.29
N LYS F 277 -46.32 -13.03 -16.39
CA LYS F 277 -47.77 -13.17 -16.50
C LYS F 277 -48.19 -14.39 -15.67
N GLN F 278 -49.05 -14.15 -14.69
CA GLN F 278 -49.50 -15.20 -13.80
C GLN F 278 -50.87 -15.76 -14.11
N THR F 279 -50.94 -17.09 -14.22
CA THR F 279 -52.20 -17.79 -14.49
C THR F 279 -52.45 -18.79 -13.37
N ILE F 280 -53.62 -18.69 -12.73
CA ILE F 280 -54.00 -19.59 -11.65
C ILE F 280 -55.22 -20.46 -12.02
N TYR F 281 -54.99 -21.76 -12.15
CA TYR F 281 -56.07 -22.70 -12.48
C TYR F 281 -56.58 -23.33 -11.20
N GLU F 282 -57.85 -23.73 -11.20
CA GLU F 282 -58.42 -24.40 -10.04
C GLU F 282 -58.25 -25.88 -10.37
N VAL F 283 -57.63 -26.63 -9.47
CA VAL F 283 -57.41 -28.05 -9.72
C VAL F 283 -57.37 -28.87 -8.44
N ASN F 284 -58.06 -30.00 -8.43
CA ASN F 284 -58.08 -30.86 -7.26
C ASN F 284 -56.83 -31.72 -7.28
N LYS F 285 -56.41 -32.16 -6.09
CA LYS F 285 -55.20 -32.97 -5.93
C LYS F 285 -54.98 -34.10 -6.93
N TYR F 286 -55.99 -34.93 -7.15
CA TYR F 286 -55.86 -36.05 -8.09
C TYR F 286 -55.81 -35.61 -9.55
N ALA F 287 -56.29 -34.41 -9.82
CA ALA F 287 -56.34 -33.87 -11.18
C ALA F 287 -55.05 -33.24 -11.70
N LYS F 288 -54.17 -32.85 -10.77
CA LYS F 288 -52.90 -32.20 -11.12
C LYS F 288 -52.05 -32.93 -12.15
N ARG F 289 -51.93 -34.24 -12.01
CA ARG F 289 -51.11 -34.99 -12.95
C ARG F 289 -51.62 -34.87 -14.38
N SER F 290 -52.92 -34.58 -14.54
CA SER F 290 -53.52 -34.44 -15.87
C SER F 290 -53.20 -33.09 -16.48
N LYS F 291 -53.47 -32.03 -15.72
CA LYS F 291 -53.21 -30.66 -16.17
C LYS F 291 -51.77 -30.50 -16.64
N LEU F 292 -50.83 -30.98 -15.83
CA LEU F 292 -49.42 -30.86 -16.15
C LEU F 292 -49.10 -31.48 -17.50
N ILE F 293 -49.73 -32.61 -17.81
CA ILE F 293 -49.49 -33.27 -19.09
C ILE F 293 -49.99 -32.42 -20.25
N GLU F 294 -51.17 -31.80 -20.08
CA GLU F 294 -51.70 -30.94 -21.13
C GLU F 294 -50.60 -29.93 -21.44
N ILE F 295 -50.42 -29.03 -20.49
CA ILE F 295 -49.44 -27.95 -20.53
C ILE F 295 -48.12 -28.31 -21.18
N LEU F 296 -47.54 -29.44 -20.80
CA LEU F 296 -46.24 -29.83 -21.34
C LEU F 296 -46.25 -30.33 -22.78
N SER F 297 -47.38 -30.87 -23.24
CA SER F 297 -47.45 -31.38 -24.61
C SER F 297 -47.42 -30.25 -25.63
N GLU F 298 -47.90 -29.09 -25.19
CA GLU F 298 -47.91 -27.88 -26.00
C GLU F 298 -46.48 -27.35 -26.05
N GLN F 299 -46.04 -26.83 -24.90
CA GLN F 299 -44.70 -26.27 -24.70
C GLN F 299 -44.05 -26.94 -23.49
N ALA F 300 -42.91 -27.58 -23.69
CA ALA F 300 -42.21 -28.23 -22.59
C ALA F 300 -40.93 -27.45 -22.30
N ASP F 301 -40.15 -27.20 -23.35
CA ASP F 301 -38.91 -26.47 -23.24
C ASP F 301 -38.78 -25.38 -22.16
N GLY F 302 -37.62 -25.39 -21.50
CA GLY F 302 -37.31 -24.43 -20.45
C GLY F 302 -38.38 -24.21 -19.40
N THR F 303 -38.89 -25.29 -18.84
CA THR F 303 -39.92 -25.20 -17.82
C THR F 303 -39.43 -25.82 -16.50
N ILE F 304 -39.71 -25.14 -15.39
CA ILE F 304 -39.33 -25.65 -14.07
C ILE F 304 -40.64 -25.90 -13.36
N VAL F 305 -40.80 -27.10 -12.78
CA VAL F 305 -42.03 -27.44 -12.07
C VAL F 305 -41.76 -27.55 -10.58
N PHE F 306 -42.53 -26.82 -9.78
CA PHE F 306 -42.33 -26.85 -8.34
C PHE F 306 -43.30 -27.76 -7.62
N VAL F 307 -42.77 -28.65 -6.79
CA VAL F 307 -43.58 -29.58 -6.01
C VAL F 307 -43.26 -29.37 -4.53
N GLU F 308 -44.12 -29.89 -3.66
CA GLU F 308 -43.96 -29.70 -2.23
C GLU F 308 -42.87 -30.52 -1.55
N THR F 309 -42.82 -31.81 -1.84
CA THR F 309 -41.88 -32.71 -1.19
C THR F 309 -40.81 -33.32 -2.09
N LYS F 310 -39.70 -33.72 -1.48
CA LYS F 310 -38.60 -34.34 -2.20
C LYS F 310 -39.10 -35.60 -2.90
N ARG F 311 -39.93 -36.38 -2.19
CA ARG F 311 -40.49 -37.61 -2.76
C ARG F 311 -41.40 -37.26 -3.94
N GLY F 312 -42.22 -36.24 -3.75
CA GLY F 312 -43.10 -35.82 -4.82
C GLY F 312 -42.28 -35.44 -6.05
N ALA F 313 -41.15 -34.78 -5.80
CA ALA F 313 -40.26 -34.35 -6.89
C ALA F 313 -39.66 -35.53 -7.64
N ASP F 314 -39.12 -36.49 -6.90
CA ASP F 314 -38.52 -37.67 -7.54
C ASP F 314 -39.58 -38.43 -8.34
N PHE F 315 -40.80 -38.47 -7.81
CA PHE F 315 -41.89 -39.16 -8.48
C PHE F 315 -42.27 -38.52 -9.80
N LEU F 316 -42.67 -37.26 -9.75
CA LEU F 316 -43.10 -36.54 -10.95
C LEU F 316 -42.03 -36.55 -12.05
N ALA F 317 -40.77 -36.51 -11.66
CA ALA F 317 -39.72 -36.50 -12.66
C ALA F 317 -39.69 -37.79 -13.47
N SER F 318 -39.74 -38.94 -12.81
CA SER F 318 -39.69 -40.20 -13.56
C SER F 318 -41.02 -40.43 -14.26
N PHE F 319 -42.07 -39.83 -13.73
CA PHE F 319 -43.40 -39.92 -14.32
C PHE F 319 -43.33 -39.32 -15.73
N LEU F 320 -42.75 -38.13 -15.82
CA LEU F 320 -42.61 -37.45 -17.10
C LEU F 320 -41.55 -38.09 -17.99
N SER F 321 -40.54 -38.71 -17.39
CA SER F 321 -39.47 -39.32 -18.17
C SER F 321 -39.89 -40.58 -18.91
N GLU F 322 -40.96 -41.24 -18.45
CA GLU F 322 -41.41 -42.46 -19.11
C GLU F 322 -42.38 -42.07 -20.22
N LYS F 323 -42.83 -40.82 -20.20
CA LYS F 323 -43.72 -40.31 -21.24
C LYS F 323 -42.84 -39.60 -22.25
N GLU F 324 -41.54 -39.85 -22.11
CA GLU F 324 -40.50 -39.30 -22.97
C GLU F 324 -40.18 -37.81 -22.96
N PHE F 325 -40.64 -37.09 -21.94
CA PHE F 325 -40.30 -35.68 -21.81
C PHE F 325 -38.92 -35.64 -21.16
N PRO F 326 -37.93 -35.02 -21.80
CA PRO F 326 -36.58 -34.94 -21.21
C PRO F 326 -36.69 -34.21 -19.87
N THR F 327 -36.64 -34.98 -18.80
CA THR F 327 -36.78 -34.41 -17.48
C THR F 327 -35.71 -34.81 -16.48
N THR F 328 -35.41 -33.89 -15.57
CA THR F 328 -34.44 -34.11 -14.52
C THR F 328 -35.05 -33.47 -13.30
N SER F 329 -34.35 -33.50 -12.19
CA SER F 329 -34.92 -32.94 -10.97
C SER F 329 -33.87 -32.46 -9.99
N ILE F 330 -34.28 -31.57 -9.09
CA ILE F 330 -33.34 -31.10 -8.10
C ILE F 330 -34.10 -30.99 -6.78
N HIS F 331 -33.54 -31.65 -5.77
CA HIS F 331 -34.08 -31.63 -4.40
C HIS F 331 -33.07 -32.26 -3.43
N GLY F 332 -33.32 -32.07 -2.15
CA GLY F 332 -32.43 -32.58 -1.11
C GLY F 332 -32.04 -34.05 -1.07
N ASP F 333 -32.88 -34.96 -1.54
CA ASP F 333 -32.51 -36.37 -1.51
C ASP F 333 -31.65 -36.81 -2.67
N ARG F 334 -31.24 -35.90 -3.55
CA ARG F 334 -30.38 -36.32 -4.65
C ARG F 334 -28.95 -36.05 -4.21
N LEU F 335 -27.97 -36.73 -4.81
CA LEU F 335 -26.57 -36.48 -4.45
C LEU F 335 -26.23 -35.08 -4.96
N GLN F 336 -25.36 -34.37 -4.24
CA GLN F 336 -24.96 -33.02 -4.64
C GLN F 336 -24.44 -32.99 -6.07
N SER F 337 -23.68 -34.01 -6.44
CA SER F 337 -23.16 -34.06 -7.80
C SER F 337 -24.33 -34.14 -8.79
N GLN F 338 -25.44 -34.75 -8.36
CA GLN F 338 -26.62 -34.90 -9.20
C GLN F 338 -27.42 -33.60 -9.26
N ARG F 339 -27.46 -32.89 -8.13
CA ARG F 339 -28.16 -31.63 -8.11
C ARG F 339 -27.46 -30.67 -9.06
N GLU F 340 -26.14 -30.67 -9.01
CA GLU F 340 -25.37 -29.79 -9.86
C GLU F 340 -25.43 -30.16 -11.34
N GLN F 341 -25.50 -31.46 -11.63
CA GLN F 341 -25.58 -31.93 -13.02
C GLN F 341 -26.96 -31.62 -13.61
N ALA F 342 -27.98 -31.62 -12.76
CA ALA F 342 -29.35 -31.34 -13.20
C ALA F 342 -29.54 -29.91 -13.70
N LEU F 343 -28.79 -28.98 -13.11
CA LEU F 343 -28.89 -27.59 -13.56
C LEU F 343 -28.00 -27.47 -14.78
N ARG F 344 -26.85 -28.13 -14.71
CA ARG F 344 -25.92 -28.11 -15.82
C ARG F 344 -26.60 -28.65 -17.09
N ASP F 345 -27.44 -29.67 -16.94
CA ASP F 345 -28.15 -30.25 -18.09
C ASP F 345 -29.33 -29.36 -18.48
N PHE F 346 -29.94 -28.69 -17.52
CA PHE F 346 -31.07 -27.83 -17.81
C PHE F 346 -30.59 -26.53 -18.44
N LYS F 347 -29.36 -26.16 -18.14
CA LYS F 347 -28.80 -24.93 -18.69
C LYS F 347 -28.30 -25.11 -20.12
N ASN F 348 -27.67 -26.25 -20.40
CA ASN F 348 -27.17 -26.49 -21.73
C ASN F 348 -28.24 -27.00 -22.69
N GLY F 349 -29.51 -26.95 -22.27
CA GLY F 349 -30.59 -27.40 -23.13
C GLY F 349 -30.85 -28.90 -23.16
N SER F 350 -29.86 -29.68 -22.73
CA SER F 350 -29.95 -31.14 -22.69
C SER F 350 -31.27 -31.68 -22.14
N MET F 351 -31.81 -30.98 -21.14
CA MET F 351 -33.08 -31.36 -20.52
C MET F 351 -34.03 -30.21 -20.76
N LYS F 352 -35.32 -30.47 -20.75
CA LYS F 352 -36.30 -29.42 -21.00
C LYS F 352 -37.16 -29.13 -19.78
N VAL F 353 -37.43 -30.14 -18.97
CA VAL F 353 -38.26 -29.93 -17.79
C VAL F 353 -37.46 -30.21 -16.53
N LEU F 354 -37.59 -29.32 -15.55
CA LEU F 354 -36.87 -29.48 -14.28
C LEU F 354 -37.90 -29.55 -13.17
N ILE F 355 -37.85 -30.63 -12.40
CA ILE F 355 -38.78 -30.81 -11.29
C ILE F 355 -38.04 -30.38 -10.03
N ALA F 356 -38.65 -29.47 -9.28
CA ALA F 356 -37.95 -29.00 -8.10
C ALA F 356 -38.79 -28.74 -6.88
N THR F 357 -38.14 -28.92 -5.73
CA THR F 357 -38.73 -28.60 -4.44
C THR F 357 -38.36 -27.13 -4.33
N SER F 358 -38.77 -26.49 -3.23
CA SER F 358 -38.43 -25.08 -3.08
C SER F 358 -36.92 -24.88 -2.93
N VAL F 359 -36.13 -25.93 -3.01
CA VAL F 359 -34.69 -25.76 -2.92
C VAL F 359 -34.23 -24.79 -4.02
N ALA F 360 -34.97 -24.77 -5.12
CA ALA F 360 -34.63 -23.92 -6.26
C ALA F 360 -35.57 -22.73 -6.41
N SER F 361 -36.28 -22.37 -5.34
CA SER F 361 -37.21 -21.26 -5.44
C SER F 361 -36.59 -19.88 -5.31
N ARG F 362 -35.43 -19.79 -4.65
CA ARG F 362 -34.78 -18.50 -4.44
C ARG F 362 -33.51 -18.21 -5.24
N GLY F 363 -33.40 -16.96 -5.69
CA GLY F 363 -32.23 -16.46 -6.38
C GLY F 363 -31.56 -17.11 -7.57
N LEU F 364 -31.87 -18.36 -7.88
CA LEU F 364 -31.23 -19.01 -9.02
C LEU F 364 -31.54 -18.18 -10.27
N ASP F 365 -30.50 -17.91 -11.06
CA ASP F 365 -30.61 -17.09 -12.27
C ASP F 365 -30.31 -17.95 -13.50
N ILE F 366 -31.36 -18.47 -14.13
CA ILE F 366 -31.20 -19.35 -15.28
C ILE F 366 -31.92 -18.83 -16.53
N LYS F 367 -31.15 -18.60 -17.59
CA LYS F 367 -31.65 -18.06 -18.86
C LYS F 367 -32.72 -18.94 -19.51
N ASN F 368 -32.52 -20.25 -19.46
CA ASN F 368 -33.46 -21.21 -20.06
C ASN F 368 -34.82 -21.31 -19.40
N ILE F 369 -34.96 -20.80 -18.18
CA ILE F 369 -36.25 -20.89 -17.53
C ILE F 369 -37.22 -19.92 -18.19
N LYS F 370 -38.14 -20.49 -18.99
CA LYS F 370 -39.13 -19.71 -19.69
C LYS F 370 -40.50 -19.83 -19.05
N HIS F 371 -40.75 -20.97 -18.42
CA HIS F 371 -42.04 -21.21 -17.77
C HIS F 371 -41.89 -21.75 -16.34
N VAL F 372 -42.63 -21.15 -15.40
CA VAL F 372 -42.59 -21.61 -14.02
C VAL F 372 -43.95 -22.20 -13.66
N ILE F 373 -43.97 -23.46 -13.20
CA ILE F 373 -45.23 -24.10 -12.84
C ILE F 373 -45.32 -24.52 -11.38
N ASN F 374 -46.24 -23.90 -10.63
CA ASN F 374 -46.42 -24.29 -9.24
C ASN F 374 -47.39 -25.48 -9.21
N TYR F 375 -46.86 -26.67 -9.42
CA TYR F 375 -47.65 -27.90 -9.39
C TYR F 375 -48.38 -27.97 -8.04
N ASP F 376 -47.72 -27.49 -6.99
CA ASP F 376 -48.29 -27.45 -5.65
C ASP F 376 -48.08 -26.03 -5.12
N MET F 377 -49.14 -25.40 -4.62
CA MET F 377 -49.00 -24.07 -4.06
C MET F 377 -48.19 -24.14 -2.77
N PRO F 378 -47.27 -23.20 -2.55
CA PRO F 378 -46.46 -23.23 -1.33
C PRO F 378 -47.33 -22.81 -0.16
N SER F 379 -46.89 -23.14 1.05
CA SER F 379 -47.63 -22.78 2.25
C SER F 379 -47.62 -21.28 2.53
N LYS F 380 -46.60 -20.59 2.05
CA LYS F 380 -46.53 -19.14 2.28
C LYS F 380 -46.46 -18.33 1.00
N ILE F 381 -47.05 -17.13 1.02
CA ILE F 381 -47.08 -16.30 -0.17
C ILE F 381 -45.66 -15.87 -0.64
N ASP F 382 -44.76 -15.59 0.29
CA ASP F 382 -43.42 -15.21 -0.11
C ASP F 382 -42.77 -16.27 -1.00
N ASP F 383 -43.01 -17.53 -0.71
CA ASP F 383 -42.39 -18.58 -1.50
C ASP F 383 -42.99 -18.60 -2.89
N TYR F 384 -44.24 -18.20 -3.02
CA TYR F 384 -44.88 -18.12 -4.33
C TYR F 384 -44.14 -17.05 -5.15
N VAL F 385 -43.89 -15.90 -4.53
CA VAL F 385 -43.21 -14.78 -5.18
C VAL F 385 -41.81 -15.13 -5.65
N HIS F 386 -41.06 -15.90 -4.88
CA HIS F 386 -39.72 -16.27 -5.27
C HIS F 386 -39.73 -17.28 -6.41
N ARG F 387 -40.65 -18.23 -6.33
CA ARG F 387 -40.78 -19.26 -7.34
C ARG F 387 -41.10 -18.68 -8.70
N ILE F 388 -42.13 -17.86 -8.80
CA ILE F 388 -42.48 -17.33 -10.12
C ILE F 388 -41.39 -16.40 -10.63
N GLY F 389 -40.59 -15.90 -9.70
CA GLY F 389 -39.47 -15.02 -10.03
C GLY F 389 -38.32 -15.74 -10.71
N ARG F 390 -38.40 -17.07 -10.86
CA ARG F 390 -37.31 -17.78 -11.54
C ARG F 390 -37.34 -17.42 -13.04
N THR F 391 -38.44 -16.82 -13.47
CA THR F 391 -38.59 -16.41 -14.87
C THR F 391 -38.83 -14.90 -14.88
N GLY F 392 -38.90 -14.31 -16.08
CA GLY F 392 -39.13 -12.87 -16.19
C GLY F 392 -38.11 -12.02 -15.47
N ARG F 393 -36.83 -12.31 -15.67
CA ARG F 393 -35.78 -11.55 -15.01
C ARG F 393 -35.18 -10.46 -15.90
N VAL F 394 -34.67 -9.42 -15.25
CA VAL F 394 -33.99 -8.31 -15.93
C VAL F 394 -34.84 -7.60 -16.98
N GLY F 395 -36.13 -7.47 -16.73
CA GLY F 395 -36.98 -6.79 -17.69
C GLY F 395 -37.50 -7.70 -18.80
N ASN F 396 -37.12 -8.97 -18.77
CA ASN F 396 -37.60 -9.92 -19.77
C ASN F 396 -38.97 -10.45 -19.34
N ASN F 397 -39.80 -10.86 -20.29
CA ASN F 397 -41.11 -11.42 -19.96
C ASN F 397 -40.91 -12.88 -19.56
N GLY F 398 -41.89 -13.43 -18.86
CA GLY F 398 -41.83 -14.82 -18.47
C GLY F 398 -43.26 -15.19 -18.10
N ARG F 399 -43.54 -16.49 -17.96
CA ARG F 399 -44.89 -16.92 -17.57
C ARG F 399 -44.88 -17.92 -16.41
N ALA F 400 -45.91 -17.83 -15.57
CA ALA F 400 -46.05 -18.71 -14.43
C ALA F 400 -47.44 -19.33 -14.37
N THR F 401 -47.49 -20.63 -14.18
CA THR F 401 -48.76 -21.37 -14.10
C THR F 401 -48.83 -22.04 -12.72
N SER F 402 -49.86 -21.71 -11.94
CA SER F 402 -50.01 -22.29 -10.62
C SER F 402 -51.29 -23.13 -10.50
N PHE F 403 -51.18 -24.29 -9.85
CA PHE F 403 -52.34 -25.17 -9.64
C PHE F 403 -52.87 -24.92 -8.24
N PHE F 404 -54.02 -24.27 -8.17
CA PHE F 404 -54.64 -23.96 -6.89
C PHE F 404 -55.56 -25.11 -6.46
N ASP F 405 -55.34 -25.64 -5.25
CA ASP F 405 -56.16 -26.73 -4.73
C ASP F 405 -57.20 -26.17 -3.78
N PRO F 406 -58.45 -26.05 -4.25
CA PRO F 406 -59.52 -25.50 -3.40
C PRO F 406 -59.60 -26.15 -2.03
N GLU F 407 -59.25 -27.43 -1.96
CA GLU F 407 -59.28 -28.17 -0.71
C GLU F 407 -58.13 -27.82 0.22
N LYS F 408 -56.91 -27.84 -0.32
CA LYS F 408 -55.70 -27.59 0.47
C LYS F 408 -55.17 -26.17 0.56
N ASP F 409 -55.29 -25.41 -0.53
CA ASP F 409 -54.74 -24.06 -0.57
C ASP F 409 -55.65 -22.91 -0.15
N ARG F 410 -56.61 -23.20 0.69
CA ARG F 410 -57.56 -22.18 1.15
C ARG F 410 -56.96 -20.97 1.86
N ALA F 411 -56.07 -21.22 2.82
CA ALA F 411 -55.46 -20.13 3.58
C ALA F 411 -54.56 -19.17 2.81
N ILE F 412 -54.16 -19.52 1.59
CA ILE F 412 -53.29 -18.64 0.83
C ILE F 412 -53.98 -17.85 -0.28
N ALA F 413 -55.29 -18.04 -0.47
CA ALA F 413 -56.01 -17.33 -1.53
C ALA F 413 -56.00 -15.82 -1.36
N ALA F 414 -56.34 -15.35 -0.17
CA ALA F 414 -56.36 -13.92 0.10
C ALA F 414 -55.06 -13.25 -0.36
N ASP F 415 -53.93 -13.80 0.08
CA ASP F 415 -52.64 -13.25 -0.29
C ASP F 415 -52.34 -13.39 -1.78
N LEU F 416 -52.84 -14.45 -2.40
CA LEU F 416 -52.60 -14.65 -3.82
C LEU F 416 -53.35 -13.55 -4.59
N VAL F 417 -54.48 -13.12 -4.05
CA VAL F 417 -55.28 -12.08 -4.68
C VAL F 417 -54.47 -10.77 -4.69
N LYS F 418 -54.01 -10.36 -3.51
CA LYS F 418 -53.23 -9.14 -3.39
C LYS F 418 -51.95 -9.20 -4.24
N ILE F 419 -51.25 -10.34 -4.26
CA ILE F 419 -50.05 -10.42 -5.07
C ILE F 419 -50.40 -10.23 -6.55
N LEU F 420 -51.51 -10.85 -6.99
CA LEU F 420 -51.93 -10.73 -8.39
C LEU F 420 -52.25 -9.28 -8.74
N GLU F 421 -53.06 -8.65 -7.91
CA GLU F 421 -53.44 -7.26 -8.14
C GLU F 421 -52.21 -6.36 -8.15
N GLY F 422 -51.43 -6.42 -7.07
CA GLY F 422 -50.24 -5.59 -6.94
C GLY F 422 -49.26 -5.71 -8.10
N SER F 423 -49.43 -6.71 -8.96
CA SER F 423 -48.54 -6.87 -10.09
C SER F 423 -49.25 -6.83 -11.45
N GLY F 424 -50.47 -6.30 -11.44
CA GLY F 424 -51.25 -6.18 -12.66
C GLY F 424 -51.54 -7.51 -13.33
N GLN F 425 -52.34 -8.34 -12.68
CA GLN F 425 -52.68 -9.64 -13.23
C GLN F 425 -54.16 -9.85 -12.95
N THR F 426 -54.83 -10.55 -13.85
CA THR F 426 -56.25 -10.82 -13.70
C THR F 426 -56.41 -11.76 -12.51
N VAL F 427 -57.46 -11.54 -11.72
CA VAL F 427 -57.72 -12.36 -10.56
C VAL F 427 -58.85 -13.33 -10.84
N PRO F 428 -58.53 -14.62 -11.03
CA PRO F 428 -59.59 -15.59 -11.29
C PRO F 428 -60.69 -15.41 -10.22
N ASP F 429 -61.93 -15.67 -10.62
CA ASP F 429 -63.08 -15.53 -9.75
C ASP F 429 -63.08 -16.45 -8.54
N PHE F 430 -62.71 -17.70 -8.76
CA PHE F 430 -62.71 -18.70 -7.69
C PHE F 430 -61.83 -18.38 -6.48
N LEU F 431 -60.85 -17.51 -6.65
CA LEU F 431 -59.96 -17.15 -5.55
C LEU F 431 -60.64 -16.24 -4.54
N ARG F 432 -61.70 -15.58 -4.98
CA ARG F 432 -62.44 -14.67 -4.11
C ARG F 432 -63.54 -15.39 -3.33
N TYR G 13 -12.89 38.12 -38.11
CA TYR G 13 -12.72 37.30 -36.87
C TYR G 13 -11.27 36.97 -36.60
N ILE G 14 -10.83 37.34 -35.41
CA ILE G 14 -9.47 37.10 -34.96
C ILE G 14 -9.59 36.23 -33.73
N PRO G 15 -9.13 34.98 -33.82
CA PRO G 15 -9.19 34.06 -32.68
C PRO G 15 -8.24 34.39 -31.55
N PRO G 16 -8.57 33.97 -30.32
CA PRO G 16 -7.74 34.23 -29.15
C PRO G 16 -6.32 33.73 -29.40
N GLU G 17 -5.33 34.47 -28.94
CA GLU G 17 -3.97 34.01 -29.13
C GLU G 17 -3.69 32.94 -28.09
N PRO G 18 -2.84 31.95 -28.42
CA PRO G 18 -2.59 30.92 -27.42
C PRO G 18 -1.73 31.47 -26.28
N SER G 19 -2.00 31.00 -25.07
CA SER G 19 -1.28 31.43 -23.89
C SER G 19 0.11 30.80 -23.82
N ASN G 20 1.01 31.46 -23.11
CA ASN G 20 2.37 30.98 -22.93
C ASN G 20 2.52 30.36 -21.56
N ASP G 21 1.44 30.38 -20.77
CA ASP G 21 1.46 29.80 -19.43
C ASP G 21 1.61 28.29 -19.54
N ALA G 22 2.66 27.77 -18.93
CA ALA G 22 2.94 26.35 -18.95
C ALA G 22 1.72 25.51 -18.54
N ILE G 23 0.96 26.00 -17.57
CA ILE G 23 -0.20 25.25 -17.11
C ILE G 23 -1.23 25.07 -18.22
N GLU G 24 -1.49 26.13 -18.98
CA GLU G 24 -2.45 26.08 -20.07
C GLU G 24 -1.91 25.28 -21.26
N ILE G 25 -0.64 25.50 -21.59
CA ILE G 25 -0.04 24.78 -22.69
C ILE G 25 -0.11 23.28 -22.48
N PHE G 26 0.12 22.82 -21.25
CA PHE G 26 0.04 21.40 -20.99
C PHE G 26 -1.33 20.98 -20.49
N SER G 27 -2.36 21.77 -20.80
CA SER G 27 -3.73 21.46 -20.36
C SER G 27 -4.49 20.43 -21.20
N SER G 28 -4.13 20.27 -22.48
CA SER G 28 -4.83 19.33 -23.34
C SER G 28 -4.42 17.90 -23.03
N GLY G 29 -5.00 16.94 -23.75
CA GLY G 29 -4.64 15.56 -23.53
C GLY G 29 -5.60 14.73 -22.72
N ILE G 30 -5.46 13.42 -22.87
CA ILE G 30 -6.29 12.45 -22.18
C ILE G 30 -5.35 11.47 -21.49
N ALA G 31 -5.49 11.36 -20.18
CA ALA G 31 -4.65 10.46 -19.37
C ALA G 31 -4.81 9.04 -19.88
N SER G 32 -3.71 8.29 -19.94
CA SER G 32 -3.80 6.92 -20.42
C SER G 32 -4.76 6.12 -19.53
N GLY G 33 -5.42 5.14 -20.14
CA GLY G 33 -6.38 4.36 -19.39
C GLY G 33 -5.95 2.96 -18.97
N ILE G 34 -6.88 2.27 -18.32
CA ILE G 34 -6.68 0.93 -17.80
C ILE G 34 -6.22 -0.09 -18.85
N HIS G 35 -6.54 0.17 -20.11
CA HIS G 35 -6.16 -0.76 -21.18
C HIS G 35 -4.92 -0.40 -21.98
N PHE G 36 -4.23 0.67 -21.58
CA PHE G 36 -3.04 1.12 -22.29
C PHE G 36 -2.02 0.00 -22.60
N SER G 37 -1.76 -0.87 -21.64
CA SER G 37 -0.79 -1.94 -21.86
C SER G 37 -1.23 -2.94 -22.91
N LYS G 38 -2.52 -3.01 -23.19
CA LYS G 38 -3.00 -3.95 -24.19
C LYS G 38 -2.59 -3.56 -25.61
N TYR G 39 -2.03 -2.36 -25.76
CA TYR G 39 -1.53 -1.90 -27.08
C TYR G 39 -0.44 -2.84 -27.55
N ASN G 40 0.26 -3.44 -26.59
CA ASN G 40 1.35 -4.36 -26.86
C ASN G 40 0.90 -5.62 -27.55
N ASN G 41 -0.37 -5.95 -27.41
CA ASN G 41 -0.86 -7.17 -28.03
C ASN G 41 -1.36 -7.02 -29.44
N ILE G 42 -1.37 -5.79 -29.96
CA ILE G 42 -1.87 -5.59 -31.31
C ILE G 42 -0.84 -5.96 -32.36
N PRO G 43 -1.21 -6.85 -33.29
CA PRO G 43 -0.29 -7.27 -34.36
C PRO G 43 0.26 -6.03 -35.09
N VAL G 44 1.55 -6.03 -35.39
CA VAL G 44 2.20 -4.93 -36.09
C VAL G 44 2.79 -5.40 -37.42
N LYS G 45 2.47 -4.70 -38.50
CA LYS G 45 2.99 -5.02 -39.82
C LYS G 45 3.82 -3.84 -40.32
N VAL G 46 5.03 -4.10 -40.77
CA VAL G 46 5.91 -3.06 -41.31
C VAL G 46 6.43 -3.52 -42.67
N THR G 47 6.40 -2.63 -43.66
CA THR G 47 6.87 -2.98 -45.00
C THR G 47 7.76 -1.90 -45.58
N GLY G 48 8.74 -2.32 -46.37
CA GLY G 48 9.67 -1.39 -47.01
C GLY G 48 11.09 -1.92 -47.01
N SER G 49 11.98 -1.23 -47.72
CA SER G 49 13.38 -1.62 -47.79
C SER G 49 14.13 -1.14 -46.54
N ASP G 50 14.93 -2.05 -45.96
CA ASP G 50 15.69 -1.80 -44.75
C ASP G 50 15.06 -0.72 -43.89
N VAL G 51 14.11 -1.15 -43.09
CA VAL G 51 13.40 -0.25 -42.23
C VAL G 51 14.12 -0.09 -40.91
N PRO G 52 14.28 1.15 -40.43
CA PRO G 52 14.95 1.39 -39.16
C PRO G 52 14.17 0.63 -38.10
N GLN G 53 14.86 0.06 -37.12
CA GLN G 53 14.17 -0.70 -36.08
C GLN G 53 13.37 0.19 -35.15
N PRO G 54 12.27 -0.36 -34.60
CA PRO G 54 11.37 0.33 -33.67
C PRO G 54 12.10 0.75 -32.42
N ILE G 55 11.76 1.90 -31.87
CA ILE G 55 12.39 2.28 -30.62
C ILE G 55 11.45 1.74 -29.56
N GLN G 56 11.91 1.66 -28.32
CA GLN G 56 11.06 1.14 -27.24
C GLN G 56 10.83 2.17 -26.14
N HIS G 57 11.64 3.22 -26.10
CA HIS G 57 11.51 4.24 -25.07
C HIS G 57 11.79 5.60 -25.67
N PHE G 58 11.23 6.63 -25.06
CA PHE G 58 11.44 7.98 -25.54
C PHE G 58 12.89 8.44 -25.34
N THR G 59 13.50 7.97 -24.25
CA THR G 59 14.88 8.34 -23.94
C THR G 59 15.92 7.62 -24.79
N SER G 60 15.47 6.78 -25.70
CA SER G 60 16.39 6.07 -26.58
C SER G 60 15.87 6.17 -28.00
N ALA G 61 15.34 7.34 -28.35
CA ALA G 61 14.77 7.59 -29.66
C ALA G 61 15.51 8.67 -30.46
N ASP G 62 16.68 9.08 -29.97
CA ASP G 62 17.45 10.11 -30.67
C ASP G 62 16.73 11.46 -30.68
N LEU G 63 15.83 11.67 -29.73
CA LEU G 63 15.11 12.93 -29.65
C LEU G 63 15.91 13.95 -28.85
N ARG G 64 15.72 15.22 -29.17
CA ARG G 64 16.40 16.30 -28.47
C ARG G 64 15.98 16.37 -27.00
N ASP G 65 16.90 16.80 -26.15
CA ASP G 65 16.62 16.90 -24.73
C ASP G 65 15.37 17.73 -24.41
N ILE G 66 15.25 18.89 -25.04
CA ILE G 66 14.11 19.73 -24.76
C ILE G 66 12.80 19.04 -25.18
N ILE G 67 12.85 18.23 -26.24
CA ILE G 67 11.66 17.53 -26.67
C ILE G 67 11.32 16.41 -25.67
N ILE G 68 12.33 15.69 -25.19
CA ILE G 68 12.04 14.67 -24.22
C ILE G 68 11.49 15.33 -22.95
N ASP G 69 12.02 16.50 -22.59
CA ASP G 69 11.52 17.20 -21.41
C ASP G 69 10.02 17.47 -21.55
N ASN G 70 9.61 17.97 -22.70
CA ASN G 70 8.19 18.26 -22.91
C ASN G 70 7.33 16.99 -22.97
N VAL G 71 7.89 15.92 -23.50
CA VAL G 71 7.17 14.66 -23.55
C VAL G 71 6.90 14.29 -22.09
N ASN G 72 7.91 14.42 -21.24
CA ASN G 72 7.78 14.09 -19.82
C ASN G 72 6.70 14.94 -19.14
N LYS G 73 6.70 16.24 -19.41
CA LYS G 73 5.71 17.14 -18.83
C LYS G 73 4.32 16.90 -19.40
N SER G 74 4.25 16.15 -20.50
CA SER G 74 2.96 15.84 -21.11
C SER G 74 2.41 14.61 -20.41
N GLY G 75 3.27 14.00 -19.60
CA GLY G 75 2.87 12.83 -18.84
C GLY G 75 3.03 11.50 -19.55
N TYR G 76 3.63 11.47 -20.74
CA TYR G 76 3.80 10.22 -21.47
C TYR G 76 4.95 9.44 -20.82
N LYS G 77 4.75 8.13 -20.66
CA LYS G 77 5.78 7.28 -20.07
C LYS G 77 6.30 6.25 -21.07
N ILE G 78 5.41 5.73 -21.90
CA ILE G 78 5.78 4.70 -22.86
C ILE G 78 5.33 5.02 -24.27
N PRO G 79 6.20 4.83 -25.25
CA PRO G 79 5.75 5.13 -26.61
C PRO G 79 4.64 4.15 -27.00
N THR G 80 3.68 4.70 -27.72
CA THR G 80 2.55 3.96 -28.23
C THR G 80 3.10 3.11 -29.40
N PRO G 81 2.39 2.06 -29.82
CA PRO G 81 2.92 1.26 -30.94
C PRO G 81 3.27 2.02 -32.23
N ILE G 82 2.41 2.96 -32.62
CA ILE G 82 2.66 3.72 -33.84
C ILE G 82 3.88 4.65 -33.63
N GLN G 83 4.06 5.12 -32.40
CA GLN G 83 5.19 5.99 -32.10
C GLN G 83 6.52 5.19 -32.15
N LYS G 84 6.49 3.94 -31.69
CA LYS G 84 7.67 3.08 -31.71
C LYS G 84 8.17 2.80 -33.13
N CYS G 85 7.25 2.50 -34.05
CA CYS G 85 7.63 2.22 -35.42
C CYS G 85 7.92 3.47 -36.25
N SER G 86 7.06 4.49 -36.10
CA SER G 86 7.18 5.72 -36.89
C SER G 86 8.32 6.67 -36.58
N ILE G 87 8.56 6.91 -35.29
CA ILE G 87 9.62 7.84 -34.87
C ILE G 87 10.98 7.62 -35.53
N PRO G 88 11.55 6.40 -35.45
CA PRO G 88 12.85 6.19 -36.08
C PRO G 88 12.82 6.28 -37.60
N VAL G 89 11.69 5.93 -38.20
CA VAL G 89 11.55 5.99 -39.64
C VAL G 89 11.62 7.45 -40.14
N ILE G 90 10.95 8.34 -39.42
CA ILE G 90 10.93 9.74 -39.80
C ILE G 90 12.30 10.38 -39.54
N SER G 91 12.93 10.00 -38.44
CA SER G 91 14.27 10.51 -38.08
C SER G 91 15.33 10.13 -39.10
N SER G 92 15.20 8.93 -39.65
CA SER G 92 16.12 8.44 -40.66
C SER G 92 15.88 9.14 -41.97
N GLY G 93 14.83 9.96 -42.02
CA GLY G 93 14.55 10.71 -43.24
C GLY G 93 13.75 10.02 -44.33
N ARG G 94 13.02 8.97 -43.97
CA ARG G 94 12.21 8.22 -44.93
C ARG G 94 10.75 8.68 -45.02
N ASP G 95 10.13 8.39 -46.17
CA ASP G 95 8.73 8.69 -46.38
C ASP G 95 7.93 7.62 -45.64
N LEU G 96 6.73 7.95 -45.19
CA LEU G 96 5.96 7.00 -44.38
C LEU G 96 4.44 7.06 -44.52
N MET G 97 3.81 5.89 -44.52
CA MET G 97 2.35 5.76 -44.57
C MET G 97 2.09 4.95 -43.31
N ALA G 98 1.39 5.55 -42.35
CA ALA G 98 1.15 4.88 -41.09
C ALA G 98 -0.31 4.74 -40.75
N CYS G 99 -0.70 3.53 -40.37
CA CYS G 99 -2.09 3.26 -40.02
C CYS G 99 -2.19 2.72 -38.60
N ALA G 100 -3.05 3.34 -37.80
CA ALA G 100 -3.25 2.94 -36.42
C ALA G 100 -4.60 3.48 -35.97
N GLN G 101 -5.26 2.72 -35.11
CA GLN G 101 -6.58 3.07 -34.61
C GLN G 101 -6.68 4.45 -33.96
N THR G 102 -7.91 4.95 -33.92
CA THR G 102 -8.20 6.23 -33.32
C THR G 102 -7.73 6.27 -31.87
N GLY G 103 -7.27 7.45 -31.47
CA GLY G 103 -6.81 7.69 -30.12
C GLY G 103 -5.57 6.95 -29.66
N SER G 104 -4.66 6.63 -30.58
CA SER G 104 -3.48 5.89 -30.21
C SER G 104 -2.14 6.58 -30.43
N GLY G 105 -2.15 7.91 -30.45
CA GLY G 105 -0.91 8.67 -30.53
C GLY G 105 -0.24 8.96 -31.86
N LYS G 106 -0.99 9.04 -32.94
CA LYS G 106 -0.40 9.32 -34.24
C LYS G 106 0.15 10.74 -34.30
N THR G 107 -0.47 11.69 -33.62
CA THR G 107 0.02 13.07 -33.65
C THR G 107 1.46 13.20 -33.19
N ALA G 108 1.79 12.66 -32.02
CA ALA G 108 3.15 12.74 -31.49
C ALA G 108 4.06 11.85 -32.30
N ALA G 109 3.49 10.81 -32.90
CA ALA G 109 4.29 9.93 -33.72
C ALA G 109 4.98 10.75 -34.81
N PHE G 110 4.38 11.84 -35.27
CA PHE G 110 5.08 12.65 -36.28
C PHE G 110 5.66 13.96 -35.75
N LEU G 111 5.02 14.55 -34.74
CA LEU G 111 5.54 15.82 -34.20
C LEU G 111 6.88 15.71 -33.49
N LEU G 112 7.06 14.68 -32.68
CA LEU G 112 8.31 14.50 -31.93
C LEU G 112 9.52 14.34 -32.85
N PRO G 113 9.48 13.35 -33.75
CA PRO G 113 10.67 13.23 -34.59
C PRO G 113 10.95 14.48 -35.44
N ILE G 114 9.89 15.14 -35.89
CA ILE G 114 10.08 16.32 -36.73
C ILE G 114 10.59 17.52 -35.96
N LEU G 115 9.94 17.88 -34.87
CA LEU G 115 10.41 19.04 -34.11
C LEU G 115 11.85 18.78 -33.69
N SER G 116 12.17 17.51 -33.39
CA SER G 116 13.52 17.16 -32.99
C SER G 116 14.54 17.39 -34.11
N LYS G 117 14.22 16.91 -35.31
CA LYS G 117 15.11 17.09 -36.47
C LYS G 117 15.41 18.56 -36.74
N LEU G 118 14.41 19.42 -36.55
CA LEU G 118 14.55 20.85 -36.79
C LEU G 118 15.58 21.44 -35.85
N LEU G 119 15.62 20.93 -34.62
CA LEU G 119 16.55 21.40 -33.61
C LEU G 119 17.94 20.81 -33.88
N GLU G 120 17.97 19.54 -34.24
CA GLU G 120 19.22 18.83 -34.50
C GLU G 120 19.95 19.25 -35.79
N ASP G 121 19.19 19.56 -36.83
CA ASP G 121 19.78 19.97 -38.09
C ASP G 121 19.21 21.33 -38.44
N PRO G 122 19.51 22.35 -37.61
CA PRO G 122 19.02 23.72 -37.79
C PRO G 122 19.33 24.36 -39.13
N HIS G 123 18.40 25.20 -39.57
CA HIS G 123 18.53 25.97 -40.79
C HIS G 123 17.80 27.25 -40.52
N GLU G 124 18.30 28.32 -41.11
CA GLU G 124 17.73 29.64 -40.93
C GLU G 124 16.44 29.83 -41.71
N LEU G 125 15.44 30.41 -41.05
CA LEU G 125 14.17 30.67 -41.70
C LEU G 125 14.32 31.78 -42.74
N GLU G 126 13.49 31.71 -43.77
CA GLU G 126 13.46 32.71 -44.82
C GLU G 126 12.01 33.18 -44.82
N LEU G 127 11.77 34.43 -45.18
CA LEU G 127 10.42 34.98 -45.22
C LEU G 127 9.48 34.10 -46.03
N GLY G 128 8.35 33.73 -45.42
CA GLY G 128 7.34 32.91 -46.07
C GLY G 128 7.74 31.53 -46.54
N ARG G 129 8.72 30.93 -45.87
CA ARG G 129 9.17 29.61 -46.28
C ARG G 129 9.27 28.66 -45.07
N PRO G 130 8.15 28.02 -44.74
CA PRO G 130 8.13 27.09 -43.61
C PRO G 130 8.95 25.85 -43.92
N GLN G 131 9.50 25.26 -42.87
CA GLN G 131 10.30 24.07 -43.05
C GLN G 131 9.42 22.84 -42.93
N VAL G 132 8.30 22.98 -42.23
CA VAL G 132 7.34 21.90 -42.04
C VAL G 132 5.90 22.34 -42.36
N VAL G 133 5.22 21.59 -43.21
CA VAL G 133 3.84 21.89 -43.57
C VAL G 133 2.97 20.69 -43.18
N ILE G 134 2.02 20.93 -42.28
CA ILE G 134 1.11 19.87 -41.81
C ILE G 134 -0.30 20.26 -42.21
N VAL G 135 -0.94 19.42 -43.01
CA VAL G 135 -2.27 19.68 -43.53
C VAL G 135 -3.37 18.85 -42.86
N SER G 136 -4.49 19.50 -42.58
CA SER G 136 -5.64 18.87 -41.94
C SER G 136 -6.90 19.12 -42.75
N PRO G 137 -7.87 18.20 -42.70
CA PRO G 137 -9.10 18.41 -43.45
C PRO G 137 -10.09 19.31 -42.73
N THR G 138 -9.77 19.65 -41.49
CA THR G 138 -10.70 20.44 -40.69
C THR G 138 -10.03 21.59 -39.92
N ARG G 139 -10.74 22.69 -39.72
CA ARG G 139 -10.17 23.83 -39.00
C ARG G 139 -9.82 23.52 -37.54
N GLU G 140 -10.78 23.01 -36.79
CA GLU G 140 -10.53 22.71 -35.40
C GLU G 140 -9.46 21.66 -35.24
N LEU G 141 -9.30 20.75 -36.20
CA LEU G 141 -8.23 19.76 -36.04
C LEU G 141 -6.90 20.47 -36.28
N ALA G 142 -6.90 21.47 -37.16
CA ALA G 142 -5.68 22.22 -37.42
C ALA G 142 -5.29 22.91 -36.12
N ILE G 143 -6.24 23.59 -35.50
CA ILE G 143 -5.96 24.30 -34.26
C ILE G 143 -5.40 23.34 -33.21
N GLN G 144 -6.03 22.16 -33.11
CA GLN G 144 -5.59 21.16 -32.16
C GLN G 144 -4.13 20.73 -32.39
N ILE G 145 -3.78 20.41 -33.63
CA ILE G 145 -2.41 20.00 -33.94
C ILE G 145 -1.44 21.14 -33.61
N PHE G 146 -1.86 22.34 -33.99
CA PHE G 146 -1.10 23.55 -33.71
C PHE G 146 -0.73 23.60 -32.22
N ASN G 147 -1.73 23.45 -31.36
CA ASN G 147 -1.47 23.48 -29.92
C ASN G 147 -0.60 22.34 -29.43
N GLU G 148 -0.70 21.16 -30.04
CA GLU G 148 0.15 20.03 -29.65
C GLU G 148 1.60 20.35 -30.01
N ALA G 149 1.81 20.98 -31.16
CA ALA G 149 3.16 21.32 -31.56
C ALA G 149 3.74 22.32 -30.56
N ARG G 150 2.97 23.36 -30.23
CA ARG G 150 3.44 24.34 -29.25
C ARG G 150 3.78 23.65 -27.93
N LYS G 151 3.08 22.58 -27.63
CA LYS G 151 3.33 21.85 -26.40
C LYS G 151 4.65 21.12 -26.41
N PHE G 152 4.95 20.41 -27.49
CA PHE G 152 6.21 19.67 -27.55
C PHE G 152 7.37 20.59 -27.88
N ALA G 153 7.06 21.76 -28.42
CA ALA G 153 8.09 22.70 -28.77
C ALA G 153 8.28 23.70 -27.64
N PHE G 154 7.55 23.51 -26.55
CA PHE G 154 7.63 24.41 -25.40
C PHE G 154 9.04 24.76 -24.98
N GLU G 155 9.30 26.07 -24.94
CA GLU G 155 10.57 26.65 -24.56
C GLU G 155 11.76 26.31 -25.44
N SER G 156 11.49 26.01 -26.70
CA SER G 156 12.56 25.75 -27.65
C SER G 156 12.44 27.04 -28.47
N TYR G 157 13.25 27.25 -29.50
CA TYR G 157 13.10 28.50 -30.23
C TYR G 157 12.21 28.33 -31.46
N LEU G 158 11.67 27.12 -31.63
CA LEU G 158 10.82 26.84 -32.78
C LEU G 158 9.55 27.67 -32.80
N LYS G 159 9.19 28.15 -33.97
CA LYS G 159 8.01 28.96 -34.14
C LYS G 159 6.93 28.20 -34.88
N ILE G 160 5.78 28.05 -34.23
CA ILE G 160 4.68 27.30 -34.83
C ILE G 160 3.60 28.25 -35.32
N GLY G 161 3.20 28.09 -36.57
CA GLY G 161 2.18 28.96 -37.13
C GLY G 161 1.00 28.17 -37.66
N ILE G 162 -0.13 28.85 -37.80
CA ILE G 162 -1.31 28.20 -38.30
C ILE G 162 -2.03 29.08 -39.31
N VAL G 163 -2.67 28.44 -40.27
CA VAL G 163 -3.37 29.13 -41.32
C VAL G 163 -4.64 28.32 -41.63
N TYR G 164 -5.78 28.98 -41.53
CA TYR G 164 -7.08 28.34 -41.79
C TYR G 164 -8.21 29.37 -42.04
N GLY G 165 -9.24 28.94 -42.76
CA GLY G 165 -10.34 29.84 -43.09
C GLY G 165 -11.28 30.30 -41.98
N GLY G 166 -12.08 31.32 -42.29
CA GLY G 166 -13.04 31.85 -41.34
C GLY G 166 -12.38 32.82 -40.37
N THR G 167 -11.18 33.25 -40.70
CA THR G 167 -10.43 34.17 -39.86
C THR G 167 -9.88 35.31 -40.68
N SER G 168 -9.45 36.35 -39.98
CA SER G 168 -8.84 37.47 -40.65
C SER G 168 -7.59 37.01 -41.37
N PHE G 169 -7.58 37.15 -42.69
CA PHE G 169 -6.40 36.77 -43.46
C PHE G 169 -5.20 37.63 -43.02
N ARG G 170 -5.45 38.90 -42.72
CA ARG G 170 -4.39 39.84 -42.31
C ARG G 170 -3.70 39.39 -41.02
N HIS G 171 -4.49 39.05 -40.02
CA HIS G 171 -3.94 38.59 -38.76
C HIS G 171 -3.07 37.34 -38.92
N GLN G 172 -3.50 36.39 -39.73
CA GLN G 172 -2.72 35.16 -39.89
C GLN G 172 -1.44 35.43 -40.65
N ASN G 173 -1.50 36.37 -41.59
CA ASN G 173 -0.33 36.70 -42.38
C ASN G 173 0.71 37.37 -41.47
N GLU G 174 0.25 38.15 -40.51
CA GLU G 174 1.15 38.83 -39.58
C GLU G 174 1.95 37.79 -38.83
N CYS G 175 1.26 36.77 -38.36
CA CYS G 175 1.89 35.70 -37.63
C CYS G 175 2.84 34.93 -38.55
N ILE G 176 2.42 34.71 -39.79
CA ILE G 176 3.27 34.00 -40.76
C ILE G 176 4.50 34.85 -41.14
N THR G 177 4.29 36.15 -41.27
CA THR G 177 5.35 37.07 -41.66
C THR G 177 6.57 37.10 -40.75
N ARG G 178 6.38 37.02 -39.44
CA ARG G 178 7.54 37.02 -38.55
C ARG G 178 8.38 35.78 -38.86
N GLY G 179 7.77 34.80 -39.53
CA GLY G 179 8.49 33.59 -39.86
C GLY G 179 8.09 32.42 -38.99
N CYS G 180 7.95 31.25 -39.60
CA CYS G 180 7.54 30.07 -38.86
C CYS G 180 8.29 28.83 -39.34
N HIS G 181 8.76 28.01 -38.41
CA HIS G 181 9.47 26.77 -38.75
C HIS G 181 8.41 25.75 -39.16
N VAL G 182 7.27 25.78 -38.46
CA VAL G 182 6.15 24.87 -38.69
C VAL G 182 4.80 25.57 -38.96
N VAL G 183 4.14 25.21 -40.06
CA VAL G 183 2.84 25.78 -40.35
C VAL G 183 1.79 24.66 -40.42
N ILE G 184 0.74 24.76 -39.62
CA ILE G 184 -0.34 23.77 -39.66
C ILE G 184 -1.41 24.47 -40.49
N ALA G 185 -2.10 23.74 -41.36
CA ALA G 185 -3.09 24.41 -42.18
C ALA G 185 -4.17 23.56 -42.80
N THR G 186 -5.26 24.22 -43.18
CA THR G 186 -6.33 23.54 -43.89
C THR G 186 -6.00 23.92 -45.34
N PRO G 187 -6.38 23.08 -46.32
CA PRO G 187 -6.04 23.42 -47.71
C PRO G 187 -6.41 24.78 -48.28
N GLY G 188 -7.66 25.20 -48.11
CA GLY G 188 -8.10 26.47 -48.66
C GLY G 188 -7.24 27.67 -48.36
N ARG G 189 -7.13 28.00 -47.07
CA ARG G 189 -6.36 29.17 -46.68
C ARG G 189 -4.91 28.99 -47.08
N LEU G 190 -4.39 27.76 -47.01
CA LEU G 190 -3.01 27.52 -47.39
C LEU G 190 -2.80 27.95 -48.85
N LEU G 191 -3.67 27.48 -49.74
CA LEU G 191 -3.55 27.82 -51.16
C LEU G 191 -3.75 29.33 -51.41
N ASP G 192 -4.49 29.98 -50.53
CA ASP G 192 -4.74 31.41 -50.64
C ASP G 192 -3.38 32.11 -50.41
N PHE G 193 -2.66 31.66 -49.39
CA PHE G 193 -1.34 32.20 -49.06
C PHE G 193 -0.38 31.91 -50.21
N VAL G 194 -0.43 30.69 -50.72
CA VAL G 194 0.43 30.30 -51.84
C VAL G 194 0.16 31.09 -53.11
N ASP G 195 -1.12 31.28 -53.46
CA ASP G 195 -1.45 32.01 -54.67
C ASP G 195 -1.06 33.49 -54.59
N ARG G 196 -0.98 34.02 -53.38
CA ARG G 196 -0.58 35.41 -53.17
C ARG G 196 0.95 35.45 -53.07
N THR G 197 1.59 34.30 -53.20
CA THR G 197 3.04 34.17 -53.09
C THR G 197 3.58 34.53 -51.70
N PHE G 198 2.74 34.45 -50.67
CA PHE G 198 3.15 34.74 -49.30
C PHE G 198 3.75 33.51 -48.61
N ILE G 199 3.40 32.33 -49.11
CA ILE G 199 3.95 31.08 -48.59
C ILE G 199 4.50 30.31 -49.77
N THR G 200 5.72 29.82 -49.61
CA THR G 200 6.40 29.11 -50.67
C THR G 200 7.08 27.90 -50.03
N PHE G 201 7.32 26.85 -50.81
CA PHE G 201 7.87 25.62 -50.23
C PHE G 201 9.32 25.22 -50.51
N GLU G 202 10.19 26.19 -50.81
CA GLU G 202 11.61 25.88 -51.11
C GLU G 202 12.34 25.24 -49.93
N ASP G 203 12.02 25.68 -48.72
CA ASP G 203 12.67 25.14 -47.53
C ASP G 203 11.84 24.13 -46.77
N THR G 204 10.79 23.61 -47.39
CA THR G 204 9.94 22.62 -46.74
C THR G 204 10.61 21.24 -46.80
N ARG G 205 11.02 20.73 -45.65
CA ARG G 205 11.68 19.44 -45.58
C ARG G 205 10.69 18.35 -45.17
N PHE G 206 9.55 18.76 -44.62
CA PHE G 206 8.51 17.82 -44.19
C PHE G 206 7.12 18.28 -44.56
N VAL G 207 6.35 17.36 -45.13
CA VAL G 207 4.99 17.61 -45.51
C VAL G 207 4.23 16.48 -44.81
N VAL G 208 3.30 16.84 -43.94
CA VAL G 208 2.54 15.84 -43.22
C VAL G 208 1.07 15.93 -43.59
N LEU G 209 0.50 14.79 -43.98
CA LEU G 209 -0.92 14.74 -44.30
C LEU G 209 -1.53 13.96 -43.18
N ASP G 210 -2.16 14.66 -42.25
CA ASP G 210 -2.83 13.97 -41.17
C ASP G 210 -4.18 13.60 -41.78
N GLU G 211 -4.86 12.57 -41.25
CA GLU G 211 -6.13 12.14 -41.84
C GLU G 211 -5.90 12.03 -43.36
N ALA G 212 -4.74 11.48 -43.73
CA ALA G 212 -4.33 11.39 -45.14
C ALA G 212 -5.32 10.81 -46.13
N ASP G 213 -6.02 9.74 -45.78
CA ASP G 213 -6.94 9.17 -46.75
C ASP G 213 -8.00 10.19 -47.11
N ARG G 214 -8.39 11.02 -46.14
CA ARG G 214 -9.38 12.06 -46.41
C ARG G 214 -8.75 13.18 -47.27
N MET G 215 -7.49 13.54 -47.01
CA MET G 215 -6.84 14.59 -47.79
C MET G 215 -6.58 14.16 -49.22
N LEU G 216 -6.64 12.87 -49.50
CA LEU G 216 -6.37 12.35 -50.83
C LEU G 216 -7.62 11.90 -51.59
N ASP G 217 -8.77 11.89 -50.92
CA ASP G 217 -9.98 11.48 -51.62
C ASP G 217 -10.41 12.59 -52.57
N MET G 218 -11.44 12.30 -53.37
CA MET G 218 -11.95 13.23 -54.38
C MET G 218 -12.11 14.67 -53.97
N GLY G 219 -12.74 14.93 -52.83
CA GLY G 219 -12.96 16.30 -52.41
C GLY G 219 -11.71 17.15 -52.26
N PHE G 220 -10.66 16.60 -51.67
CA PHE G 220 -9.42 17.34 -51.44
C PHE G 220 -8.30 17.08 -52.44
N SER G 221 -8.41 16.04 -53.28
CA SER G 221 -7.31 15.69 -54.18
C SER G 221 -6.70 16.80 -55.04
N GLU G 222 -7.52 17.62 -55.68
CA GLU G 222 -6.97 18.70 -56.51
C GLU G 222 -6.03 19.62 -55.72
N ASP G 223 -6.57 20.23 -54.66
CA ASP G 223 -5.82 21.14 -53.82
C ASP G 223 -4.59 20.46 -53.26
N MET G 224 -4.77 19.23 -52.84
CA MET G 224 -3.68 18.47 -52.28
C MET G 224 -2.60 18.34 -53.35
N ARG G 225 -3.02 18.07 -54.58
CA ARG G 225 -2.05 17.95 -55.67
C ARG G 225 -1.36 19.28 -55.94
N ARG G 226 -2.11 20.39 -55.89
CA ARG G 226 -1.52 21.71 -56.14
C ARG G 226 -0.45 22.08 -55.11
N ILE G 227 -0.61 21.58 -53.89
CA ILE G 227 0.35 21.87 -52.83
C ILE G 227 1.61 21.02 -53.02
N MET G 228 1.39 19.71 -53.04
CA MET G 228 2.47 18.73 -53.18
C MET G 228 3.36 18.90 -54.40
N THR G 229 2.73 19.16 -55.53
CA THR G 229 3.37 19.32 -56.81
C THR G 229 3.67 20.79 -57.16
N HIS G 230 3.58 21.67 -56.17
CA HIS G 230 3.84 23.08 -56.42
C HIS G 230 5.23 23.32 -56.98
N VAL G 231 5.36 24.37 -57.80
CA VAL G 231 6.62 24.72 -58.44
C VAL G 231 7.77 24.98 -57.46
N THR G 232 7.47 25.63 -56.35
CA THR G 232 8.48 25.94 -55.34
C THR G 232 8.78 24.80 -54.35
N MET G 233 8.08 23.68 -54.47
CA MET G 233 8.30 22.55 -53.56
C MET G 233 9.72 21.98 -53.60
N ARG G 234 10.42 22.08 -52.46
CA ARG G 234 11.77 21.56 -52.34
C ARG G 234 11.79 20.14 -52.92
N PRO G 235 12.66 19.89 -53.92
CA PRO G 235 12.76 18.57 -54.55
C PRO G 235 12.91 17.43 -53.54
N GLU G 236 13.80 17.59 -52.56
CA GLU G 236 13.98 16.55 -51.57
C GLU G 236 13.31 16.90 -50.24
N HIS G 237 12.18 16.26 -49.97
CA HIS G 237 11.46 16.47 -48.74
C HIS G 237 10.82 15.15 -48.35
N GLN G 238 10.52 14.99 -47.07
CA GLN G 238 9.87 13.79 -46.62
C GLN G 238 8.38 14.04 -46.66
N THR G 239 7.61 13.02 -47.02
CA THR G 239 6.17 13.12 -47.02
C THR G 239 5.70 12.06 -46.04
N LEU G 240 4.87 12.46 -45.09
CA LEU G 240 4.35 11.54 -44.10
C LEU G 240 2.82 11.57 -44.12
N MET G 241 2.20 10.40 -44.08
CA MET G 241 0.75 10.27 -44.13
C MET G 241 0.25 9.38 -43.00
N PHE G 242 -0.67 9.90 -42.21
CA PHE G 242 -1.24 9.18 -41.07
C PHE G 242 -2.74 9.18 -41.11
N SER G 243 -3.33 8.07 -40.68
CA SER G 243 -4.77 7.91 -40.58
C SER G 243 -5.13 6.59 -39.92
N ALA G 244 -6.36 6.53 -39.38
CA ALA G 244 -6.90 5.33 -38.77
C ALA G 244 -7.60 4.48 -39.84
N THR G 245 -7.84 5.06 -41.02
CA THR G 245 -8.44 4.35 -42.14
C THR G 245 -7.63 4.64 -43.39
N PHE G 246 -7.69 3.73 -44.36
CA PHE G 246 -6.94 3.89 -45.59
C PHE G 246 -7.41 2.87 -46.61
N PRO G 247 -8.41 3.22 -47.43
CA PRO G 247 -8.92 2.32 -48.46
C PRO G 247 -7.78 2.01 -49.45
N GLU G 248 -7.76 0.78 -49.97
CA GLU G 248 -6.72 0.36 -50.90
C GLU G 248 -6.54 1.31 -52.08
N GLU G 249 -7.63 1.81 -52.64
CA GLU G 249 -7.50 2.72 -53.79
C GLU G 249 -6.80 4.02 -53.41
N ILE G 250 -6.94 4.44 -52.16
CA ILE G 250 -6.29 5.68 -51.76
C ILE G 250 -4.84 5.36 -51.39
N GLN G 251 -4.57 4.15 -50.95
CA GLN G 251 -3.19 3.77 -50.66
C GLN G 251 -2.45 3.74 -51.98
N ARG G 252 -3.12 3.26 -53.03
CA ARG G 252 -2.50 3.22 -54.35
C ARG G 252 -2.19 4.64 -54.82
N MET G 253 -3.16 5.54 -54.65
CA MET G 253 -2.98 6.93 -55.06
C MET G 253 -1.88 7.66 -54.30
N ALA G 254 -1.82 7.43 -53.00
CA ALA G 254 -0.83 8.09 -52.16
C ALA G 254 0.58 7.89 -52.66
N GLY G 255 0.83 6.71 -53.20
CA GLY G 255 2.14 6.36 -53.70
C GLY G 255 2.67 7.38 -54.67
N GLU G 256 1.78 8.12 -55.30
CA GLU G 256 2.23 9.11 -56.26
C GLU G 256 2.93 10.28 -55.57
N PHE G 257 2.91 10.29 -54.24
CA PHE G 257 3.55 11.37 -53.49
C PHE G 257 4.55 10.87 -52.46
N LEU G 258 4.79 9.58 -52.47
CA LEU G 258 5.73 8.98 -51.53
C LEU G 258 6.91 8.41 -52.28
N LYS G 259 8.09 8.50 -51.68
CA LYS G 259 9.30 7.97 -52.32
C LYS G 259 9.86 6.81 -51.51
N ASN G 260 9.88 5.61 -52.11
CA ASN G 260 10.43 4.43 -51.43
C ASN G 260 9.96 4.48 -49.99
N TYR G 261 8.65 4.54 -49.79
CA TYR G 261 8.13 4.67 -48.44
C TYR G 261 8.01 3.42 -47.59
N VAL G 262 8.04 3.64 -46.29
CA VAL G 262 7.87 2.58 -45.31
C VAL G 262 6.38 2.55 -44.99
N PHE G 263 5.79 1.35 -44.93
CA PHE G 263 4.38 1.21 -44.59
C PHE G 263 4.23 0.58 -43.21
N VAL G 264 3.47 1.20 -42.31
CA VAL G 264 3.24 0.54 -41.04
C VAL G 264 1.77 0.57 -40.65
N ALA G 265 1.32 -0.59 -40.19
CA ALA G 265 -0.05 -0.77 -39.75
C ALA G 265 -0.09 -1.45 -38.41
N ILE G 266 -0.70 -0.79 -37.44
CA ILE G 266 -0.86 -1.36 -36.11
C ILE G 266 -2.26 -1.95 -36.13
N GLY G 267 -2.38 -3.27 -36.15
CA GLY G 267 -3.71 -3.85 -36.19
C GLY G 267 -4.27 -3.84 -37.61
N ILE G 268 -5.54 -4.19 -37.75
CA ILE G 268 -6.20 -4.20 -39.06
C ILE G 268 -6.45 -2.78 -39.55
N VAL G 269 -6.04 -2.48 -40.77
CA VAL G 269 -6.25 -1.15 -41.32
C VAL G 269 -7.73 -0.81 -41.39
N GLY G 270 -8.08 0.38 -40.92
CA GLY G 270 -9.48 0.78 -40.94
C GLY G 270 -10.30 0.12 -39.85
N GLY G 271 -9.63 -0.62 -38.96
CA GLY G 271 -10.35 -1.27 -37.89
C GLY G 271 -10.83 -0.32 -36.79
N ALA G 272 -11.96 -0.64 -36.18
CA ALA G 272 -12.51 0.17 -35.12
C ALA G 272 -11.71 -0.05 -33.84
N CYS G 273 -11.71 0.95 -32.97
CA CYS G 273 -10.99 0.82 -31.71
C CYS G 273 -11.80 -0.08 -30.77
N SER G 274 -11.24 -1.20 -30.36
CA SER G 274 -11.98 -2.13 -29.50
C SER G 274 -12.39 -1.60 -28.12
N ASP G 275 -11.79 -0.50 -27.67
CA ASP G 275 -12.14 0.07 -26.37
C ASP G 275 -13.47 0.81 -26.40
N VAL G 276 -14.02 0.95 -27.59
CA VAL G 276 -15.29 1.63 -27.74
C VAL G 276 -16.37 0.55 -27.82
N LYS G 277 -17.22 0.51 -26.79
CA LYS G 277 -18.32 -0.46 -26.72
C LYS G 277 -19.37 0.01 -27.74
N GLN G 278 -19.63 -0.81 -28.74
CA GLN G 278 -20.56 -0.40 -29.77
C GLN G 278 -21.93 -1.02 -29.72
N THR G 279 -22.93 -0.15 -29.67
CA THR G 279 -24.31 -0.59 -29.65
C THR G 279 -25.03 -0.06 -30.89
N ILE G 280 -25.74 -0.95 -31.56
CA ILE G 280 -26.48 -0.59 -32.76
C ILE G 280 -27.96 -0.86 -32.52
N TYR G 281 -28.79 0.18 -32.69
CA TYR G 281 -30.23 0.05 -32.54
C TYR G 281 -30.88 0.21 -33.91
N GLU G 282 -31.93 -0.54 -34.17
CA GLU G 282 -32.67 -0.46 -35.42
C GLU G 282 -33.67 0.67 -35.16
N VAL G 283 -33.55 1.78 -35.88
CA VAL G 283 -34.45 2.92 -35.66
C VAL G 283 -34.93 3.54 -36.97
N ASN G 284 -36.23 3.74 -37.08
CA ASN G 284 -36.83 4.36 -38.27
C ASN G 284 -36.56 5.85 -38.17
N LYS G 285 -36.38 6.52 -39.31
CA LYS G 285 -36.07 7.95 -39.26
C LYS G 285 -36.97 8.79 -38.36
N TYR G 286 -38.28 8.63 -38.48
CA TYR G 286 -39.22 9.42 -37.69
C TYR G 286 -39.09 9.16 -36.19
N ALA G 287 -38.64 7.97 -35.82
CA ALA G 287 -38.51 7.59 -34.42
C ALA G 287 -37.21 8.05 -33.75
N LYS G 288 -36.28 8.57 -34.55
CA LYS G 288 -35.00 9.02 -34.03
C LYS G 288 -35.05 10.12 -32.97
N ARG G 289 -35.88 11.13 -33.17
CA ARG G 289 -35.97 12.21 -32.18
C ARG G 289 -36.26 11.67 -30.78
N SER G 290 -37.30 10.86 -30.66
CA SER G 290 -37.71 10.25 -29.39
C SER G 290 -36.65 9.33 -28.77
N LYS G 291 -36.01 8.54 -29.63
CA LYS G 291 -34.99 7.61 -29.17
C LYS G 291 -33.85 8.38 -28.51
N LEU G 292 -33.45 9.48 -29.14
CA LEU G 292 -32.35 10.30 -28.64
C LEU G 292 -32.74 10.89 -27.28
N ILE G 293 -33.94 11.46 -27.20
CA ILE G 293 -34.40 12.04 -25.95
C ILE G 293 -34.42 10.97 -24.86
N GLU G 294 -34.78 9.75 -25.24
CA GLU G 294 -34.80 8.65 -24.30
C GLU G 294 -33.39 8.43 -23.75
N ILE G 295 -32.42 8.29 -24.64
CA ILE G 295 -31.04 8.06 -24.24
C ILE G 295 -30.45 9.21 -23.42
N LEU G 296 -30.63 10.44 -23.90
CA LEU G 296 -30.10 11.60 -23.20
C LEU G 296 -30.76 11.83 -21.83
N SER G 297 -31.98 11.34 -21.67
CA SER G 297 -32.68 11.49 -20.39
C SER G 297 -31.96 10.59 -19.40
N GLU G 298 -31.53 9.43 -19.88
CA GLU G 298 -30.81 8.50 -19.04
C GLU G 298 -29.45 9.09 -18.67
N GLN G 299 -28.72 9.59 -19.65
CA GLN G 299 -27.41 10.19 -19.41
C GLN G 299 -27.04 11.10 -20.57
N ALA G 300 -26.82 12.38 -20.27
CA ALA G 300 -26.49 13.38 -21.28
C ALA G 300 -25.10 13.99 -21.23
N ASP G 301 -24.50 13.99 -20.04
CA ASP G 301 -23.19 14.58 -19.88
C ASP G 301 -22.06 14.00 -20.75
N GLY G 302 -21.39 14.87 -21.50
CA GLY G 302 -20.29 14.43 -22.34
C GLY G 302 -20.66 13.63 -23.58
N THR G 303 -21.67 14.05 -24.31
CA THR G 303 -22.01 13.31 -25.50
C THR G 303 -22.00 14.13 -26.78
N ILE G 304 -21.53 13.52 -27.86
CA ILE G 304 -21.44 14.16 -29.15
C ILE G 304 -22.38 13.40 -30.08
N VAL G 305 -23.27 14.12 -30.75
CA VAL G 305 -24.23 13.48 -31.63
C VAL G 305 -23.96 13.81 -33.10
N PHE G 306 -23.74 12.77 -33.88
CA PHE G 306 -23.47 12.96 -35.30
C PHE G 306 -24.73 12.85 -36.15
N VAL G 307 -24.95 13.88 -36.95
CA VAL G 307 -26.07 13.96 -37.87
C VAL G 307 -25.50 14.17 -39.28
N GLU G 308 -26.31 13.88 -40.28
CA GLU G 308 -25.88 14.01 -41.67
C GLU G 308 -25.69 15.42 -42.21
N THR G 309 -26.63 16.32 -41.95
CA THR G 309 -26.57 17.68 -42.48
C THR G 309 -26.40 18.85 -41.52
N LYS G 310 -25.86 19.94 -42.05
CA LYS G 310 -25.66 21.16 -41.27
C LYS G 310 -27.01 21.63 -40.75
N ARG G 311 -28.01 21.59 -41.61
CA ARG G 311 -29.35 22.00 -41.24
C ARG G 311 -29.92 21.05 -40.14
N GLY G 312 -29.60 19.77 -40.25
CA GLY G 312 -30.05 18.83 -39.23
C GLY G 312 -29.39 19.15 -37.90
N ALA G 313 -28.13 19.55 -37.95
CA ALA G 313 -27.37 19.87 -36.74
C ALA G 313 -27.97 21.06 -35.97
N ASP G 314 -28.20 22.13 -36.71
CA ASP G 314 -28.76 23.34 -36.14
C ASP G 314 -30.13 23.05 -35.54
N PHE G 315 -30.96 22.32 -36.28
CA PHE G 315 -32.28 21.99 -35.79
C PHE G 315 -32.23 21.13 -34.55
N LEU G 316 -31.42 20.09 -34.57
CA LEU G 316 -31.36 19.19 -33.41
C LEU G 316 -30.88 19.91 -32.14
N ALA G 317 -29.90 20.79 -32.28
CA ALA G 317 -29.38 21.50 -31.13
C ALA G 317 -30.45 22.42 -30.53
N SER G 318 -31.19 23.13 -31.38
CA SER G 318 -32.21 24.00 -30.83
C SER G 318 -33.31 23.11 -30.24
N PHE G 319 -33.63 22.02 -30.93
CA PHE G 319 -34.64 21.08 -30.46
C PHE G 319 -34.33 20.58 -29.05
N LEU G 320 -33.07 20.24 -28.80
CA LEU G 320 -32.69 19.76 -27.47
C LEU G 320 -32.55 20.86 -26.42
N SER G 321 -32.13 22.05 -26.84
CA SER G 321 -31.97 23.11 -25.85
C SER G 321 -33.34 23.53 -25.34
N GLU G 322 -34.36 23.38 -26.19
CA GLU G 322 -35.73 23.72 -25.82
C GLU G 322 -36.20 22.79 -24.71
N LYS G 323 -35.72 21.55 -24.75
CA LYS G 323 -36.08 20.55 -23.76
C LYS G 323 -35.16 20.52 -22.55
N GLU G 324 -34.43 21.61 -22.32
CA GLU G 324 -33.54 21.74 -21.17
C GLU G 324 -32.24 20.95 -21.19
N PHE G 325 -31.73 20.59 -22.35
CA PHE G 325 -30.45 19.90 -22.39
C PHE G 325 -29.41 20.93 -22.80
N PRO G 326 -28.42 21.21 -21.93
CA PRO G 326 -27.37 22.20 -22.27
C PRO G 326 -26.70 21.69 -23.55
N THR G 327 -27.18 22.19 -24.69
CA THR G 327 -26.70 21.77 -25.99
C THR G 327 -26.15 22.85 -26.89
N THR G 328 -25.11 22.49 -27.65
CA THR G 328 -24.53 23.40 -28.62
C THR G 328 -24.25 22.53 -29.85
N SER G 329 -23.72 23.11 -30.92
CA SER G 329 -23.44 22.33 -32.10
C SER G 329 -22.27 22.90 -32.88
N ILE G 330 -21.69 22.10 -33.76
CA ILE G 330 -20.61 22.60 -34.59
C ILE G 330 -20.82 22.05 -35.99
N HIS G 331 -20.80 22.96 -36.96
CA HIS G 331 -20.99 22.58 -38.35
C HIS G 331 -20.61 23.75 -39.26
N GLY G 332 -20.50 23.45 -40.56
CA GLY G 332 -20.09 24.44 -41.54
C GLY G 332 -20.93 25.70 -41.72
N ASP G 333 -22.17 25.72 -41.24
CA ASP G 333 -22.95 26.94 -41.40
C ASP G 333 -22.80 27.92 -40.27
N ARG G 334 -22.15 27.51 -39.18
CA ARG G 334 -21.95 28.43 -38.08
C ARG G 334 -20.74 29.31 -38.36
N LEU G 335 -20.68 30.47 -37.70
CA LEU G 335 -19.54 31.38 -37.83
C LEU G 335 -18.33 30.68 -37.21
N GLN G 336 -17.17 30.81 -37.84
CA GLN G 336 -15.98 30.17 -37.30
C GLN G 336 -15.78 30.50 -35.81
N SER G 337 -16.13 31.69 -35.38
CA SER G 337 -15.99 32.01 -33.95
C SER G 337 -16.94 31.14 -33.12
N GLN G 338 -18.12 30.84 -33.66
CA GLN G 338 -19.11 30.00 -32.95
C GLN G 338 -18.66 28.54 -32.91
N ARG G 339 -18.01 28.08 -33.98
CA ARG G 339 -17.53 26.70 -34.01
C ARG G 339 -16.49 26.50 -32.91
N GLU G 340 -15.58 27.46 -32.78
CA GLU G 340 -14.55 27.39 -31.78
C GLU G 340 -15.11 27.57 -30.36
N GLN G 341 -16.16 28.36 -30.21
CA GLN G 341 -16.75 28.58 -28.90
C GLN G 341 -17.50 27.32 -28.46
N ALA G 342 -18.11 26.64 -29.41
CA ALA G 342 -18.86 25.41 -29.15
C ALA G 342 -17.97 24.34 -28.54
N LEU G 343 -16.79 24.15 -29.15
CA LEU G 343 -15.87 23.16 -28.62
C LEU G 343 -15.34 23.62 -27.27
N ARG G 344 -15.12 24.93 -27.13
CA ARG G 344 -14.62 25.48 -25.88
C ARG G 344 -15.64 25.27 -24.74
N ASP G 345 -16.91 25.53 -25.02
CA ASP G 345 -17.95 25.35 -24.02
C ASP G 345 -18.13 23.87 -23.65
N PHE G 346 -17.94 23.00 -24.64
CA PHE G 346 -18.08 21.56 -24.40
C PHE G 346 -16.90 21.05 -23.57
N LYS G 347 -15.71 21.57 -23.84
CA LYS G 347 -14.52 21.14 -23.12
C LYS G 347 -14.52 21.54 -21.65
N ASN G 348 -15.16 22.64 -21.32
CA ASN G 348 -15.18 23.09 -19.93
C ASN G 348 -16.43 22.67 -19.15
N GLY G 349 -17.31 21.91 -19.78
CA GLY G 349 -18.51 21.44 -19.09
C GLY G 349 -19.78 22.26 -19.21
N SER G 350 -19.69 23.53 -19.59
CA SER G 350 -20.88 24.38 -19.73
C SER G 350 -21.97 23.64 -20.47
N MET G 351 -21.58 23.01 -21.58
CA MET G 351 -22.53 22.27 -22.40
C MET G 351 -22.28 20.77 -22.22
N LYS G 352 -23.37 20.01 -22.13
CA LYS G 352 -23.22 18.58 -21.97
C LYS G 352 -23.27 17.88 -23.32
N VAL G 353 -24.07 18.43 -24.24
CA VAL G 353 -24.23 17.83 -25.54
C VAL G 353 -23.72 18.69 -26.69
N LEU G 354 -23.05 18.04 -27.64
CA LEU G 354 -22.51 18.69 -28.82
C LEU G 354 -23.10 18.00 -30.04
N ILE G 355 -23.83 18.75 -30.87
CA ILE G 355 -24.41 18.19 -32.08
C ILE G 355 -23.43 18.53 -33.20
N ALA G 356 -23.09 17.55 -34.03
CA ALA G 356 -22.13 17.81 -35.09
C ALA G 356 -22.34 17.02 -36.36
N THR G 357 -21.80 17.57 -37.44
CA THR G 357 -21.81 16.91 -38.73
C THR G 357 -20.45 16.21 -38.69
N SER G 358 -20.08 15.55 -39.77
CA SER G 358 -18.77 14.89 -39.80
C SER G 358 -17.59 15.87 -39.74
N VAL G 359 -17.88 17.16 -39.60
CA VAL G 359 -16.81 18.15 -39.49
C VAL G 359 -16.02 17.80 -38.23
N ALA G 360 -16.66 17.07 -37.32
CA ALA G 360 -16.01 16.68 -36.08
C ALA G 360 -15.74 15.19 -35.96
N SER G 361 -15.83 14.45 -37.07
CA SER G 361 -15.61 13.01 -36.99
C SER G 361 -14.14 12.59 -36.90
N ARG G 362 -13.24 13.42 -37.41
CA ARG G 362 -11.84 13.04 -37.39
C ARG G 362 -10.90 13.82 -36.50
N GLY G 363 -9.95 13.11 -35.91
CA GLY G 363 -8.92 13.74 -35.12
C GLY G 363 -9.17 14.40 -33.80
N LEU G 364 -10.30 15.09 -33.64
CA LEU G 364 -10.61 15.77 -32.38
C LEU G 364 -10.40 14.84 -31.19
N ASP G 365 -9.58 15.33 -30.26
CA ASP G 365 -9.16 14.64 -29.04
C ASP G 365 -9.77 15.40 -27.84
N ILE G 366 -10.99 15.05 -27.48
CA ILE G 366 -11.65 15.74 -26.40
C ILE G 366 -12.01 14.80 -25.28
N LYS G 367 -11.41 15.11 -24.14
CA LYS G 367 -11.54 14.40 -22.87
C LYS G 367 -12.99 14.18 -22.46
N ASN G 368 -13.79 15.24 -22.52
CA ASN G 368 -15.19 15.12 -22.12
C ASN G 368 -16.10 14.29 -23.01
N ILE G 369 -15.59 13.74 -24.11
CA ILE G 369 -16.45 12.93 -24.95
C ILE G 369 -16.53 11.51 -24.37
N LYS G 370 -17.65 11.22 -23.71
CA LYS G 370 -17.88 9.92 -23.07
C LYS G 370 -18.77 9.01 -23.90
N HIS G 371 -19.67 9.62 -24.67
CA HIS G 371 -20.60 8.86 -25.47
C HIS G 371 -20.71 9.45 -26.88
N VAL G 372 -20.61 8.58 -27.89
CA VAL G 372 -20.77 9.01 -29.28
C VAL G 372 -22.06 8.39 -29.78
N ILE G 373 -22.93 9.21 -30.33
CA ILE G 373 -24.19 8.74 -30.87
C ILE G 373 -24.25 9.06 -32.36
N ASN G 374 -24.41 8.03 -33.18
CA ASN G 374 -24.55 8.25 -34.62
C ASN G 374 -26.07 8.32 -34.86
N TYR G 375 -26.61 9.53 -34.74
CA TYR G 375 -28.03 9.77 -34.97
C TYR G 375 -28.35 9.35 -36.42
N ASP G 376 -27.44 9.67 -37.33
CA ASP G 376 -27.55 9.30 -38.72
C ASP G 376 -26.35 8.44 -39.06
N MET G 377 -26.55 7.24 -39.59
CA MET G 377 -25.39 6.45 -39.96
C MET G 377 -24.78 7.19 -41.15
N PRO G 378 -23.44 7.17 -41.26
CA PRO G 378 -22.78 7.84 -42.37
C PRO G 378 -22.89 6.93 -43.59
N SER G 379 -22.58 7.45 -44.77
CA SER G 379 -22.67 6.64 -45.97
C SER G 379 -21.55 5.62 -46.01
N LYS G 380 -20.34 6.02 -45.63
CA LYS G 380 -19.19 5.11 -45.65
C LYS G 380 -18.70 4.60 -44.28
N ILE G 381 -18.31 3.32 -44.23
CA ILE G 381 -17.85 2.71 -42.99
C ILE G 381 -16.67 3.43 -42.34
N ASP G 382 -15.69 3.86 -43.13
CA ASP G 382 -14.55 4.56 -42.58
C ASP G 382 -14.97 5.76 -41.73
N ASP G 383 -16.05 6.42 -42.12
CA ASP G 383 -16.52 7.59 -41.38
C ASP G 383 -17.08 7.17 -40.03
N TYR G 384 -17.73 6.00 -40.00
CA TYR G 384 -18.27 5.45 -38.77
C TYR G 384 -17.09 5.21 -37.82
N VAL G 385 -16.04 4.56 -38.31
CA VAL G 385 -14.87 4.24 -37.49
C VAL G 385 -14.23 5.48 -36.85
N HIS G 386 -14.12 6.57 -37.62
CA HIS G 386 -13.55 7.78 -37.08
C HIS G 386 -14.47 8.40 -36.04
N ARG G 387 -15.78 8.40 -36.33
CA ARG G 387 -16.75 8.99 -35.41
C ARG G 387 -16.78 8.34 -34.04
N ILE G 388 -16.90 7.02 -33.98
CA ILE G 388 -16.96 6.37 -32.69
C ILE G 388 -15.62 6.47 -31.97
N GLY G 389 -14.57 6.78 -32.73
CA GLY G 389 -13.24 6.94 -32.17
C GLY G 389 -13.01 8.25 -31.41
N ARG G 390 -14.03 9.12 -31.35
CA ARG G 390 -13.91 10.37 -30.59
C ARG G 390 -13.95 10.05 -29.08
N THR G 391 -14.34 8.83 -28.73
CA THR G 391 -14.35 8.42 -27.35
C THR G 391 -13.45 7.17 -27.25
N GLY G 392 -13.28 6.62 -26.04
CA GLY G 392 -12.46 5.44 -25.89
C GLY G 392 -11.03 5.58 -26.37
N ARG G 393 -10.40 6.72 -26.07
CA ARG G 393 -9.04 6.97 -26.50
C ARG G 393 -7.97 6.65 -25.43
N VAL G 394 -6.75 6.38 -25.90
CA VAL G 394 -5.58 6.08 -25.05
C VAL G 394 -5.74 4.97 -24.01
N GLY G 395 -6.47 3.91 -24.38
CA GLY G 395 -6.67 2.82 -23.45
C GLY G 395 -7.85 2.98 -22.51
N ASN G 396 -8.61 4.05 -22.66
CA ASN G 396 -9.79 4.27 -21.82
C ASN G 396 -11.02 3.67 -22.51
N ASN G 397 -11.99 3.23 -21.72
CA ASN G 397 -13.22 2.66 -22.27
C ASN G 397 -14.13 3.80 -22.74
N GLY G 398 -14.88 3.55 -23.81
CA GLY G 398 -15.79 4.55 -24.33
C GLY G 398 -17.01 3.81 -24.84
N ARG G 399 -18.08 4.54 -25.13
CA ARG G 399 -19.27 3.89 -25.64
C ARG G 399 -19.84 4.63 -26.85
N ALA G 400 -20.45 3.88 -27.76
CA ALA G 400 -21.02 4.48 -28.95
C ALA G 400 -22.33 3.79 -29.29
N THR G 401 -23.33 4.61 -29.63
CA THR G 401 -24.63 4.13 -30.01
C THR G 401 -24.91 4.65 -31.41
N SER G 402 -25.45 3.79 -32.26
CA SER G 402 -25.74 4.20 -33.62
C SER G 402 -27.15 3.80 -33.98
N PHE G 403 -27.90 4.75 -34.54
CA PHE G 403 -29.26 4.49 -34.97
C PHE G 403 -29.16 3.91 -36.39
N PHE G 404 -29.55 2.66 -36.59
CA PHE G 404 -29.50 2.08 -37.93
C PHE G 404 -30.91 2.16 -38.54
N ASP G 405 -31.03 2.84 -39.67
CA ASP G 405 -32.30 3.01 -40.36
C ASP G 405 -32.45 1.96 -41.47
N PRO G 406 -33.32 0.95 -41.26
CA PRO G 406 -33.59 -0.14 -42.21
C PRO G 406 -33.93 0.34 -43.61
N GLU G 407 -34.73 1.39 -43.67
CA GLU G 407 -35.16 1.95 -44.93
C GLU G 407 -34.05 2.69 -45.67
N LYS G 408 -32.96 3.02 -44.99
CA LYS G 408 -31.90 3.78 -45.63
C LYS G 408 -30.45 3.32 -45.49
N ASP G 409 -30.13 2.57 -44.45
CA ASP G 409 -28.74 2.18 -44.23
C ASP G 409 -28.33 0.76 -44.57
N ARG G 410 -29.18 0.04 -45.28
CA ARG G 410 -28.89 -1.34 -45.65
C ARG G 410 -27.54 -1.47 -46.37
N ALA G 411 -27.14 -0.45 -47.10
CA ALA G 411 -25.89 -0.48 -47.83
C ALA G 411 -24.62 -0.60 -46.97
N ILE G 412 -24.68 -0.16 -45.72
CA ILE G 412 -23.50 -0.21 -44.86
C ILE G 412 -23.51 -1.34 -43.85
N ALA G 413 -24.57 -2.14 -43.85
CA ALA G 413 -24.69 -3.25 -42.90
C ALA G 413 -23.58 -4.29 -42.98
N ALA G 414 -23.26 -4.74 -44.18
CA ALA G 414 -22.22 -5.75 -44.33
C ALA G 414 -20.91 -5.23 -43.74
N ASP G 415 -20.52 -4.01 -44.12
CA ASP G 415 -19.30 -3.42 -43.59
C ASP G 415 -19.38 -3.25 -42.08
N LEU G 416 -20.53 -2.85 -41.57
CA LEU G 416 -20.72 -2.66 -40.13
C LEU G 416 -20.53 -3.99 -39.40
N VAL G 417 -21.06 -5.07 -39.95
CA VAL G 417 -20.91 -6.39 -39.33
C VAL G 417 -19.42 -6.68 -39.18
N LYS G 418 -18.68 -6.53 -40.28
CA LYS G 418 -17.24 -6.76 -40.27
C LYS G 418 -16.50 -5.92 -39.21
N ILE G 419 -16.79 -4.61 -39.13
CA ILE G 419 -16.12 -3.77 -38.16
C ILE G 419 -16.48 -4.20 -36.74
N LEU G 420 -17.74 -4.58 -36.54
CA LEU G 420 -18.16 -5.01 -35.20
C LEU G 420 -17.41 -6.27 -34.78
N GLU G 421 -17.35 -7.26 -35.69
CA GLU G 421 -16.67 -8.52 -35.40
C GLU G 421 -15.18 -8.31 -35.27
N GLY G 422 -14.64 -7.34 -35.99
CA GLY G 422 -13.21 -7.09 -35.93
C GLY G 422 -12.79 -6.38 -34.66
N SER G 423 -13.74 -5.73 -33.97
CA SER G 423 -13.40 -5.04 -32.74
C SER G 423 -14.03 -5.66 -31.50
N GLY G 424 -14.42 -6.93 -31.63
CA GLY G 424 -15.01 -7.69 -30.52
C GLY G 424 -16.39 -7.34 -29.99
N GLN G 425 -17.23 -6.70 -30.81
CA GLN G 425 -18.56 -6.32 -30.37
C GLN G 425 -19.60 -7.34 -30.83
N THR G 426 -20.73 -7.40 -30.14
CA THR G 426 -21.78 -8.33 -30.55
C THR G 426 -22.51 -7.76 -31.75
N VAL G 427 -22.96 -8.65 -32.63
CA VAL G 427 -23.67 -8.28 -33.86
C VAL G 427 -25.17 -8.56 -33.73
N PRO G 428 -26.01 -7.51 -33.78
CA PRO G 428 -27.46 -7.70 -33.68
C PRO G 428 -27.91 -8.45 -34.94
N ASP G 429 -28.92 -9.29 -34.81
CA ASP G 429 -29.42 -10.07 -35.95
C ASP G 429 -29.90 -9.23 -37.13
N PHE G 430 -30.61 -8.15 -36.85
CA PHE G 430 -31.14 -7.34 -37.95
C PHE G 430 -30.08 -6.84 -38.94
N LEU G 431 -28.80 -6.85 -38.57
CA LEU G 431 -27.77 -6.39 -39.50
C LEU G 431 -27.47 -7.47 -40.53
N ARG G 432 -27.82 -8.71 -40.21
CA ARG G 432 -27.55 -9.82 -41.14
C ARG G 432 -28.69 -10.05 -42.14
N TYR H 13 33.34 52.76 45.37
CA TYR H 13 32.76 53.91 46.11
C TYR H 13 32.17 53.32 47.38
N ILE H 14 32.08 52.00 47.40
CA ILE H 14 31.54 51.27 48.53
C ILE H 14 30.04 51.36 48.62
N PRO H 15 29.33 50.42 47.97
CA PRO H 15 27.87 50.42 48.01
C PRO H 15 27.38 49.77 49.30
N PRO H 16 26.16 50.10 49.72
CA PRO H 16 25.65 49.50 50.96
C PRO H 16 25.49 48.00 50.80
N GLU H 17 26.08 47.24 51.71
CA GLU H 17 25.97 45.79 51.65
C GLU H 17 24.52 45.39 51.88
N PRO H 18 24.11 44.24 51.32
CA PRO H 18 22.73 43.75 51.45
C PRO H 18 22.33 43.38 52.87
N SER H 19 21.04 43.49 53.16
CA SER H 19 20.50 43.15 54.46
C SER H 19 20.34 41.63 54.51
N ASN H 20 20.48 41.07 55.70
CA ASN H 20 20.33 39.63 55.86
C ASN H 20 18.94 39.35 56.39
N ASP H 21 18.16 40.41 56.54
CA ASP H 21 16.79 40.34 57.02
C ASP H 21 15.89 39.66 56.00
N ALA H 22 15.34 38.51 56.39
CA ALA H 22 14.45 37.74 55.51
C ALA H 22 13.42 38.58 54.77
N ILE H 23 12.98 39.67 55.37
CA ILE H 23 11.97 40.52 54.73
C ILE H 23 12.50 41.25 53.49
N GLU H 24 13.71 41.79 53.59
CA GLU H 24 14.29 42.50 52.46
C GLU H 24 14.94 41.56 51.45
N ILE H 25 15.32 40.38 51.91
CA ILE H 25 15.96 39.38 51.04
C ILE H 25 14.96 38.76 50.06
N PHE H 26 13.68 38.82 50.39
CA PHE H 26 12.66 38.28 49.50
C PHE H 26 11.77 39.38 48.94
N SER H 27 12.25 40.62 49.03
CA SER H 27 11.51 41.78 48.54
C SER H 27 11.52 41.77 47.01
N SER H 28 12.63 41.33 46.43
CA SER H 28 12.73 41.29 44.98
C SER H 28 11.72 40.29 44.42
N GLY H 29 11.48 40.37 43.12
CA GLY H 29 10.54 39.45 42.49
C GLY H 29 9.32 40.10 41.90
N ILE H 30 8.76 39.43 40.91
CA ILE H 30 7.55 39.87 40.22
C ILE H 30 6.59 38.69 40.33
N ALA H 31 5.38 38.97 40.80
CA ALA H 31 4.37 37.94 40.97
C ALA H 31 3.91 37.32 39.66
N SER H 32 3.65 36.01 39.72
CA SER H 32 3.17 35.24 38.59
C SER H 32 1.98 35.93 37.93
N GLY H 33 2.13 36.29 36.66
CA GLY H 33 1.07 36.97 35.94
C GLY H 33 -0.16 36.16 35.61
N ILE H 34 -1.16 36.85 35.06
CA ILE H 34 -2.42 36.22 34.70
C ILE H 34 -2.22 35.19 33.58
N HIS H 35 -1.34 35.48 32.62
CA HIS H 35 -1.09 34.58 31.49
C HIS H 35 0.02 33.55 31.75
N PHE H 36 0.24 33.22 33.01
CA PHE H 36 1.27 32.26 33.38
C PHE H 36 1.09 30.86 32.79
N SER H 37 -0.13 30.34 32.87
CA SER H 37 -0.42 28.99 32.37
C SER H 37 -0.05 28.84 30.88
N LYS H 38 -0.19 29.92 30.12
CA LYS H 38 0.11 29.91 28.69
C LYS H 38 1.53 29.47 28.33
N TYR H 39 2.45 29.50 29.28
CA TYR H 39 3.82 29.08 29.01
C TYR H 39 3.83 27.65 28.46
N ASN H 40 2.86 26.85 28.90
CA ASN H 40 2.72 25.46 28.49
C ASN H 40 2.44 25.29 26.99
N ASN H 41 2.04 26.38 26.35
CA ASN H 41 1.68 26.36 24.94
C ASN H 41 2.82 26.69 23.99
N ILE H 42 3.96 27.11 24.53
CA ILE H 42 5.11 27.46 23.69
C ILE H 42 5.87 26.22 23.26
N PRO H 43 6.08 26.06 21.94
CA PRO H 43 6.80 24.91 21.36
C PRO H 43 8.19 24.77 21.98
N VAL H 44 8.59 23.56 22.29
CA VAL H 44 9.90 23.35 22.88
C VAL H 44 10.82 22.55 21.96
N LYS H 45 12.06 23.01 21.82
CA LYS H 45 13.04 22.30 21.00
C LYS H 45 14.27 21.96 21.84
N VAL H 46 14.69 20.70 21.76
CA VAL H 46 15.85 20.23 22.50
C VAL H 46 16.76 19.48 21.55
N THR H 47 18.07 19.69 21.69
CA THR H 47 19.05 19.05 20.83
C THR H 47 20.21 18.52 21.66
N GLY H 48 20.69 17.32 21.35
CA GLY H 48 21.80 16.74 22.10
C GLY H 48 21.68 15.25 22.34
N SER H 49 22.74 14.66 22.91
CA SER H 49 22.74 13.23 23.20
C SER H 49 22.27 12.91 24.62
N ASP H 50 21.56 11.79 24.75
CA ASP H 50 21.00 11.35 26.04
C ASP H 50 20.76 12.55 26.94
N VAL H 51 19.71 13.30 26.62
CA VAL H 51 19.35 14.47 27.37
C VAL H 51 18.40 14.07 28.48
N PRO H 52 18.71 14.43 29.73
CA PRO H 52 17.81 14.07 30.82
C PRO H 52 16.43 14.71 30.68
N GLN H 53 15.38 13.93 30.93
CA GLN H 53 14.01 14.41 30.82
C GLN H 53 13.70 15.62 31.70
N PRO H 54 12.76 16.48 31.24
CA PRO H 54 12.35 17.68 31.97
C PRO H 54 11.68 17.31 33.28
N ILE H 55 11.78 18.17 34.28
CA ILE H 55 11.10 17.89 35.54
C ILE H 55 9.81 18.70 35.46
N GLN H 56 8.80 18.33 36.26
CA GLN H 56 7.52 19.03 36.21
C GLN H 56 7.19 19.88 37.43
N HIS H 57 7.83 19.58 38.55
CA HIS H 57 7.60 20.32 39.78
C HIS H 57 8.96 20.35 40.47
N PHE H 58 9.16 21.27 41.40
CA PHE H 58 10.42 21.31 42.13
C PHE H 58 10.29 20.14 43.13
N THR H 59 11.36 19.76 43.79
CA THR H 59 11.30 18.64 44.73
C THR H 59 11.05 17.36 43.93
N SER H 60 11.24 17.48 42.62
CA SER H 60 11.10 16.38 41.66
C SER H 60 12.36 16.48 40.81
N ALA H 61 13.09 17.56 41.05
CA ALA H 61 14.33 17.85 40.34
C ALA H 61 15.50 17.64 41.27
N ASP H 62 15.34 16.71 42.20
CA ASP H 62 16.38 16.37 43.16
C ASP H 62 17.15 17.58 43.67
N LEU H 63 16.43 18.55 44.21
CA LEU H 63 17.06 19.77 44.75
C LEU H 63 17.19 19.62 46.27
N ARG H 64 18.21 20.26 46.84
CA ARG H 64 18.44 20.20 48.28
C ARG H 64 17.34 20.92 49.06
N ASP H 65 16.77 20.22 50.03
CA ASP H 65 15.69 20.72 50.88
C ASP H 65 15.74 22.22 51.15
N ILE H 66 16.90 22.73 51.54
CA ILE H 66 17.05 24.15 51.86
C ILE H 66 16.76 25.06 50.66
N ILE H 67 17.17 24.64 49.47
CA ILE H 67 16.94 25.42 48.27
C ILE H 67 15.46 25.48 47.96
N ILE H 68 14.77 24.36 48.10
CA ILE H 68 13.34 24.31 47.84
C ILE H 68 12.58 25.13 48.86
N ASP H 69 13.17 25.32 50.04
CA ASP H 69 12.54 26.12 51.08
C ASP H 69 12.50 27.57 50.61
N ASN H 70 13.63 28.03 50.07
CA ASN H 70 13.73 29.39 49.57
C ASN H 70 12.89 29.56 48.32
N VAL H 71 12.81 28.52 47.51
CA VAL H 71 12.00 28.58 46.30
C VAL H 71 10.57 28.83 46.74
N ASN H 72 10.15 28.12 47.78
CA ASN H 72 8.80 28.26 48.32
C ASN H 72 8.54 29.66 48.84
N LYS H 73 9.51 30.21 49.56
CA LYS H 73 9.39 31.55 50.10
C LYS H 73 9.37 32.58 48.97
N SER H 74 10.06 32.27 47.87
CA SER H 74 10.10 33.17 46.73
C SER H 74 8.73 33.18 46.06
N GLY H 75 7.88 32.23 46.45
CA GLY H 75 6.54 32.19 45.89
C GLY H 75 6.37 31.40 44.63
N TYR H 76 7.42 30.72 44.16
CA TYR H 76 7.31 29.94 42.92
C TYR H 76 6.47 28.70 43.19
N LYS H 77 5.51 28.42 42.32
CA LYS H 77 4.69 27.24 42.52
C LYS H 77 5.02 26.18 41.48
N ILE H 78 5.06 26.58 40.22
CA ILE H 78 5.35 25.65 39.13
C ILE H 78 6.61 26.06 38.36
N PRO H 79 7.46 25.09 38.00
CA PRO H 79 8.67 25.44 37.25
C PRO H 79 8.27 26.01 35.89
N THR H 80 9.06 26.96 35.41
CA THR H 80 8.80 27.59 34.13
C THR H 80 9.36 26.65 33.05
N PRO H 81 8.91 26.76 31.79
CA PRO H 81 9.41 25.88 30.73
C PRO H 81 10.94 25.76 30.68
N ILE H 82 11.65 26.88 30.71
CA ILE H 82 13.10 26.80 30.67
C ILE H 82 13.67 26.14 31.94
N GLN H 83 12.98 26.29 33.06
CA GLN H 83 13.42 25.69 34.31
C GLN H 83 13.21 24.17 34.27
N LYS H 84 12.07 23.74 33.73
CA LYS H 84 11.76 22.32 33.61
C LYS H 84 12.86 21.61 32.85
N CYS H 85 13.28 22.19 31.73
CA CYS H 85 14.31 21.56 30.91
C CYS H 85 15.72 21.73 31.45
N SER H 86 16.06 22.94 31.88
CA SER H 86 17.41 23.23 32.34
C SER H 86 17.87 22.65 33.66
N ILE H 87 16.97 22.52 34.61
CA ILE H 87 17.37 22.01 35.92
C ILE H 87 17.93 20.59 35.93
N PRO H 88 17.26 19.62 35.31
CA PRO H 88 17.86 18.28 35.35
C PRO H 88 19.15 18.17 34.53
N VAL H 89 19.27 18.96 33.47
CA VAL H 89 20.45 18.94 32.63
C VAL H 89 21.66 19.44 33.41
N ILE H 90 21.46 20.52 34.15
CA ILE H 90 22.56 21.07 34.94
C ILE H 90 22.94 20.14 36.08
N SER H 91 21.94 19.54 36.72
CA SER H 91 22.17 18.64 37.84
C SER H 91 23.02 17.47 37.37
N SER H 92 22.79 17.03 36.14
CA SER H 92 23.52 15.90 35.55
C SER H 92 24.96 16.24 35.16
N GLY H 93 25.37 17.49 35.39
CA GLY H 93 26.73 17.88 35.04
C GLY H 93 26.97 18.17 33.57
N ARG H 94 25.91 18.41 32.82
CA ARG H 94 26.04 18.68 31.39
C ARG H 94 26.22 20.15 31.06
N ASP H 95 26.85 20.44 29.93
CA ASP H 95 27.02 21.82 29.50
C ASP H 95 25.68 22.20 28.88
N LEU H 96 25.34 23.49 28.89
CA LEU H 96 24.05 23.92 28.39
C LEU H 96 24.03 25.27 27.68
N MET H 97 23.16 25.39 26.68
CA MET H 97 22.91 26.62 25.95
C MET H 97 21.39 26.70 26.01
N ALA H 98 20.88 27.66 26.76
CA ALA H 98 19.45 27.81 26.94
C ALA H 98 18.88 29.10 26.35
N CYS H 99 17.83 28.97 25.54
CA CYS H 99 17.18 30.13 24.91
C CYS H 99 15.72 30.13 25.30
N ALA H 100 15.29 31.23 25.93
CA ALA H 100 13.91 31.37 26.34
C ALA H 100 13.62 32.86 26.42
N GLN H 101 12.38 33.24 26.09
CA GLN H 101 11.96 34.65 26.09
C GLN H 101 12.22 35.40 27.37
N THR H 102 12.21 36.72 27.26
CA THR H 102 12.45 37.57 28.40
C THR H 102 11.40 37.31 29.49
N GLY H 103 11.83 37.47 30.73
CA GLY H 103 10.96 37.30 31.88
C GLY H 103 10.42 35.91 32.10
N SER H 104 11.05 34.89 31.53
CA SER H 104 10.56 33.54 31.70
C SER H 104 11.31 32.71 32.75
N GLY H 105 12.13 33.35 33.57
CA GLY H 105 12.83 32.65 34.65
C GLY H 105 14.16 31.94 34.41
N LYS H 106 15.00 32.52 33.58
CA LYS H 106 16.29 31.91 33.32
C LYS H 106 17.28 32.01 34.50
N THR H 107 17.19 33.06 35.33
CA THR H 107 18.12 33.19 36.45
C THR H 107 18.04 31.99 37.41
N ALA H 108 16.82 31.64 37.82
CA ALA H 108 16.62 30.52 38.72
C ALA H 108 16.87 29.21 37.98
N ALA H 109 16.69 29.24 36.67
CA ALA H 109 16.95 28.06 35.86
C ALA H 109 18.37 27.57 36.10
N PHE H 110 19.31 28.50 36.30
CA PHE H 110 20.67 28.07 36.57
C PHE H 110 21.11 28.21 38.04
N LEU H 111 20.54 29.14 38.77
CA LEU H 111 20.95 29.28 40.15
C LEU H 111 20.57 28.09 41.04
N LEU H 112 19.36 27.59 40.90
CA LEU H 112 18.91 26.47 41.71
C LEU H 112 19.75 25.21 41.60
N PRO H 113 19.74 24.56 40.42
CA PRO H 113 20.54 23.34 40.31
C PRO H 113 21.99 23.52 40.73
N ILE H 114 22.55 24.70 40.48
CA ILE H 114 23.94 24.94 40.85
C ILE H 114 24.11 25.10 42.36
N LEU H 115 23.24 25.90 42.98
CA LEU H 115 23.36 26.11 44.41
C LEU H 115 23.18 24.77 45.11
N SER H 116 22.19 24.01 44.65
CA SER H 116 21.90 22.68 45.19
C SER H 116 23.14 21.80 45.10
N LYS H 117 23.70 21.67 43.89
CA LYS H 117 24.89 20.85 43.70
C LYS H 117 26.02 21.23 44.65
N LEU H 118 26.19 22.52 44.89
CA LEU H 118 27.26 22.95 45.79
C LEU H 118 27.08 22.33 47.19
N LEU H 119 25.82 22.03 47.53
CA LEU H 119 25.51 21.43 48.81
C LEU H 119 25.54 19.91 48.71
N GLU H 120 24.94 19.37 47.66
CA GLU H 120 24.92 17.92 47.47
C GLU H 120 26.32 17.31 47.46
N ASP H 121 27.21 17.91 46.67
CA ASP H 121 28.58 17.42 46.58
C ASP H 121 29.51 18.56 46.97
N PRO H 122 29.64 18.82 48.28
CA PRO H 122 30.49 19.90 48.77
C PRO H 122 32.00 19.69 48.63
N HIS H 123 32.68 20.81 48.40
CA HIS H 123 34.12 20.85 48.27
C HIS H 123 34.49 21.98 49.23
N GLU H 124 35.71 21.97 49.75
CA GLU H 124 36.08 23.01 50.69
C GLU H 124 36.59 24.30 50.05
N LEU H 125 35.98 25.40 50.48
CA LEU H 125 36.28 26.75 50.01
C LEU H 125 37.71 27.20 50.26
N GLU H 126 38.42 27.54 49.18
CA GLU H 126 39.78 28.03 49.31
C GLU H 126 39.71 29.52 48.94
N LEU H 127 39.98 30.39 49.90
CA LEU H 127 39.92 31.82 49.67
C LEU H 127 40.50 32.25 48.32
N GLY H 128 39.76 33.13 47.62
CA GLY H 128 40.18 33.62 46.32
C GLY H 128 40.00 32.60 45.21
N ARG H 129 39.31 31.51 45.51
CA ARG H 129 39.08 30.46 44.53
C ARG H 129 37.59 30.10 44.47
N PRO H 130 36.83 30.82 43.63
CA PRO H 130 35.39 30.63 43.45
C PRO H 130 35.07 29.24 42.89
N GLN H 131 33.94 28.66 43.28
CA GLN H 131 33.56 27.36 42.76
C GLN H 131 32.54 27.52 41.64
N VAL H 132 32.05 28.75 41.50
CA VAL H 132 31.08 29.14 40.50
C VAL H 132 31.38 30.58 40.09
N VAL H 133 31.40 30.83 38.79
CA VAL H 133 31.66 32.16 38.25
C VAL H 133 30.51 32.47 37.30
N ILE H 134 29.80 33.56 37.59
CA ILE H 134 28.69 33.98 36.78
C ILE H 134 29.01 35.38 36.23
N VAL H 135 29.08 35.47 34.91
CA VAL H 135 29.40 36.75 34.30
C VAL H 135 28.17 37.49 33.76
N SER H 136 28.24 38.81 33.80
CA SER H 136 27.15 39.66 33.37
C SER H 136 27.65 40.81 32.54
N PRO H 137 26.89 41.20 31.50
CA PRO H 137 27.34 42.31 30.67
C PRO H 137 27.21 43.68 31.31
N THR H 138 26.51 43.75 32.44
CA THR H 138 26.24 45.03 33.10
C THR H 138 26.36 44.97 34.64
N ARG H 139 26.77 46.07 35.27
CA ARG H 139 26.93 46.08 36.73
C ARG H 139 25.65 45.89 37.50
N GLU H 140 24.61 46.65 37.13
CA GLU H 140 23.35 46.52 37.85
C GLU H 140 22.70 45.16 37.66
N LEU H 141 23.01 44.46 36.57
CA LEU H 141 22.43 43.14 36.39
C LEU H 141 23.21 42.17 37.25
N ALA H 142 24.50 42.44 37.41
CA ALA H 142 25.34 41.60 38.25
C ALA H 142 24.80 41.69 39.66
N ILE H 143 24.52 42.92 40.10
CA ILE H 143 23.99 43.13 41.45
C ILE H 143 22.67 42.35 41.61
N GLN H 144 21.83 42.38 40.59
CA GLN H 144 20.55 41.68 40.62
C GLN H 144 20.70 40.18 40.79
N ILE H 145 21.54 39.57 39.97
CA ILE H 145 21.76 38.15 40.05
C ILE H 145 22.36 37.84 41.43
N PHE H 146 23.21 38.73 41.90
CA PHE H 146 23.83 38.58 43.21
C PHE H 146 22.78 38.45 44.31
N ASN H 147 21.71 39.25 44.24
CA ASN H 147 20.67 39.19 45.26
C ASN H 147 19.70 38.03 45.08
N GLU H 148 19.53 37.55 43.86
CA GLU H 148 18.64 36.40 43.68
C GLU H 148 19.37 35.19 44.26
N ALA H 149 20.71 35.21 44.18
CA ALA H 149 21.55 34.13 44.70
C ALA H 149 21.41 34.09 46.22
N ARG H 150 21.60 35.23 46.87
CA ARG H 150 21.47 35.33 48.33
C ARG H 150 20.07 34.90 48.74
N LYS H 151 19.13 35.02 47.82
CA LYS H 151 17.75 34.65 48.10
C LYS H 151 17.61 33.13 48.09
N PHE H 152 18.09 32.49 47.04
CA PHE H 152 17.98 31.04 46.95
C PHE H 152 18.95 30.33 47.87
N ALA H 153 19.95 31.05 48.36
CA ALA H 153 20.93 30.45 49.26
C ALA H 153 20.70 30.93 50.69
N PHE H 154 19.51 31.47 50.94
CA PHE H 154 19.17 31.99 52.27
C PHE H 154 19.24 30.92 53.37
N GLU H 155 20.00 31.23 54.41
CA GLU H 155 20.20 30.34 55.55
C GLU H 155 20.92 29.03 55.24
N SER H 156 21.89 29.10 54.32
CA SER H 156 22.72 27.95 53.93
C SER H 156 24.13 28.40 54.28
N TYR H 157 25.12 27.52 54.21
CA TYR H 157 26.48 27.97 54.54
C TYR H 157 27.19 28.58 53.33
N LEU H 158 26.50 28.65 52.21
CA LEU H 158 27.07 29.18 50.97
C LEU H 158 27.30 30.68 51.02
N LYS H 159 28.50 31.10 50.64
CA LYS H 159 28.87 32.51 50.64
C LYS H 159 28.82 33.04 49.21
N ILE H 160 27.96 34.03 48.98
CA ILE H 160 27.80 34.61 47.65
C ILE H 160 28.53 35.94 47.53
N GLY H 161 29.46 36.04 46.57
CA GLY H 161 30.20 37.27 46.36
C GLY H 161 29.84 37.98 45.05
N ILE H 162 30.38 39.18 44.87
CA ILE H 162 30.13 39.95 43.66
C ILE H 162 31.28 40.93 43.45
N VAL H 163 31.65 41.15 42.20
CA VAL H 163 32.72 42.09 41.90
C VAL H 163 32.36 42.88 40.63
N TYR H 164 32.49 44.20 40.69
CA TYR H 164 32.18 45.05 39.55
C TYR H 164 32.80 46.45 39.65
N GLY H 165 32.99 47.10 38.51
CA GLY H 165 33.60 48.41 38.48
C GLY H 165 32.86 49.55 39.18
N GLY H 166 33.54 50.69 39.27
CA GLY H 166 32.97 51.86 39.90
C GLY H 166 32.83 51.76 41.40
N THR H 167 33.49 50.77 42.00
CA THR H 167 33.43 50.61 43.45
C THR H 167 34.83 50.60 44.04
N SER H 168 34.89 50.58 45.37
CA SER H 168 36.19 50.54 46.03
C SER H 168 36.76 49.13 45.84
N PHE H 169 37.86 49.05 45.09
CA PHE H 169 38.47 47.75 44.87
C PHE H 169 38.80 47.10 46.21
N ARG H 170 39.47 47.85 47.06
CA ARG H 170 39.86 47.37 48.38
C ARG H 170 38.65 46.80 49.11
N HIS H 171 37.51 47.49 49.03
CA HIS H 171 36.31 47.02 49.69
C HIS H 171 35.82 45.69 49.16
N GLN H 172 35.84 45.53 47.83
CA GLN H 172 35.38 44.29 47.22
C GLN H 172 36.31 43.14 47.53
N ASN H 173 37.60 43.44 47.67
CA ASN H 173 38.56 42.39 47.96
C ASN H 173 38.33 41.79 49.34
N GLU H 174 38.05 42.63 50.33
CA GLU H 174 37.84 42.13 51.68
C GLU H 174 36.52 41.35 51.80
N CYS H 175 35.55 41.66 50.95
CA CYS H 175 34.28 40.94 50.98
C CYS H 175 34.50 39.53 50.41
N ILE H 176 35.34 39.42 49.40
CA ILE H 176 35.63 38.14 48.78
C ILE H 176 36.60 37.30 49.62
N THR H 177 37.32 37.97 50.52
CA THR H 177 38.27 37.30 51.42
C THR H 177 37.53 36.59 52.54
N ARG H 178 36.30 37.03 52.79
CA ARG H 178 35.49 36.38 53.80
C ARG H 178 35.19 35.02 53.19
N GLY H 179 35.72 34.82 51.99
CA GLY H 179 35.52 33.57 51.26
C GLY H 179 34.17 33.58 50.56
N CYS H 180 34.07 32.86 49.45
CA CYS H 180 32.80 32.81 48.74
C CYS H 180 32.79 31.70 47.71
N HIS H 181 31.68 30.97 47.67
CA HIS H 181 31.50 29.86 46.76
C HIS H 181 31.13 30.36 45.37
N VAL H 182 30.30 31.39 45.33
CA VAL H 182 29.84 31.94 44.06
C VAL H 182 30.26 33.38 43.87
N VAL H 183 30.74 33.69 42.68
CA VAL H 183 31.15 35.03 42.36
C VAL H 183 30.40 35.49 41.12
N ILE H 184 29.67 36.59 41.26
CA ILE H 184 28.91 37.19 40.17
C ILE H 184 29.82 38.35 39.76
N ALA H 185 30.07 38.51 38.47
CA ALA H 185 30.99 39.56 38.06
C ALA H 185 30.78 40.13 36.67
N THR H 186 31.32 41.32 36.44
CA THR H 186 31.32 41.95 35.12
C THR H 186 32.77 41.70 34.66
N PRO H 187 32.98 41.39 33.38
CA PRO H 187 34.32 41.11 32.83
C PRO H 187 35.45 41.98 33.37
N GLY H 188 35.33 43.29 33.17
CA GLY H 188 36.35 44.23 33.60
C GLY H 188 37.01 44.05 34.95
N ARG H 189 36.23 44.16 36.02
CA ARG H 189 36.78 44.02 37.36
C ARG H 189 37.23 42.59 37.71
N LEU H 190 36.60 41.58 37.13
CA LEU H 190 36.99 40.20 37.41
C LEU H 190 38.43 40.01 36.95
N LEU H 191 38.71 40.43 35.72
CA LEU H 191 40.05 40.33 35.14
C LEU H 191 41.10 41.12 35.93
N ASP H 192 40.67 42.22 36.54
CA ASP H 192 41.57 43.04 37.34
C ASP H 192 41.99 42.15 38.52
N PHE H 193 41.00 41.60 39.22
CA PHE H 193 41.23 40.71 40.35
C PHE H 193 42.07 39.52 39.94
N VAL H 194 41.82 39.01 38.75
CA VAL H 194 42.55 37.87 38.23
C VAL H 194 43.97 38.24 37.81
N ASP H 195 44.16 39.43 37.26
CA ASP H 195 45.50 39.85 36.86
C ASP H 195 46.32 40.28 38.08
N ARG H 196 45.62 40.54 39.20
CA ARG H 196 46.26 40.90 40.45
C ARG H 196 46.63 39.57 41.08
N THR H 197 45.94 38.52 40.62
CA THR H 197 46.10 37.15 41.10
C THR H 197 45.42 37.00 42.45
N PHE H 198 44.37 37.80 42.66
CA PHE H 198 43.60 37.78 43.90
C PHE H 198 42.44 36.79 43.81
N ILE H 199 42.05 36.48 42.58
CA ILE H 199 40.98 35.50 42.31
C ILE H 199 41.57 34.53 41.31
N THR H 200 41.42 33.24 41.58
CA THR H 200 41.94 32.21 40.70
C THR H 200 40.86 31.18 40.41
N PHE H 201 41.02 30.41 39.32
CA PHE H 201 40.01 29.43 38.90
C PHE H 201 40.19 27.93 39.10
N GLU H 202 41.25 27.49 39.79
CA GLU H 202 41.46 26.05 39.99
C GLU H 202 40.25 25.29 40.51
N ASP H 203 39.46 25.91 41.38
CA ASP H 203 38.31 25.23 41.95
C ASP H 203 36.98 25.59 41.30
N THR H 204 37.01 26.23 40.15
CA THR H 204 35.76 26.60 39.49
C THR H 204 35.10 25.39 38.81
N ARG H 205 33.93 25.01 39.27
CA ARG H 205 33.22 23.88 38.71
C ARG H 205 32.03 24.32 37.84
N PHE H 206 31.66 25.59 37.93
CA PHE H 206 30.55 26.12 37.14
C PHE H 206 30.86 27.49 36.59
N VAL H 207 30.77 27.63 35.28
CA VAL H 207 30.99 28.92 34.62
C VAL H 207 29.69 29.23 33.91
N VAL H 208 29.02 30.29 34.36
CA VAL H 208 27.74 30.70 33.79
C VAL H 208 27.84 32.04 33.07
N LEU H 209 27.36 32.08 31.85
CA LEU H 209 27.35 33.33 31.11
C LEU H 209 25.89 33.70 30.94
N ASP H 210 25.44 34.75 31.64
CA ASP H 210 24.04 35.21 31.51
C ASP H 210 24.11 36.19 30.33
N GLU H 211 23.02 36.41 29.61
CA GLU H 211 23.07 37.30 28.44
C GLU H 211 24.27 36.79 27.64
N ALA H 212 24.33 35.48 27.49
CA ALA H 212 25.44 34.82 26.80
C ALA H 212 25.82 35.39 25.44
N ASP H 213 24.85 35.64 24.57
CA ASP H 213 25.17 36.16 23.24
C ASP H 213 25.86 37.52 23.31
N ARG H 214 25.52 38.32 24.31
CA ARG H 214 26.15 39.61 24.46
C ARG H 214 27.61 39.45 24.92
N MET H 215 27.84 38.54 25.86
CA MET H 215 29.18 38.30 26.38
C MET H 215 30.12 37.73 25.33
N LEU H 216 29.56 37.01 24.35
CA LEU H 216 30.38 36.39 23.30
C LEU H 216 30.54 37.21 22.02
N ASP H 217 29.87 38.37 21.95
CA ASP H 217 29.94 39.25 20.77
C ASP H 217 31.24 40.08 20.81
N MET H 218 31.54 40.80 19.74
CA MET H 218 32.77 41.61 19.61
C MET H 218 33.21 42.41 20.83
N GLY H 219 32.30 43.20 21.41
CA GLY H 219 32.65 43.99 22.57
C GLY H 219 33.31 43.25 23.73
N PHE H 220 32.72 42.13 24.15
CA PHE H 220 33.23 41.34 25.27
C PHE H 220 34.06 40.08 24.98
N SER H 221 34.08 39.60 23.74
CA SER H 221 34.76 38.34 23.47
C SER H 221 36.21 38.22 23.94
N GLU H 222 37.02 39.27 23.78
CA GLU H 222 38.41 39.17 24.21
C GLU H 222 38.50 38.84 25.69
N ASP H 223 37.81 39.59 26.53
CA ASP H 223 37.86 39.34 27.96
C ASP H 223 37.20 38.02 28.36
N MET H 224 36.15 37.64 27.65
CA MET H 224 35.46 36.40 27.95
C MET H 224 36.39 35.24 27.62
N ARG H 225 37.11 35.36 26.51
CA ARG H 225 38.03 34.30 26.13
C ARG H 225 39.13 34.21 27.20
N ARG H 226 39.65 35.37 27.62
CA ARG H 226 40.69 35.39 28.64
C ARG H 226 40.22 34.73 29.93
N ILE H 227 38.93 34.77 30.20
CA ILE H 227 38.41 34.20 31.42
C ILE H 227 38.20 32.70 31.30
N MET H 228 37.44 32.28 30.30
CA MET H 228 37.14 30.87 30.11
C MET H 228 38.34 30.06 29.66
N THR H 229 39.38 30.76 29.22
CA THR H 229 40.59 30.15 28.72
C THR H 229 41.80 30.40 29.65
N HIS H 230 41.52 30.90 30.85
CA HIS H 230 42.60 31.19 31.79
C HIS H 230 43.40 29.93 32.14
N VAL H 231 44.70 30.10 32.37
CA VAL H 231 45.57 28.98 32.71
C VAL H 231 45.13 28.28 33.99
N THR H 232 44.63 29.04 34.94
CA THR H 232 44.19 28.52 36.22
C THR H 232 42.85 27.81 36.15
N MET H 233 42.15 27.95 35.03
CA MET H 233 40.83 27.34 34.87
C MET H 233 40.81 25.83 35.11
N ARG H 234 39.92 25.39 35.99
CA ARG H 234 39.80 23.98 36.29
C ARG H 234 39.57 23.20 35.01
N PRO H 235 40.46 22.24 34.69
CA PRO H 235 40.35 21.43 33.48
C PRO H 235 38.93 20.98 33.21
N GLU H 236 38.29 20.44 34.24
CA GLU H 236 36.93 20.00 34.07
C GLU H 236 35.99 20.89 34.84
N HIS H 237 35.08 21.53 34.12
CA HIS H 237 34.08 22.40 34.72
C HIS H 237 32.92 22.46 33.75
N GLN H 238 31.75 22.83 34.26
CA GLN H 238 30.59 22.95 33.40
C GLN H 238 30.47 24.40 32.93
N THR H 239 29.98 24.55 31.71
CA THR H 239 29.79 25.88 31.15
C THR H 239 28.31 25.97 30.83
N LEU H 240 27.64 27.01 31.33
CA LEU H 240 26.21 27.20 31.08
C LEU H 240 25.95 28.57 30.47
N MET H 241 25.17 28.59 29.39
CA MET H 241 24.88 29.84 28.72
C MET H 241 23.38 30.07 28.56
N PHE H 242 22.96 31.28 28.89
CA PHE H 242 21.55 31.66 28.86
C PHE H 242 21.27 33.00 28.21
N SER H 243 20.19 33.05 27.42
CA SER H 243 19.81 34.31 26.81
C SER H 243 18.51 34.23 26.08
N ALA H 244 17.90 35.40 25.88
CA ALA H 244 16.63 35.53 25.18
C ALA H 244 16.92 35.64 23.69
N THR H 245 18.13 36.08 23.36
CA THR H 245 18.53 36.19 21.98
C THR H 245 19.81 35.38 21.81
N PHE H 246 19.98 34.81 20.62
CA PHE H 246 21.17 34.02 20.36
C PHE H 246 21.36 33.80 18.87
N PRO H 247 21.90 34.81 18.18
CA PRO H 247 22.17 34.77 16.74
C PRO H 247 22.99 33.51 16.45
N GLU H 248 22.74 32.88 15.31
CA GLU H 248 23.46 31.68 14.94
C GLU H 248 24.98 31.86 14.97
N GLU H 249 25.45 33.01 14.49
CA GLU H 249 26.86 33.34 14.46
C GLU H 249 27.50 33.27 15.85
N ILE H 250 26.73 33.67 16.86
CA ILE H 250 27.21 33.67 18.22
C ILE H 250 27.07 32.31 18.89
N GLN H 251 26.10 31.51 18.43
CA GLN H 251 25.89 30.16 18.94
C GLN H 251 27.10 29.31 18.49
N ARG H 252 27.67 29.66 17.34
CA ARG H 252 28.83 28.93 16.81
C ARG H 252 30.06 29.21 17.66
N MET H 253 30.23 30.47 18.08
CA MET H 253 31.36 30.83 18.90
C MET H 253 31.22 30.22 20.29
N ALA H 254 29.98 30.11 20.77
CA ALA H 254 29.70 29.52 22.08
C ALA H 254 30.15 28.07 22.15
N GLY H 255 29.85 27.33 21.08
CA GLY H 255 30.18 25.92 21.00
C GLY H 255 31.63 25.55 21.25
N GLU H 256 32.55 26.49 21.08
CA GLU H 256 33.96 26.24 21.32
C GLU H 256 34.21 26.02 22.81
N PHE H 257 33.41 26.69 23.63
CA PHE H 257 33.56 26.60 25.08
C PHE H 257 32.54 25.66 25.73
N LEU H 258 31.79 24.92 24.93
CA LEU H 258 30.79 23.98 25.44
C LEU H 258 31.19 22.55 25.01
N LYS H 259 30.98 21.56 25.88
CA LYS H 259 31.33 20.18 25.52
C LYS H 259 30.14 19.29 25.61
N ASN H 260 29.87 18.54 24.53
CA ASN H 260 28.73 17.64 24.49
C ASN H 260 27.51 18.36 25.06
N TYR H 261 27.37 19.63 24.72
CA TYR H 261 26.30 20.43 25.28
C TYR H 261 24.91 20.19 24.78
N VAL H 262 23.95 20.51 25.64
CA VAL H 262 22.54 20.38 25.36
C VAL H 262 22.04 21.76 24.92
N PHE H 263 21.25 21.76 23.85
CA PHE H 263 20.68 23.00 23.32
C PHE H 263 19.18 22.97 23.61
N VAL H 264 18.69 24.00 24.28
CA VAL H 264 17.27 24.07 24.59
C VAL H 264 16.73 25.41 24.13
N ALA H 265 15.64 25.37 23.36
CA ALA H 265 15.02 26.60 22.88
C ALA H 265 13.52 26.57 23.15
N ILE H 266 13.07 27.48 23.99
CA ILE H 266 11.64 27.56 24.29
C ILE H 266 11.08 28.59 23.32
N GLY H 267 10.34 28.15 22.30
CA GLY H 267 9.80 29.08 21.35
C GLY H 267 10.83 29.55 20.33
N ILE H 268 10.43 30.51 19.49
CA ILE H 268 11.32 31.04 18.47
C ILE H 268 12.52 31.74 19.13
N VAL H 269 13.71 31.36 18.69
CA VAL H 269 14.91 31.98 19.24
C VAL H 269 14.98 33.44 18.84
N GLY H 270 15.12 34.29 19.85
CA GLY H 270 15.23 35.72 19.65
C GLY H 270 13.90 36.39 19.42
N GLY H 271 12.81 35.67 19.66
CA GLY H 271 11.49 36.25 19.48
C GLY H 271 11.08 37.11 20.66
N ALA H 272 10.19 38.06 20.41
CA ALA H 272 9.70 38.95 21.46
C ALA H 272 8.71 38.24 22.36
N CYS H 273 8.74 38.60 23.64
CA CYS H 273 7.81 38.02 24.59
C CYS H 273 6.42 38.47 24.12
N SER H 274 5.51 37.52 23.88
CA SER H 274 4.20 37.90 23.36
C SER H 274 3.23 38.59 24.32
N ASP H 275 3.50 38.57 25.62
CA ASP H 275 2.63 39.24 26.59
C ASP H 275 2.77 40.76 26.49
N VAL H 276 3.75 41.23 25.72
CA VAL H 276 3.95 42.67 25.61
C VAL H 276 3.32 43.26 24.35
N LYS H 277 2.31 44.11 24.56
CA LYS H 277 1.60 44.78 23.47
C LYS H 277 2.59 45.76 22.84
N GLN H 278 2.88 45.58 21.55
CA GLN H 278 3.84 46.46 20.89
C GLN H 278 3.24 47.42 19.86
N THR H 279 3.47 48.71 20.05
CA THR H 279 2.97 49.72 19.14
C THR H 279 4.17 50.45 18.57
N ILE H 280 4.15 50.69 17.26
CA ILE H 280 5.24 51.38 16.59
C ILE H 280 4.66 52.63 15.95
N TYR H 281 5.30 53.77 16.18
CA TYR H 281 4.85 55.04 15.60
C TYR H 281 5.93 55.57 14.70
N GLU H 282 5.51 56.26 13.64
CA GLU H 282 6.42 56.86 12.70
C GLU H 282 6.61 58.29 13.24
N VAL H 283 7.82 58.61 13.68
CA VAL H 283 8.08 59.92 14.27
C VAL H 283 9.42 60.55 13.86
N ASN H 284 9.38 61.75 13.28
CA ASN H 284 10.61 62.43 12.90
C ASN H 284 11.39 62.83 14.14
N LYS H 285 12.70 62.94 13.98
CA LYS H 285 13.61 63.30 15.07
C LYS H 285 13.09 64.46 15.91
N TYR H 286 12.76 65.56 15.24
CA TYR H 286 12.31 66.76 15.91
C TYR H 286 10.93 66.63 16.56
N ALA H 287 10.23 65.54 16.30
CA ALA H 287 8.88 65.34 16.86
C ALA H 287 8.82 64.34 18.01
N LYS H 288 9.90 63.59 18.21
CA LYS H 288 9.93 62.61 19.28
C LYS H 288 9.61 63.16 20.67
N ARG H 289 10.26 64.24 21.05
CA ARG H 289 10.06 64.80 22.38
C ARG H 289 8.61 65.23 22.66
N SER H 290 7.93 65.78 21.66
CA SER H 290 6.53 66.16 21.88
C SER H 290 5.75 64.87 22.09
N LYS H 291 5.98 63.91 21.20
CA LYS H 291 5.32 62.62 21.25
C LYS H 291 5.49 62.04 22.64
N LEU H 292 6.73 62.07 23.12
CA LEU H 292 7.06 61.53 24.43
C LEU H 292 6.24 62.22 25.52
N ILE H 293 6.24 63.55 25.52
CA ILE H 293 5.49 64.27 26.55
C ILE H 293 4.01 63.92 26.46
N GLU H 294 3.52 63.75 25.24
CA GLU H 294 2.13 63.40 25.01
C GLU H 294 1.86 62.09 25.75
N ILE H 295 2.65 61.08 25.45
CA ILE H 295 2.48 59.77 26.09
C ILE H 295 2.69 59.82 27.60
N LEU H 296 3.71 60.55 28.08
CA LEU H 296 3.92 60.62 29.53
C LEU H 296 2.83 61.44 30.23
N SER H 297 2.32 62.50 29.60
CA SER H 297 1.26 63.32 30.22
C SER H 297 -0.01 62.50 30.38
N GLU H 298 -0.26 61.62 29.42
CA GLU H 298 -1.43 60.76 29.46
C GLU H 298 -1.28 59.76 30.60
N GLN H 299 -0.08 59.19 30.75
CA GLN H 299 0.23 58.25 31.82
C GLN H 299 1.75 58.08 31.92
N ALA H 300 2.31 58.38 33.08
CA ALA H 300 3.76 58.34 33.22
C ALA H 300 4.36 57.38 34.22
N ASP H 301 3.63 57.03 35.28
CA ASP H 301 4.19 56.14 36.28
C ASP H 301 4.62 54.76 35.76
N GLY H 302 5.82 54.36 36.12
CA GLY H 302 6.32 53.06 35.70
C GLY H 302 6.79 52.92 34.28
N THR H 303 7.37 53.97 33.69
CA THR H 303 7.87 53.82 32.34
C THR H 303 9.39 54.03 32.23
N ILE H 304 10.01 53.20 31.42
CA ILE H 304 11.44 53.28 31.20
C ILE H 304 11.55 53.73 29.75
N VAL H 305 12.36 54.73 29.50
CA VAL H 305 12.55 55.30 28.18
C VAL H 305 13.96 55.06 27.68
N PHE H 306 14.08 54.31 26.60
CA PHE H 306 15.39 54.01 26.03
C PHE H 306 15.82 55.02 25.01
N VAL H 307 17.02 55.55 25.20
CA VAL H 307 17.58 56.51 24.27
C VAL H 307 18.90 55.93 23.76
N GLU H 308 19.44 56.49 22.69
CA GLU H 308 20.67 55.98 22.10
C GLU H 308 21.98 56.37 22.80
N THR H 309 22.12 57.63 23.20
CA THR H 309 23.38 58.04 23.79
C THR H 309 23.30 58.46 25.25
N LYS H 310 24.42 58.35 25.95
CA LYS H 310 24.51 58.74 27.35
C LYS H 310 24.18 60.23 27.49
N ARG H 311 24.65 61.02 26.53
CA ARG H 311 24.39 62.45 26.56
C ARG H 311 22.90 62.69 26.40
N GLY H 312 22.28 61.95 25.48
CA GLY H 312 20.85 62.08 25.25
C GLY H 312 20.04 61.71 26.48
N ALA H 313 20.45 60.63 27.13
CA ALA H 313 19.73 60.19 28.32
C ALA H 313 19.73 61.29 29.38
N ASP H 314 20.89 61.86 29.64
CA ASP H 314 20.96 62.88 30.65
C ASP H 314 20.18 64.13 30.28
N PHE H 315 20.34 64.59 29.04
CA PHE H 315 19.60 65.75 28.63
C PHE H 315 18.09 65.52 28.86
N LEU H 316 17.55 64.46 28.26
CA LEU H 316 16.13 64.14 28.39
C LEU H 316 15.69 64.02 29.82
N ALA H 317 16.52 63.44 30.66
CA ALA H 317 16.14 63.32 32.05
C ALA H 317 15.92 64.70 32.70
N SER H 318 16.87 65.62 32.54
CA SER H 318 16.70 66.91 33.18
C SER H 318 15.53 67.66 32.56
N PHE H 319 15.42 67.59 31.23
CA PHE H 319 14.33 68.22 30.51
C PHE H 319 12.96 67.84 31.10
N LEU H 320 12.74 66.54 31.28
CA LEU H 320 11.47 66.06 31.83
C LEU H 320 11.31 66.42 33.28
N SER H 321 12.44 66.49 34.00
CA SER H 321 12.41 66.84 35.41
C SER H 321 11.78 68.22 35.62
N GLU H 322 12.23 69.19 34.83
CA GLU H 322 11.70 70.54 34.96
C GLU H 322 10.32 70.71 34.35
N LYS H 323 9.81 69.68 33.69
CA LYS H 323 8.48 69.76 33.13
C LYS H 323 7.56 68.96 34.02
N GLU H 324 8.00 68.82 35.27
CA GLU H 324 7.25 68.17 36.32
C GLU H 324 7.03 66.67 36.29
N PHE H 325 7.97 65.94 35.72
CA PHE H 325 7.89 64.48 35.75
C PHE H 325 9.02 64.03 36.69
N PRO H 326 8.69 63.27 37.75
CA PRO H 326 9.75 62.80 38.67
C PRO H 326 10.58 61.84 37.85
N THR H 327 11.69 62.34 37.33
CA THR H 327 12.53 61.56 36.45
C THR H 327 13.97 61.50 36.88
N THR H 328 14.60 60.36 36.60
CA THR H 328 16.01 60.17 36.90
C THR H 328 16.56 59.33 35.74
N SER H 329 17.84 59.04 35.77
CA SER H 329 18.41 58.28 34.66
C SER H 329 19.49 57.32 35.04
N ILE H 330 19.83 56.47 34.09
CA ILE H 330 20.90 55.50 34.29
C ILE H 330 21.64 55.33 32.98
N HIS H 331 22.95 55.59 33.03
CA HIS H 331 23.82 55.45 31.87
C HIS H 331 25.26 55.43 32.34
N GLY H 332 26.16 55.13 31.41
CA GLY H 332 27.59 55.04 31.71
C GLY H 332 28.28 56.29 32.22
N ASP H 333 27.74 57.49 31.91
CA ASP H 333 28.36 58.73 32.37
C ASP H 333 27.94 59.20 33.75
N ARG H 334 27.20 58.38 34.49
CA ARG H 334 26.82 58.78 35.83
C ARG H 334 27.69 58.01 36.80
N LEU H 335 27.81 58.46 38.04
CA LEU H 335 28.61 57.74 39.03
C LEU H 335 27.94 56.40 39.29
N GLN H 336 28.73 55.36 39.57
CA GLN H 336 28.15 54.06 39.84
C GLN H 336 27.15 54.25 40.98
N SER H 337 27.44 55.25 41.81
CA SER H 337 26.58 55.58 42.94
C SER H 337 25.20 56.07 42.46
N GLN H 338 25.22 57.03 41.54
CA GLN H 338 24.00 57.59 40.97
C GLN H 338 23.22 56.53 40.18
N ARG H 339 23.93 55.58 39.56
CA ARG H 339 23.30 54.52 38.77
C ARG H 339 22.46 53.62 39.66
N GLU H 340 23.05 53.19 40.75
CA GLU H 340 22.37 52.33 41.69
C GLU H 340 21.22 53.06 42.37
N GLN H 341 21.45 54.32 42.70
CA GLN H 341 20.43 55.14 43.35
C GLN H 341 19.20 55.30 42.46
N ALA H 342 19.44 55.50 41.17
CA ALA H 342 18.33 55.68 40.24
C ALA H 342 17.41 54.47 40.22
N LEU H 343 17.96 53.26 40.15
CA LEU H 343 17.11 52.09 40.12
C LEU H 343 16.38 51.96 41.45
N ARG H 344 17.03 52.43 42.51
CA ARG H 344 16.44 52.37 43.83
C ARG H 344 15.20 53.24 43.89
N ASP H 345 15.35 54.50 43.48
CA ASP H 345 14.23 55.43 43.50
C ASP H 345 13.10 54.99 42.57
N PHE H 346 13.44 54.38 41.43
CA PHE H 346 12.41 53.92 40.50
C PHE H 346 11.70 52.71 41.10
N LYS H 347 12.47 51.84 41.74
CA LYS H 347 11.87 50.66 42.36
C LYS H 347 10.94 51.04 43.52
N ASN H 348 11.33 52.03 44.32
CA ASN H 348 10.50 52.43 45.45
C ASN H 348 9.45 53.48 45.10
N GLY H 349 9.33 53.82 43.82
CA GLY H 349 8.31 54.77 43.41
C GLY H 349 8.58 56.26 43.56
N SER H 350 9.65 56.64 44.25
CA SER H 350 9.93 58.07 44.39
C SER H 350 10.14 58.66 42.99
N MET H 351 10.71 57.85 42.09
CA MET H 351 10.92 58.30 40.71
C MET H 351 9.90 57.54 39.87
N LYS H 352 9.29 58.24 38.93
CA LYS H 352 8.26 57.64 38.09
C LYS H 352 8.73 57.31 36.67
N VAL H 353 9.75 58.02 36.20
CA VAL H 353 10.24 57.83 34.85
C VAL H 353 11.76 57.61 34.84
N LEU H 354 12.19 56.57 34.14
CA LEU H 354 13.61 56.23 34.07
C LEU H 354 14.10 56.33 32.62
N ILE H 355 15.05 57.24 32.38
CA ILE H 355 15.61 57.41 31.05
C ILE H 355 16.88 56.56 31.08
N ALA H 356 17.08 55.75 30.05
CA ALA H 356 18.24 54.87 30.03
C ALA H 356 18.76 54.61 28.65
N THR H 357 20.01 54.16 28.62
CA THR H 357 20.67 53.77 27.40
C THR H 357 20.47 52.25 27.49
N SER H 358 21.00 51.53 26.52
CA SER H 358 20.88 50.09 26.56
C SER H 358 21.63 49.47 27.74
N VAL H 359 22.24 50.28 28.60
CA VAL H 359 22.89 49.72 29.78
C VAL H 359 21.81 49.01 30.61
N ALA H 360 20.55 49.33 30.33
CA ALA H 360 19.44 48.74 31.05
C ALA H 360 18.50 47.90 30.17
N SER H 361 18.95 47.49 28.99
CA SER H 361 18.06 46.73 28.15
C SER H 361 18.03 45.24 28.47
N ARG H 362 19.07 44.74 29.12
CA ARG H 362 19.12 43.32 29.38
C ARG H 362 18.98 42.89 30.83
N GLY H 363 18.22 41.81 31.03
CA GLY H 363 18.04 41.22 32.35
C GLY H 363 17.37 41.93 33.53
N LEU H 364 17.41 43.26 33.62
CA LEU H 364 16.78 43.94 34.75
C LEU H 364 15.33 43.51 34.93
N ASP H 365 15.00 43.16 36.17
CA ASP H 365 13.67 42.68 36.53
C ASP H 365 13.08 43.64 37.55
N ILE H 366 12.25 44.57 37.08
CA ILE H 366 11.66 45.57 37.95
C ILE H 366 10.14 45.61 37.89
N LYS H 367 9.51 45.21 39.00
CA LYS H 367 8.07 45.17 39.12
C LYS H 367 7.37 46.42 38.61
N ASN H 368 7.92 47.59 38.94
CA ASN H 368 7.34 48.86 38.53
C ASN H 368 7.26 49.20 37.04
N ILE H 369 8.06 48.56 36.20
CA ILE H 369 7.99 48.91 34.80
C ILE H 369 6.74 48.41 34.15
N LYS H 370 5.89 49.33 33.73
CA LYS H 370 4.64 48.98 33.09
C LYS H 370 4.68 49.39 31.63
N HIS H 371 5.63 50.25 31.28
CA HIS H 371 5.71 50.74 29.92
C HIS H 371 7.15 50.96 29.47
N VAL H 372 7.48 50.44 28.30
CA VAL H 372 8.80 50.62 27.74
C VAL H 372 8.63 51.45 26.49
N ILE H 373 9.40 52.51 26.38
CA ILE H 373 9.33 53.39 25.23
C ILE H 373 10.69 53.50 24.57
N ASN H 374 10.77 53.10 23.29
CA ASN H 374 12.03 53.23 22.56
C ASN H 374 12.00 54.62 21.89
N TYR H 375 12.47 55.63 22.60
CA TYR H 375 12.51 57.00 22.07
C TYR H 375 13.39 56.97 20.85
N ASP H 376 14.49 56.22 20.94
CA ASP H 376 15.40 56.00 19.84
C ASP H 376 15.43 54.48 19.62
N MET H 377 15.13 54.04 18.41
CA MET H 377 15.15 52.62 18.13
C MET H 377 16.59 52.17 18.26
N PRO H 378 16.83 50.92 18.65
CA PRO H 378 18.22 50.49 18.77
C PRO H 378 18.67 50.13 17.34
N SER H 379 19.95 49.89 17.13
CA SER H 379 20.41 49.54 15.80
C SER H 379 20.24 48.05 15.51
N LYS H 380 20.19 47.24 16.56
CA LYS H 380 20.01 45.80 16.37
C LYS H 380 18.69 45.32 16.96
N ILE H 381 18.03 44.44 16.21
CA ILE H 381 16.75 43.91 16.61
C ILE H 381 16.81 43.12 17.92
N ASP H 382 17.94 42.45 18.17
CA ASP H 382 18.05 41.69 19.42
C ASP H 382 17.88 42.64 20.62
N ASP H 383 18.48 43.81 20.51
CA ASP H 383 18.41 44.81 21.56
C ASP H 383 16.96 45.31 21.78
N TYR H 384 16.19 45.41 20.69
CA TYR H 384 14.80 45.83 20.76
C TYR H 384 14.04 44.82 21.62
N VAL H 385 14.27 43.55 21.30
CA VAL H 385 13.67 42.41 21.99
C VAL H 385 13.97 42.41 23.49
N HIS H 386 15.22 42.71 23.86
CA HIS H 386 15.59 42.74 25.28
C HIS H 386 14.94 43.96 25.94
N ARG H 387 15.00 45.10 25.27
CA ARG H 387 14.41 46.31 25.80
C ARG H 387 12.93 46.23 26.13
N ILE H 388 12.12 45.75 25.19
CA ILE H 388 10.69 45.69 25.45
C ILE H 388 10.39 44.61 26.47
N GLY H 389 11.33 43.70 26.64
CA GLY H 389 11.18 42.65 27.61
C GLY H 389 11.29 43.13 29.04
N ARG H 390 11.61 44.41 29.25
CA ARG H 390 11.70 44.88 30.64
C ARG H 390 10.29 44.92 31.26
N THR H 391 9.25 44.68 30.45
CA THR H 391 7.86 44.59 30.92
C THR H 391 7.28 43.28 30.43
N GLY H 392 6.07 42.99 30.89
CA GLY H 392 5.36 41.78 30.48
C GLY H 392 6.11 40.53 30.85
N ARG H 393 6.64 40.51 32.07
CA ARG H 393 7.39 39.36 32.54
C ARG H 393 6.50 38.43 33.36
N VAL H 394 6.92 37.18 33.49
CA VAL H 394 6.20 36.17 34.26
C VAL H 394 4.71 36.02 33.98
N GLY H 395 4.27 36.27 32.75
CA GLY H 395 2.86 36.13 32.43
C GLY H 395 2.00 37.37 32.45
N ASN H 396 2.46 38.43 33.12
CA ASN H 396 1.72 39.69 33.18
C ASN H 396 1.78 40.39 31.85
N ASN H 397 0.82 41.29 31.61
CA ASN H 397 0.82 42.04 30.36
C ASN H 397 1.70 43.27 30.59
N GLY H 398 1.95 44.00 29.53
CA GLY H 398 2.75 45.20 29.61
C GLY H 398 2.73 45.76 28.23
N ARG H 399 3.20 46.98 28.04
CA ARG H 399 3.20 47.58 26.72
C ARG H 399 4.52 48.25 26.39
N ALA H 400 4.81 48.33 25.10
CA ALA H 400 6.01 48.95 24.62
C ALA H 400 5.62 49.82 23.45
N THR H 401 6.17 51.01 23.41
CA THR H 401 5.87 51.95 22.33
C THR H 401 7.21 52.29 21.73
N SER H 402 7.29 52.34 20.41
CA SER H 402 8.56 52.65 19.80
C SER H 402 8.40 53.75 18.76
N PHE H 403 9.38 54.64 18.74
CA PHE H 403 9.42 55.76 17.81
C PHE H 403 10.30 55.35 16.64
N PHE H 404 9.70 55.08 15.50
CA PHE H 404 10.47 54.70 14.33
C PHE H 404 10.72 55.94 13.48
N ASP H 405 11.98 56.28 13.29
CA ASP H 405 12.36 57.45 12.48
C ASP H 405 12.64 56.99 11.03
N PRO H 406 11.78 57.38 10.08
CA PRO H 406 11.90 57.03 8.66
C PRO H 406 13.23 57.48 8.08
N GLU H 407 13.73 58.62 8.55
CA GLU H 407 15.00 59.14 8.05
C GLU H 407 16.22 58.55 8.73
N LYS H 408 16.05 57.50 9.52
CA LYS H 408 17.19 56.93 10.22
C LYS H 408 17.13 55.45 10.59
N ASP H 409 15.92 54.91 10.76
CA ASP H 409 15.75 53.51 11.17
C ASP H 409 15.34 52.47 10.14
N ARG H 410 15.45 52.78 8.86
CA ARG H 410 15.02 51.83 7.82
C ARG H 410 15.68 50.46 7.85
N ALA H 411 16.96 50.42 8.19
CA ALA H 411 17.71 49.17 8.23
C ALA H 411 17.13 48.10 9.17
N ILE H 412 16.40 48.54 10.20
CA ILE H 412 15.85 47.59 11.17
C ILE H 412 14.42 47.21 10.86
N ALA H 413 13.79 47.94 9.94
CA ALA H 413 12.39 47.70 9.59
C ALA H 413 12.00 46.26 9.28
N ALA H 414 12.75 45.59 8.41
CA ALA H 414 12.44 44.22 8.05
C ALA H 414 12.46 43.26 9.25
N ASP H 415 13.47 43.39 10.11
CA ASP H 415 13.55 42.53 11.29
C ASP H 415 12.41 42.85 12.27
N LEU H 416 12.10 44.13 12.41
CA LEU H 416 11.01 44.50 13.31
C LEU H 416 9.70 43.87 12.82
N VAL H 417 9.43 43.96 11.52
CA VAL H 417 8.20 43.36 10.98
C VAL H 417 8.18 41.90 11.40
N LYS H 418 9.31 41.22 11.19
CA LYS H 418 9.46 39.83 11.54
C LYS H 418 9.20 39.55 13.04
N ILE H 419 9.74 40.40 13.92
CA ILE H 419 9.52 40.21 15.35
C ILE H 419 8.08 40.51 15.72
N LEU H 420 7.48 41.47 15.01
CA LEU H 420 6.07 41.83 15.26
C LEU H 420 5.14 40.68 14.87
N GLU H 421 5.34 40.15 13.66
CA GLU H 421 4.53 39.04 13.18
C GLU H 421 4.78 37.80 14.02
N GLY H 422 6.01 37.64 14.48
CA GLY H 422 6.35 36.47 15.27
C GLY H 422 5.80 36.48 16.69
N SER H 423 5.28 37.62 17.13
CA SER H 423 4.73 37.69 18.48
C SER H 423 3.29 38.13 18.43
N GLY H 424 2.69 38.00 17.26
CA GLY H 424 1.29 38.35 17.09
C GLY H 424 0.90 39.80 17.29
N GLN H 425 1.75 40.72 16.87
CA GLN H 425 1.46 42.15 17.00
C GLN H 425 1.02 42.67 15.66
N THR H 426 0.26 43.75 15.64
CA THR H 426 -0.17 44.29 14.36
C THR H 426 1.01 45.02 13.72
N VAL H 427 1.16 44.87 12.40
CA VAL H 427 2.26 45.49 11.68
C VAL H 427 1.81 46.72 10.93
N PRO H 428 2.44 47.87 11.20
CA PRO H 428 2.09 49.13 10.54
C PRO H 428 2.61 49.12 9.11
N ASP H 429 1.76 49.51 8.17
CA ASP H 429 2.15 49.54 6.77
C ASP H 429 3.38 50.40 6.47
N PHE H 430 3.61 51.45 7.25
CA PHE H 430 4.79 52.27 6.99
C PHE H 430 6.09 51.45 7.19
N LEU H 431 5.98 50.35 7.92
CA LEU H 431 7.16 49.51 8.14
C LEU H 431 7.50 48.73 6.89
N ARG H 432 6.48 48.34 6.14
CA ARG H 432 6.69 47.58 4.91
C ARG H 432 7.35 48.38 3.80
#